data_4AW6
#
_entry.id   4AW6
#
_cell.length_a   60.987
_cell.length_b   95.451
_cell.length_c   131.095
_cell.angle_alpha   76.73
_cell.angle_beta   79.64
_cell.angle_gamma   72.61
#
_symmetry.space_group_name_H-M   'P 1'
#
loop_
_entity.id
_entity.type
_entity.pdbx_description
1 polymer 'CAAX PRENYL PROTEASE 1 HOMOLOG'
2 non-polymer 'ZINC ION'
3 non-polymer 1,2-DIACYL-SN-GLYCERO-3-PHOSPHOCHOLINE
#
_entity_poly.entity_id   1
_entity_poly.type   'polypeptide(L)'
_entity_poly.pdbx_seq_one_letter_code
;MGMWASLDALWEMPAEKRIFGAVLLFSWTVYLWETFLAQRQRRIYKTTTHVPPELGQIMDSETFEKSRLYQLDKSTFSFW
SGLYSETEGTLILLFGGIPYLWRLSGRFCGYAGFGPEYEITQSLVFLLLATLFSALAGLPWSLYNTFVIEEKHGFNQQTL
GFFMKDAIKKFVVTQCILLPVSSLLLYIIKIGGDYFFIYAWLFTLVVSLVLVTIYADYIAPLFDKFTPLPEGKLKEEIEV
MAKSIDFPLTKVYVVEGSKRSSHSNAYFYGFFKNKRIVLFDTLLEEYSVLNKDIQEDSGMEPRNEEEGNSEEIKAKVKNK
KQGCKNEEVLAVLGHELGHWKLGHTVKNIIISQMNSFLCFFLFAVLIGRKELFAAFGFYDSQPTLIGLLIIFQFIFSPYN
EVLSFCLTVLSRRFEFQADAFAKKLGKAKDLYSALIKLNKDNLGFPVSDWLFSMWHYSHPPLLERLQALKTMKQHAENLY
FQ
;
_entity_poly.pdbx_strand_id   A,B,D,E
#
loop_
_chem_comp.id
_chem_comp.type
_chem_comp.name
_chem_comp.formula
PC1 non-polymer 1,2-DIACYL-SN-GLYCERO-3-PHOSPHOCHOLINE 'C44 H88 N O8 P'
ZN non-polymer 'ZINC ION' 'Zn 2'
#
# COMPACT_ATOMS: atom_id res chain seq x y z
N GLY A 2 31.65 -44.32 -20.39
CA GLY A 2 30.29 -44.47 -19.87
C GLY A 2 30.20 -45.37 -18.66
N MET A 3 30.81 -46.57 -18.74
CA MET A 3 30.83 -47.56 -17.67
C MET A 3 32.22 -47.67 -17.02
N TRP A 4 33.29 -47.50 -17.83
CA TRP A 4 34.69 -47.57 -17.39
C TRP A 4 35.07 -46.40 -16.48
N ALA A 5 34.43 -45.22 -16.69
CA ALA A 5 34.67 -43.99 -15.92
C ALA A 5 33.92 -44.00 -14.56
N SER A 6 32.86 -44.81 -14.44
CA SER A 6 32.03 -44.94 -13.23
C SER A 6 32.68 -45.84 -12.16
N LEU A 7 33.71 -46.62 -12.53
CA LEU A 7 34.43 -47.55 -11.65
C LEU A 7 35.65 -46.88 -10.95
N ASP A 8 36.00 -45.65 -11.37
CA ASP A 8 37.14 -44.89 -10.81
C ASP A 8 36.90 -44.49 -9.35
N ALA A 9 37.87 -44.81 -8.47
CA ALA A 9 37.82 -44.53 -7.02
C ALA A 9 38.74 -43.37 -6.62
N LEU A 10 38.24 -42.50 -5.72
CA LEU A 10 38.92 -41.31 -5.21
C LEU A 10 39.55 -41.54 -3.84
N TRP A 11 40.81 -41.10 -3.64
CA TRP A 11 41.54 -41.21 -2.37
C TRP A 11 41.43 -39.90 -1.56
N GLU A 12 40.48 -39.03 -1.95
CA GLU A 12 40.22 -37.72 -1.36
C GLU A 12 38.74 -37.49 -1.04
N MET A 13 37.82 -38.14 -1.79
CA MET A 13 36.37 -37.95 -1.62
C MET A 13 35.57 -39.28 -1.46
N PRO A 14 34.41 -39.28 -0.74
CA PRO A 14 33.64 -40.54 -0.59
C PRO A 14 32.68 -40.79 -1.76
N ALA A 15 32.02 -41.97 -1.78
CA ALA A 15 31.12 -42.39 -2.87
C ALA A 15 29.64 -42.17 -2.55
N GLU A 16 29.10 -42.89 -1.54
CA GLU A 16 27.70 -42.81 -1.14
C GLU A 16 27.37 -41.44 -0.54
N LYS A 17 28.33 -40.85 0.22
CA LYS A 17 28.18 -39.55 0.88
C LYS A 17 28.13 -38.40 -0.13
N ARG A 18 28.87 -38.51 -1.26
CA ARG A 18 28.94 -37.49 -2.31
C ARG A 18 27.61 -37.36 -3.09
N ILE A 19 26.94 -38.49 -3.38
CA ILE A 19 25.67 -38.49 -4.13
C ILE A 19 24.49 -38.07 -3.23
N PHE A 20 24.57 -38.33 -1.90
CA PHE A 20 23.54 -37.94 -0.94
C PHE A 20 23.50 -36.40 -0.84
N GLY A 21 24.69 -35.81 -0.68
CA GLY A 21 24.87 -34.37 -0.60
C GLY A 21 24.45 -33.66 -1.86
N ALA A 22 24.70 -34.31 -3.04
CA ALA A 22 24.32 -33.83 -4.38
C ALA A 22 22.80 -33.63 -4.48
N VAL A 23 22.02 -34.57 -3.89
CA VAL A 23 20.55 -34.56 -3.82
C VAL A 23 20.09 -33.32 -3.04
N LEU A 24 20.65 -33.11 -1.83
CA LEU A 24 20.34 -31.99 -0.95
C LEU A 24 20.82 -30.66 -1.50
N LEU A 25 22.00 -30.63 -2.16
CA LEU A 25 22.56 -29.42 -2.77
C LEU A 25 21.67 -28.96 -3.92
N PHE A 26 21.08 -29.90 -4.68
CA PHE A 26 20.17 -29.58 -5.78
C PHE A 26 18.82 -29.11 -5.26
N SER A 27 18.30 -29.80 -4.22
CA SER A 27 17.02 -29.50 -3.59
C SER A 27 17.01 -28.09 -3.01
N TRP A 28 18.18 -27.62 -2.52
CA TRP A 28 18.32 -26.29 -1.94
C TRP A 28 18.57 -25.20 -3.00
N THR A 29 19.31 -25.51 -4.09
CA THR A 29 19.55 -24.53 -5.16
C THR A 29 18.25 -24.24 -5.93
N VAL A 30 17.42 -25.29 -6.17
CA VAL A 30 16.12 -25.20 -6.82
C VAL A 30 15.23 -24.35 -5.91
N TYR A 31 15.27 -24.61 -4.58
CA TYR A 31 14.53 -23.84 -3.58
C TYR A 31 14.95 -22.37 -3.61
N LEU A 32 16.27 -22.10 -3.57
CA LEU A 32 16.82 -20.73 -3.59
C LEU A 32 16.50 -20.02 -4.91
N TRP A 33 16.43 -20.77 -6.03
CA TRP A 33 16.06 -20.24 -7.35
C TRP A 33 14.59 -19.79 -7.32
N GLU A 34 13.72 -20.65 -6.75
CA GLU A 34 12.29 -20.41 -6.61
C GLU A 34 12.01 -19.31 -5.60
N THR A 35 12.85 -19.19 -4.54
CA THR A 35 12.72 -18.16 -3.50
C THR A 35 13.14 -16.81 -4.09
N PHE A 36 14.18 -16.81 -4.94
CA PHE A 36 14.62 -15.59 -5.62
C PHE A 36 13.47 -15.06 -6.49
N LEU A 37 12.81 -15.97 -7.23
CA LEU A 37 11.65 -15.71 -8.09
C LEU A 37 10.47 -15.22 -7.26
N ALA A 38 10.25 -15.84 -6.09
CA ALA A 38 9.19 -15.46 -5.16
C ALA A 38 9.43 -14.05 -4.63
N GLN A 39 10.71 -13.73 -4.30
CA GLN A 39 11.14 -12.42 -3.81
C GLN A 39 10.95 -11.36 -4.90
N ARG A 40 11.30 -11.73 -6.15
CA ARG A 40 11.19 -10.90 -7.35
C ARG A 40 9.74 -10.50 -7.61
N GLN A 41 8.78 -11.45 -7.44
CA GLN A 41 7.36 -11.20 -7.65
C GLN A 41 6.73 -10.52 -6.44
N ARG A 42 7.27 -10.74 -5.22
CA ARG A 42 6.78 -10.10 -3.99
C ARG A 42 7.04 -8.61 -4.06
N ARG A 43 8.17 -8.21 -4.68
CA ARG A 43 8.57 -6.82 -4.89
C ARG A 43 7.55 -6.11 -5.78
N ILE A 44 7.05 -6.80 -6.83
CA ILE A 44 6.05 -6.28 -7.77
C ILE A 44 4.76 -5.88 -7.01
N TYR A 45 4.29 -6.76 -6.10
CA TYR A 45 3.09 -6.53 -5.29
C TYR A 45 3.25 -5.32 -4.37
N LYS A 46 4.44 -5.16 -3.76
CA LYS A 46 4.74 -4.08 -2.82
C LYS A 46 5.05 -2.75 -3.55
N THR A 47 5.65 -2.82 -4.77
CA THR A 47 6.01 -1.62 -5.53
C THR A 47 4.79 -1.07 -6.30
N THR A 48 4.16 -1.90 -7.18
CA THR A 48 3.02 -1.46 -8.01
C THR A 48 1.76 -1.30 -7.12
N THR A 49 1.65 -0.12 -6.49
CA THR A 49 0.53 0.27 -5.62
C THR A 49 -0.53 1.02 -6.45
N HIS A 50 -0.12 1.63 -7.58
CA HIS A 50 -0.99 2.35 -8.51
C HIS A 50 -1.40 1.44 -9.68
N VAL A 51 -2.65 1.57 -10.13
CA VAL A 51 -3.23 0.78 -11.23
C VAL A 51 -2.57 1.20 -12.58
N PRO A 52 -2.05 0.25 -13.40
CA PRO A 52 -1.42 0.65 -14.68
C PRO A 52 -2.43 1.17 -15.72
N PRO A 53 -2.03 2.04 -16.70
CA PRO A 53 -3.01 2.55 -17.69
C PRO A 53 -3.53 1.46 -18.64
N GLU A 54 -2.70 0.44 -18.95
CA GLU A 54 -3.06 -0.69 -19.80
C GLU A 54 -4.07 -1.59 -19.08
N LEU A 55 -3.83 -1.88 -17.78
CA LEU A 55 -4.69 -2.69 -16.92
C LEU A 55 -5.74 -1.83 -16.17
N GLY A 56 -6.07 -0.66 -16.74
CA GLY A 56 -7.03 0.29 -16.19
C GLY A 56 -8.47 -0.12 -16.36
N GLN A 57 -8.81 -0.71 -17.53
CA GLN A 57 -10.17 -1.17 -17.84
C GLN A 57 -10.45 -2.55 -17.23
N ILE A 58 -9.38 -3.31 -16.90
CA ILE A 58 -9.43 -4.65 -16.33
C ILE A 58 -9.93 -4.60 -14.85
N MET A 59 -9.34 -3.75 -13.98
CA MET A 59 -9.77 -3.65 -12.59
C MET A 59 -9.70 -2.22 -12.05
N ASP A 60 -10.72 -1.82 -11.25
CA ASP A 60 -10.78 -0.50 -10.60
C ASP A 60 -9.80 -0.45 -9.42
N SER A 61 -9.48 0.77 -8.91
CA SER A 61 -8.54 0.99 -7.81
C SER A 61 -8.90 0.21 -6.54
N GLU A 62 -10.21 0.07 -6.22
CA GLU A 62 -10.68 -0.66 -5.05
C GLU A 62 -10.42 -2.15 -5.20
N THR A 63 -10.79 -2.73 -6.36
CA THR A 63 -10.60 -4.15 -6.68
C THR A 63 -9.10 -4.47 -6.79
N PHE A 64 -8.30 -3.55 -7.37
CA PHE A 64 -6.86 -3.70 -7.54
C PHE A 64 -6.12 -3.73 -6.19
N GLU A 65 -6.49 -2.85 -5.23
CA GLU A 65 -5.88 -2.81 -3.90
C GLU A 65 -6.34 -4.01 -3.07
N LYS A 66 -7.57 -4.51 -3.32
CA LYS A 66 -8.12 -5.71 -2.67
C LYS A 66 -7.33 -6.93 -3.14
N SER A 67 -6.94 -6.94 -4.43
CA SER A 67 -6.13 -7.97 -5.09
C SER A 67 -4.68 -7.89 -4.62
N ARG A 68 -4.14 -6.65 -4.49
CA ARG A 68 -2.78 -6.35 -4.05
C ARG A 68 -2.53 -6.89 -2.65
N LEU A 69 -3.43 -6.56 -1.70
CA LEU A 69 -3.36 -7.01 -0.31
C LEU A 69 -3.42 -8.53 -0.22
N TYR A 70 -4.35 -9.16 -0.98
CA TYR A 70 -4.58 -10.60 -1.01
C TYR A 70 -3.36 -11.38 -1.49
N GLN A 71 -2.76 -10.95 -2.61
CA GLN A 71 -1.59 -11.61 -3.20
C GLN A 71 -0.35 -11.40 -2.33
N LEU A 72 -0.31 -10.32 -1.55
CA LEU A 72 0.78 -9.98 -0.64
C LEU A 72 0.76 -10.94 0.57
N ASP A 73 -0.43 -11.19 1.15
CA ASP A 73 -0.65 -12.10 2.29
C ASP A 73 -0.36 -13.54 1.87
N LYS A 74 -0.69 -13.87 0.61
CA LYS A 74 -0.47 -15.20 0.03
C LYS A 74 1.02 -15.45 -0.18
N SER A 75 1.78 -14.40 -0.60
CA SER A 75 3.23 -14.46 -0.83
C SER A 75 3.99 -14.70 0.48
N THR A 76 3.61 -13.97 1.56
CA THR A 76 4.20 -14.05 2.90
C THR A 76 4.04 -15.47 3.44
N PHE A 77 2.80 -16.03 3.36
CA PHE A 77 2.48 -17.38 3.81
C PHE A 77 3.25 -18.40 2.99
N SER A 78 3.23 -18.25 1.65
CA SER A 78 3.90 -19.13 0.69
C SER A 78 5.38 -19.32 1.03
N PHE A 79 6.06 -18.23 1.48
CA PHE A 79 7.47 -18.26 1.87
C PHE A 79 7.72 -19.15 3.09
N TRP A 80 7.11 -18.80 4.25
CA TRP A 80 7.24 -19.49 5.53
C TRP A 80 6.75 -20.93 5.50
N SER A 81 5.62 -21.20 4.81
CA SER A 81 5.11 -22.57 4.66
C SER A 81 6.08 -23.38 3.78
N GLY A 82 6.66 -22.72 2.79
CA GLY A 82 7.65 -23.30 1.88
C GLY A 82 8.99 -23.54 2.56
N LEU A 83 9.41 -22.58 3.41
CA LEU A 83 10.66 -22.64 4.18
C LEU A 83 10.59 -23.76 5.21
N TYR A 84 9.44 -23.92 5.88
CA TYR A 84 9.22 -24.99 6.87
C TYR A 84 9.36 -26.35 6.21
N SER A 85 8.74 -26.53 5.02
CA SER A 85 8.76 -27.78 4.25
C SER A 85 10.17 -28.13 3.81
N GLU A 86 10.90 -27.15 3.25
CA GLU A 86 12.26 -27.31 2.76
C GLU A 86 13.21 -27.64 3.92
N THR A 87 12.95 -27.08 5.12
CA THR A 87 13.76 -27.35 6.31
C THR A 87 13.41 -28.77 6.80
N GLU A 88 12.10 -29.11 6.89
CA GLU A 88 11.62 -30.42 7.31
C GLU A 88 12.21 -31.56 6.51
N GLY A 89 12.19 -31.45 5.19
CA GLY A 89 12.72 -32.44 4.28
C GLY A 89 14.19 -32.68 4.48
N THR A 90 14.96 -31.58 4.57
CA THR A 90 16.39 -31.60 4.80
C THR A 90 16.69 -32.25 6.15
N LEU A 91 16.00 -31.82 7.24
CA LEU A 91 16.19 -32.31 8.61
C LEU A 91 15.85 -33.81 8.76
N ILE A 92 14.74 -34.30 8.15
CA ILE A 92 14.34 -35.71 8.20
C ILE A 92 15.44 -36.56 7.53
N LEU A 93 15.95 -36.09 6.37
CA LEU A 93 16.99 -36.78 5.61
C LEU A 93 18.29 -36.89 6.40
N LEU A 94 18.79 -35.76 6.96
CA LEU A 94 20.04 -35.63 7.75
C LEU A 94 19.95 -36.35 9.09
N PHE A 95 18.79 -36.25 9.77
CA PHE A 95 18.53 -36.90 11.05
C PHE A 95 18.35 -38.42 10.87
N GLY A 96 18.06 -38.84 9.64
CA GLY A 96 17.86 -40.24 9.30
C GLY A 96 16.49 -40.76 9.72
N GLY A 97 15.46 -40.01 9.39
CA GLY A 97 14.06 -40.32 9.71
C GLY A 97 13.52 -41.53 8.96
N ILE A 98 13.58 -41.50 7.61
CA ILE A 98 13.11 -42.54 6.69
C ILE A 98 13.66 -43.96 7.05
N PRO A 99 15.00 -44.20 7.24
CA PRO A 99 15.43 -45.57 7.62
C PRO A 99 14.95 -46.02 9.01
N TYR A 100 14.92 -45.11 10.01
CA TYR A 100 14.47 -45.37 11.37
C TYR A 100 12.97 -45.64 11.38
N LEU A 101 12.19 -44.93 10.54
CA LEU A 101 10.75 -45.18 10.43
C LEU A 101 10.52 -46.58 9.86
N TRP A 102 11.37 -46.98 8.89
CA TRP A 102 11.35 -48.30 8.25
C TRP A 102 11.58 -49.39 9.30
N ARG A 103 12.50 -49.16 10.26
CA ARG A 103 12.80 -50.10 11.36
C ARG A 103 11.59 -50.23 12.28
N LEU A 104 10.88 -49.09 12.55
CA LEU A 104 9.71 -49.00 13.42
C LEU A 104 8.45 -49.58 12.78
N SER A 105 8.43 -49.72 11.45
CA SER A 105 7.30 -50.31 10.74
C SER A 105 7.62 -51.79 10.42
N GLY A 106 8.35 -52.45 11.31
CA GLY A 106 8.75 -53.84 11.17
C GLY A 106 8.14 -54.79 12.19
N ARG A 107 8.98 -55.71 12.72
CA ARG A 107 8.67 -56.76 13.71
C ARG A 107 7.55 -57.68 13.21
N PRO A 116 8.20 -62.27 0.38
CA PRO A 116 7.81 -61.01 -0.27
C PRO A 116 6.64 -60.33 0.45
N GLU A 117 5.73 -61.13 1.06
CA GLU A 117 4.55 -60.67 1.79
C GLU A 117 4.95 -59.80 3.01
N TYR A 118 6.04 -60.17 3.71
CA TYR A 118 6.56 -59.45 4.87
C TYR A 118 7.05 -58.04 4.50
N GLU A 119 7.80 -57.92 3.38
CA GLU A 119 8.35 -56.65 2.90
C GLU A 119 7.23 -55.72 2.42
N ILE A 120 6.20 -56.28 1.72
CA ILE A 120 5.05 -55.53 1.22
C ILE A 120 4.22 -55.01 2.41
N THR A 121 4.07 -55.82 3.50
CA THR A 121 3.36 -55.42 4.72
C THR A 121 4.12 -54.29 5.42
N GLN A 122 5.45 -54.45 5.59
CA GLN A 122 6.35 -53.45 6.18
C GLN A 122 6.27 -52.15 5.37
N SER A 123 6.24 -52.25 4.02
CA SER A 123 6.09 -51.12 3.10
C SER A 123 4.75 -50.43 3.33
N LEU A 124 3.67 -51.25 3.44
CA LEU A 124 2.29 -50.79 3.63
C LEU A 124 2.12 -50.03 4.94
N VAL A 125 2.63 -50.57 6.07
CA VAL A 125 2.52 -49.88 7.37
C VAL A 125 3.44 -48.62 7.38
N PHE A 126 4.64 -48.68 6.72
CA PHE A 126 5.57 -47.55 6.57
C PHE A 126 4.88 -46.39 5.85
N LEU A 127 4.09 -46.72 4.82
CA LEU A 127 3.31 -45.77 4.02
C LEU A 127 2.24 -45.12 4.88
N LEU A 128 1.48 -45.94 5.65
CA LEU A 128 0.39 -45.53 6.54
C LEU A 128 0.87 -44.53 7.60
N LEU A 129 2.07 -44.76 8.19
CA LEU A 129 2.68 -43.89 9.20
C LEU A 129 3.22 -42.61 8.55
N ALA A 130 3.95 -42.76 7.41
CA ALA A 130 4.52 -41.64 6.66
C ALA A 130 3.45 -40.65 6.24
N THR A 131 2.29 -41.13 5.71
CA THR A 131 1.18 -40.25 5.30
C THR A 131 0.45 -39.69 6.53
N LEU A 132 0.46 -40.42 7.68
CA LEU A 132 -0.16 -39.93 8.90
C LEU A 132 0.59 -38.70 9.38
N PHE A 133 1.93 -38.79 9.49
CA PHE A 133 2.79 -37.67 9.90
C PHE A 133 2.66 -36.53 8.87
N SER A 134 2.66 -36.87 7.56
CA SER A 134 2.50 -35.92 6.45
C SER A 134 1.24 -35.07 6.61
N ALA A 135 0.09 -35.73 6.87
CA ALA A 135 -1.21 -35.10 7.02
C ALA A 135 -1.25 -34.18 8.23
N LEU A 136 -0.83 -34.69 9.42
CA LEU A 136 -0.86 -33.98 10.69
C LEU A 136 0.10 -32.79 10.75
N ALA A 137 1.32 -32.92 10.18
CA ALA A 137 2.32 -31.85 10.21
C ALA A 137 1.95 -30.65 9.33
N GLY A 138 1.18 -30.90 8.28
CA GLY A 138 0.76 -29.88 7.32
C GLY A 138 -0.60 -29.27 7.57
N LEU A 139 -1.43 -29.94 8.40
CA LEU A 139 -2.78 -29.52 8.78
C LEU A 139 -2.80 -28.13 9.45
N PRO A 140 -1.86 -27.73 10.37
CA PRO A 140 -1.94 -26.36 10.94
C PRO A 140 -1.72 -25.26 9.89
N TRP A 141 -0.84 -25.52 8.89
CA TRP A 141 -0.55 -24.59 7.79
C TRP A 141 -1.79 -24.43 6.92
N SER A 142 -2.46 -25.56 6.61
CA SER A 142 -3.70 -25.68 5.83
C SER A 142 -4.84 -24.94 6.53
N LEU A 143 -4.94 -25.09 7.88
CA LEU A 143 -5.94 -24.44 8.73
C LEU A 143 -5.72 -22.92 8.73
N TYR A 144 -4.46 -22.48 8.71
CA TYR A 144 -4.11 -21.06 8.66
C TYR A 144 -4.50 -20.45 7.32
N ASN A 145 -4.16 -21.13 6.20
CA ASN A 145 -4.45 -20.64 4.87
C ASN A 145 -5.95 -20.39 4.66
N THR A 146 -6.81 -21.37 5.00
CA THR A 146 -8.25 -21.22 4.79
C THR A 146 -8.90 -20.26 5.81
N PHE A 147 -8.55 -20.37 7.11
CA PHE A 147 -9.19 -19.57 8.15
C PHE A 147 -8.52 -18.23 8.47
N VAL A 148 -7.34 -17.93 7.90
CA VAL A 148 -6.74 -16.62 8.15
C VAL A 148 -6.57 -15.88 6.80
N ILE A 149 -5.88 -16.46 5.79
CA ILE A 149 -5.68 -15.78 4.50
C ILE A 149 -6.99 -15.73 3.69
N GLU A 150 -7.59 -16.90 3.35
CA GLU A 150 -8.83 -16.98 2.57
C GLU A 150 -10.02 -16.36 3.30
N GLU A 151 -9.97 -16.33 4.65
CA GLU A 151 -11.05 -15.74 5.44
C GLU A 151 -10.93 -14.22 5.51
N LYS A 152 -9.69 -13.68 5.69
CA LYS A 152 -9.44 -12.23 5.77
C LYS A 152 -9.84 -11.53 4.48
N HIS A 153 -9.58 -12.18 3.32
CA HIS A 153 -9.87 -11.63 2.01
C HIS A 153 -11.23 -12.14 1.44
N GLY A 154 -12.10 -12.56 2.37
CA GLY A 154 -13.47 -13.01 2.14
C GLY A 154 -13.74 -14.07 1.10
N PHE A 155 -12.79 -14.97 0.85
CA PHE A 155 -12.95 -16.05 -0.11
C PHE A 155 -13.60 -17.25 0.54
N ASN A 156 -13.07 -17.68 1.70
CA ASN A 156 -13.52 -18.85 2.46
C ASN A 156 -14.97 -18.73 2.91
N GLN A 157 -15.69 -19.86 2.79
CA GLN A 157 -17.09 -20.06 3.15
C GLN A 157 -17.21 -21.26 4.10
N GLN A 158 -16.08 -21.96 4.31
CA GLN A 158 -15.95 -23.14 5.16
C GLN A 158 -16.07 -22.82 6.65
N THR A 159 -16.61 -23.77 7.39
CA THR A 159 -16.69 -23.73 8.85
C THR A 159 -15.57 -24.66 9.37
N LEU A 160 -15.19 -24.55 10.65
CA LEU A 160 -14.12 -25.38 11.22
C LEU A 160 -14.50 -26.86 11.16
N GLY A 161 -15.79 -27.16 11.35
CA GLY A 161 -16.34 -28.51 11.29
C GLY A 161 -16.20 -29.13 9.92
N PHE A 162 -16.62 -28.38 8.87
CA PHE A 162 -16.54 -28.83 7.46
C PHE A 162 -15.08 -29.08 7.08
N PHE A 163 -14.16 -28.18 7.48
CA PHE A 163 -12.73 -28.31 7.21
C PHE A 163 -12.18 -29.59 7.82
N MET A 164 -12.52 -29.84 9.10
CA MET A 164 -12.09 -31.02 9.84
C MET A 164 -12.68 -32.31 9.25
N LYS A 165 -14.01 -32.35 9.04
CA LYS A 165 -14.71 -33.52 8.49
C LYS A 165 -14.19 -33.87 7.10
N ASP A 166 -13.87 -32.86 6.29
CA ASP A 166 -13.34 -33.03 4.93
C ASP A 166 -11.91 -33.58 4.96
N ALA A 167 -11.07 -33.08 5.89
CA ALA A 167 -9.67 -33.50 6.06
C ALA A 167 -9.57 -35.00 6.32
N ILE A 168 -10.44 -35.52 7.22
CA ILE A 168 -10.52 -36.94 7.57
C ILE A 168 -11.05 -37.72 6.36
N LYS A 169 -12.16 -37.21 5.73
CA LYS A 169 -12.78 -37.81 4.53
C LYS A 169 -11.73 -38.06 3.45
N LYS A 170 -10.97 -37.01 3.08
CA LYS A 170 -9.93 -37.05 2.05
C LYS A 170 -8.79 -37.98 2.48
N PHE A 171 -8.35 -37.90 3.77
CA PHE A 171 -7.27 -38.74 4.31
C PHE A 171 -7.61 -40.24 4.23
N VAL A 172 -8.86 -40.61 4.58
CA VAL A 172 -9.38 -42.00 4.57
C VAL A 172 -9.42 -42.54 3.12
N VAL A 173 -10.03 -41.77 2.20
CA VAL A 173 -10.17 -42.09 0.77
C VAL A 173 -8.77 -42.24 0.13
N THR A 174 -7.79 -41.42 0.56
CA THR A 174 -6.40 -41.47 0.08
C THR A 174 -5.80 -42.86 0.35
N GLN A 175 -5.90 -43.35 1.60
CA GLN A 175 -5.37 -44.65 2.04
C GLN A 175 -6.07 -45.80 1.30
N CYS A 176 -7.40 -45.72 1.11
CA CYS A 176 -8.20 -46.75 0.44
C CYS A 176 -7.84 -46.91 -1.04
N ILE A 177 -7.12 -45.92 -1.61
CA ILE A 177 -6.66 -45.96 -3.00
C ILE A 177 -5.16 -46.31 -2.98
N LEU A 178 -4.40 -45.66 -2.08
CA LEU A 178 -2.95 -45.78 -1.90
C LEU A 178 -2.52 -47.22 -1.53
N LEU A 179 -3.12 -47.81 -0.48
CA LEU A 179 -2.78 -49.14 0.03
C LEU A 179 -2.95 -50.27 -1.01
N PRO A 180 -4.11 -50.45 -1.71
CA PRO A 180 -4.20 -51.57 -2.68
C PRO A 180 -3.31 -51.38 -3.91
N VAL A 181 -3.22 -50.14 -4.44
CA VAL A 181 -2.41 -49.81 -5.62
C VAL A 181 -0.91 -50.06 -5.30
N SER A 182 -0.42 -49.63 -4.12
CA SER A 182 0.97 -49.83 -3.71
C SER A 182 1.31 -51.32 -3.53
N SER A 183 0.48 -52.07 -2.77
CA SER A 183 0.67 -53.49 -2.52
C SER A 183 0.73 -54.30 -3.83
N LEU A 184 -0.11 -53.95 -4.82
CA LEU A 184 -0.13 -54.62 -6.12
C LEU A 184 1.06 -54.18 -6.98
N LEU A 185 1.49 -52.90 -6.85
CA LEU A 185 2.65 -52.35 -7.57
C LEU A 185 3.96 -53.01 -7.10
N LEU A 186 4.16 -53.09 -5.76
CA LEU A 186 5.34 -53.69 -5.10
C LEU A 186 5.45 -55.18 -5.45
N TYR A 187 4.31 -55.87 -5.56
CA TYR A 187 4.19 -57.30 -5.89
C TYR A 187 4.78 -57.56 -7.28
N ILE A 188 4.39 -56.74 -8.27
CA ILE A 188 4.82 -56.84 -9.68
C ILE A 188 6.35 -56.66 -9.81
N ILE A 189 6.95 -55.74 -9.02
CA ILE A 189 8.40 -55.48 -9.06
C ILE A 189 9.17 -56.64 -8.42
N LYS A 190 8.77 -57.06 -7.19
CA LYS A 190 9.39 -58.15 -6.43
C LYS A 190 9.26 -59.53 -7.14
N ILE A 191 8.07 -59.84 -7.69
CA ILE A 191 7.80 -61.13 -8.35
C ILE A 191 8.38 -61.13 -9.78
N GLY A 192 7.95 -60.18 -10.61
CA GLY A 192 8.37 -60.07 -12.01
C GLY A 192 9.85 -59.86 -12.23
N GLY A 193 10.27 -60.08 -13.48
CA GLY A 193 11.67 -59.92 -13.89
C GLY A 193 12.04 -60.76 -15.10
N ASP A 194 13.17 -60.46 -15.78
CA ASP A 194 14.11 -59.36 -15.50
C ASP A 194 13.59 -58.03 -16.09
N TYR A 195 12.49 -58.12 -16.87
CA TYR A 195 11.84 -56.97 -17.50
C TYR A 195 10.56 -56.62 -16.74
N PHE A 196 10.68 -56.46 -15.40
CA PHE A 196 9.60 -56.12 -14.46
C PHE A 196 9.08 -54.69 -14.68
N PHE A 197 9.94 -53.79 -15.22
CA PHE A 197 9.63 -52.38 -15.44
C PHE A 197 8.51 -52.19 -16.47
N ILE A 198 8.37 -53.11 -17.44
CA ILE A 198 7.32 -53.06 -18.46
C ILE A 198 5.97 -53.40 -17.82
N TYR A 199 5.95 -54.43 -16.95
CA TYR A 199 4.75 -54.88 -16.24
C TYR A 199 4.29 -53.84 -15.20
N ALA A 200 5.26 -53.19 -14.49
CA ALA A 200 5.01 -52.17 -13.48
C ALA A 200 4.48 -50.87 -14.11
N TRP A 201 5.01 -50.50 -15.31
CA TRP A 201 4.62 -49.31 -16.07
C TRP A 201 3.18 -49.46 -16.60
N LEU A 202 2.83 -50.67 -17.09
CA LEU A 202 1.50 -50.97 -17.62
C LEU A 202 0.44 -51.00 -16.52
N PHE A 203 0.82 -51.39 -15.29
CA PHE A 203 -0.09 -51.41 -14.14
C PHE A 203 -0.46 -49.98 -13.75
N THR A 204 0.55 -49.07 -13.68
CA THR A 204 0.35 -47.65 -13.37
C THR A 204 -0.42 -46.97 -14.50
N LEU A 205 -0.25 -47.46 -15.75
CA LEU A 205 -0.95 -46.98 -16.95
C LEU A 205 -2.46 -47.25 -16.81
N VAL A 206 -2.82 -48.46 -16.33
CA VAL A 206 -4.22 -48.88 -16.12
C VAL A 206 -4.79 -48.08 -14.93
N VAL A 207 -4.09 -48.08 -13.78
CA VAL A 207 -4.47 -47.39 -12.53
C VAL A 207 -4.68 -45.87 -12.81
N SER A 208 -3.84 -45.23 -13.65
CA SER A 208 -3.96 -43.82 -14.00
C SER A 208 -5.27 -43.55 -14.75
N LEU A 209 -5.50 -44.26 -15.89
CA LEU A 209 -6.68 -44.10 -16.74
C LEU A 209 -7.98 -44.50 -16.03
N VAL A 210 -7.92 -45.46 -15.07
CA VAL A 210 -9.09 -45.91 -14.31
C VAL A 210 -9.48 -44.78 -13.33
N LEU A 211 -8.52 -44.24 -12.56
CA LEU A 211 -8.75 -43.15 -11.61
C LEU A 211 -9.21 -41.85 -12.29
N VAL A 212 -8.83 -41.64 -13.58
CA VAL A 212 -9.20 -40.47 -14.37
C VAL A 212 -10.73 -40.50 -14.65
N THR A 213 -11.26 -41.67 -15.05
CA THR A 213 -12.68 -41.86 -15.36
C THR A 213 -13.53 -41.95 -14.07
N ILE A 214 -13.03 -42.63 -13.02
CA ILE A 214 -13.74 -42.86 -11.75
C ILE A 214 -13.88 -41.59 -10.90
N TYR A 215 -12.80 -40.79 -10.74
CA TYR A 215 -12.72 -39.61 -9.87
C TYR A 215 -14.01 -38.76 -9.79
N ALA A 216 -14.35 -37.99 -10.85
CA ALA A 216 -15.51 -37.10 -10.87
C ALA A 216 -16.87 -37.84 -10.74
N ASP A 217 -16.90 -39.14 -11.07
CA ASP A 217 -18.11 -39.98 -11.01
C ASP A 217 -18.33 -40.64 -9.64
N TYR A 218 -17.27 -40.89 -8.85
CA TYR A 218 -17.40 -41.58 -7.57
C TYR A 218 -16.62 -40.92 -6.41
N ILE A 219 -15.34 -40.57 -6.62
CA ILE A 219 -14.47 -39.99 -5.58
C ILE A 219 -14.90 -38.53 -5.28
N ALA A 220 -14.97 -37.66 -6.31
CA ALA A 220 -15.34 -36.24 -6.19
C ALA A 220 -16.74 -35.97 -5.58
N PRO A 221 -17.86 -36.67 -5.92
CA PRO A 221 -19.16 -36.32 -5.30
C PRO A 221 -19.27 -36.61 -3.80
N LEU A 222 -18.20 -37.17 -3.17
CA LEU A 222 -18.16 -37.47 -1.74
C LEU A 222 -17.81 -36.22 -0.92
N PHE A 223 -16.86 -35.42 -1.42
CA PHE A 223 -16.35 -34.22 -0.77
C PHE A 223 -17.18 -32.97 -1.11
N ASP A 224 -17.67 -32.86 -2.37
CA ASP A 224 -18.47 -31.73 -2.84
C ASP A 224 -19.82 -32.15 -3.39
N LYS A 225 -20.86 -31.33 -3.14
CA LYS A 225 -22.23 -31.61 -3.58
C LYS A 225 -22.39 -31.42 -5.10
N PHE A 226 -22.63 -32.53 -5.80
CA PHE A 226 -22.84 -32.60 -7.25
C PHE A 226 -24.33 -32.73 -7.55
N THR A 227 -24.88 -31.79 -8.33
CA THR A 227 -26.29 -31.78 -8.73
C THR A 227 -26.38 -31.49 -10.24
N PRO A 228 -27.29 -32.14 -10.99
CA PRO A 228 -27.39 -31.84 -12.44
C PRO A 228 -27.93 -30.42 -12.68
N LEU A 229 -27.39 -29.76 -13.71
CA LEU A 229 -27.75 -28.39 -14.10
C LEU A 229 -29.23 -28.32 -14.48
N PRO A 230 -30.02 -27.39 -13.88
CA PRO A 230 -31.45 -27.30 -14.22
C PRO A 230 -31.67 -26.80 -15.66
N GLU A 231 -32.77 -27.27 -16.28
CA GLU A 231 -33.13 -26.92 -17.66
C GLU A 231 -33.45 -25.43 -17.77
N GLY A 232 -32.86 -24.79 -18.79
CA GLY A 232 -33.02 -23.37 -19.07
C GLY A 232 -32.28 -22.92 -20.31
N LYS A 233 -32.04 -21.60 -20.42
CA LYS A 233 -31.34 -20.98 -21.56
C LYS A 233 -29.87 -21.41 -21.59
N LEU A 234 -29.24 -21.57 -20.41
CA LEU A 234 -27.85 -21.99 -20.28
C LEU A 234 -27.69 -23.48 -20.61
N LYS A 235 -28.59 -24.33 -20.07
CA LYS A 235 -28.60 -25.79 -20.26
C LYS A 235 -28.82 -26.18 -21.74
N GLU A 236 -29.69 -25.44 -22.45
CA GLU A 236 -30.01 -25.69 -23.86
C GLU A 236 -28.87 -25.26 -24.78
N GLU A 237 -28.27 -24.07 -24.54
CA GLU A 237 -27.19 -23.50 -25.34
C GLU A 237 -25.89 -24.31 -25.24
N ILE A 238 -25.65 -24.99 -24.09
CA ILE A 238 -24.47 -25.84 -23.86
C ILE A 238 -24.56 -27.10 -24.76
N GLU A 239 -25.78 -27.68 -24.87
CA GLU A 239 -26.07 -28.86 -25.70
C GLU A 239 -25.91 -28.53 -27.18
N VAL A 240 -26.29 -27.29 -27.58
CA VAL A 240 -26.20 -26.76 -28.95
C VAL A 240 -24.70 -26.65 -29.33
N MET A 241 -23.87 -26.13 -28.40
CA MET A 241 -22.43 -25.98 -28.56
C MET A 241 -21.75 -27.37 -28.60
N ALA A 242 -22.22 -28.31 -27.75
CA ALA A 242 -21.70 -29.68 -27.66
C ALA A 242 -21.94 -30.47 -28.96
N LYS A 243 -23.11 -30.30 -29.59
CA LYS A 243 -23.48 -30.95 -30.84
C LYS A 243 -22.71 -30.33 -32.00
N SER A 244 -22.41 -29.01 -31.91
CA SER A 244 -21.68 -28.24 -32.92
C SER A 244 -20.23 -28.73 -33.07
N ILE A 245 -19.54 -28.98 -31.94
CA ILE A 245 -18.16 -29.45 -31.91
C ILE A 245 -18.07 -30.99 -32.00
N ASP A 246 -19.24 -31.67 -32.01
CA ASP A 246 -19.42 -33.13 -32.04
C ASP A 246 -18.94 -33.78 -30.72
N PHE A 247 -19.04 -33.01 -29.61
CA PHE A 247 -18.69 -33.43 -28.26
C PHE A 247 -19.81 -34.33 -27.71
N PRO A 248 -19.54 -35.61 -27.39
CA PRO A 248 -20.62 -36.49 -26.93
C PRO A 248 -21.00 -36.23 -25.46
N LEU A 249 -21.77 -35.14 -25.25
CA LEU A 249 -22.23 -34.70 -23.93
C LEU A 249 -23.36 -35.60 -23.42
N THR A 250 -23.22 -36.06 -22.17
CA THR A 250 -24.17 -36.94 -21.48
C THR A 250 -24.99 -36.10 -20.48
N LYS A 251 -24.30 -35.52 -19.46
CA LYS A 251 -24.93 -34.69 -18.43
C LYS A 251 -24.08 -33.45 -18.11
N VAL A 252 -24.73 -32.41 -17.57
CA VAL A 252 -24.11 -31.15 -17.14
C VAL A 252 -24.37 -31.01 -15.64
N TYR A 253 -23.30 -30.87 -14.83
CA TYR A 253 -23.40 -30.76 -13.37
C TYR A 253 -23.02 -29.37 -12.85
N VAL A 254 -23.60 -28.99 -11.69
CA VAL A 254 -23.32 -27.75 -10.97
C VAL A 254 -22.83 -28.14 -9.56
N VAL A 255 -21.51 -27.98 -9.34
CA VAL A 255 -20.82 -28.32 -8.09
C VAL A 255 -20.98 -27.18 -7.08
N GLU A 256 -21.37 -27.52 -5.84
CA GLU A 256 -21.53 -26.54 -4.76
C GLU A 256 -20.16 -26.13 -4.21
N GLY A 257 -19.46 -25.32 -5.00
CA GLY A 257 -18.14 -24.77 -4.67
C GLY A 257 -18.26 -23.60 -3.71
N SER A 258 -19.47 -23.00 -3.64
CA SER A 258 -19.82 -21.87 -2.77
C SER A 258 -19.84 -22.26 -1.28
N LYS A 259 -19.76 -23.57 -0.98
CA LYS A 259 -19.71 -24.11 0.39
C LYS A 259 -18.28 -24.06 0.93
N ARG A 260 -17.28 -24.04 0.01
CA ARG A 260 -15.84 -23.99 0.32
C ARG A 260 -15.28 -22.57 0.19
N SER A 261 -15.28 -22.01 -1.04
CA SER A 261 -14.73 -20.68 -1.32
C SER A 261 -15.41 -20.01 -2.54
N SER A 262 -15.23 -18.68 -2.66
CA SER A 262 -15.77 -17.85 -3.75
C SER A 262 -15.03 -18.06 -5.08
N HIS A 263 -14.05 -19.01 -5.11
CA HIS A 263 -13.23 -19.33 -6.28
C HIS A 263 -14.03 -20.17 -7.29
N SER A 264 -14.00 -19.74 -8.57
CA SER A 264 -14.71 -20.34 -9.70
C SER A 264 -13.86 -21.41 -10.41
N ASN A 265 -14.52 -22.38 -11.09
CA ASN A 265 -13.88 -23.48 -11.84
C ASN A 265 -14.88 -24.14 -12.82
N ALA A 266 -14.35 -24.76 -13.89
CA ALA A 266 -15.12 -25.48 -14.92
C ALA A 266 -14.22 -26.48 -15.67
N TYR A 267 -14.68 -27.75 -15.80
CA TYR A 267 -13.92 -28.80 -16.48
C TYR A 267 -14.85 -29.88 -17.07
N PHE A 268 -14.29 -30.80 -17.87
CA PHE A 268 -15.02 -31.92 -18.46
C PHE A 268 -14.33 -33.25 -18.09
N TYR A 269 -15.08 -34.36 -18.18
CA TYR A 269 -14.56 -35.70 -17.88
C TYR A 269 -15.34 -36.80 -18.63
N GLY A 270 -14.67 -37.92 -18.88
CA GLY A 270 -15.24 -39.08 -19.56
C GLY A 270 -14.21 -40.04 -20.10
N PHE A 271 -14.65 -40.97 -20.95
CA PHE A 271 -13.78 -41.97 -21.58
C PHE A 271 -13.84 -41.85 -23.12
N PHE A 272 -15.03 -42.05 -23.70
CA PHE A 272 -15.23 -41.96 -25.15
C PHE A 272 -16.54 -41.23 -25.45
N LYS A 273 -17.62 -41.98 -25.78
CA LYS A 273 -18.93 -41.43 -26.10
C LYS A 273 -19.71 -40.94 -24.86
N ASN A 274 -19.16 -41.15 -23.64
CA ASN A 274 -19.81 -40.72 -22.41
C ASN A 274 -19.01 -39.61 -21.72
N LYS A 275 -19.07 -38.39 -22.28
CA LYS A 275 -18.40 -37.19 -21.75
C LYS A 275 -19.40 -36.32 -20.99
N ARG A 276 -18.97 -35.72 -19.86
CA ARG A 276 -19.82 -34.87 -19.02
C ARG A 276 -19.13 -33.56 -18.65
N ILE A 277 -19.89 -32.44 -18.66
CA ILE A 277 -19.41 -31.10 -18.33
C ILE A 277 -19.69 -30.81 -16.84
N VAL A 278 -18.69 -30.26 -16.12
CA VAL A 278 -18.79 -29.90 -14.71
C VAL A 278 -18.56 -28.40 -14.55
N LEU A 279 -19.55 -27.70 -13.99
CA LEU A 279 -19.52 -26.26 -13.72
C LEU A 279 -19.63 -25.99 -12.23
N PHE A 280 -19.04 -24.88 -11.76
CA PHE A 280 -19.11 -24.47 -10.35
C PHE A 280 -20.17 -23.40 -10.20
N ASP A 281 -20.92 -23.40 -9.08
CA ASP A 281 -21.96 -22.39 -8.83
C ASP A 281 -21.34 -20.99 -8.69
N THR A 282 -20.03 -20.94 -8.31
CA THR A 282 -19.24 -19.71 -8.15
C THR A 282 -18.89 -19.09 -9.51
N LEU A 283 -19.06 -19.87 -10.61
CA LEU A 283 -18.82 -19.45 -11.99
C LEU A 283 -20.13 -19.07 -12.70
N LEU A 284 -21.27 -19.60 -12.23
CA LEU A 284 -22.58 -19.41 -12.86
C LEU A 284 -23.44 -18.30 -12.25
N GLU A 285 -23.47 -18.19 -10.90
CA GLU A 285 -24.29 -17.21 -10.16
C GLU A 285 -24.00 -15.77 -10.57
N GLN A 322 -21.09 -11.56 -9.02
CA GLN A 322 -21.31 -12.85 -8.36
C GLN A 322 -20.53 -13.97 -9.05
N GLY A 323 -20.63 -14.04 -10.37
CA GLY A 323 -19.96 -15.03 -11.21
C GLY A 323 -19.83 -14.56 -12.64
N CYS A 324 -20.38 -15.34 -13.60
CA CYS A 324 -20.36 -15.03 -15.03
C CYS A 324 -21.74 -15.22 -15.65
N LYS A 325 -22.09 -14.37 -16.62
CA LYS A 325 -23.36 -14.44 -17.36
C LYS A 325 -23.34 -15.66 -18.29
N ASN A 326 -24.52 -16.18 -18.68
CA ASN A 326 -24.68 -17.36 -19.55
C ASN A 326 -23.83 -17.27 -20.83
N GLU A 327 -23.73 -16.08 -21.44
CA GLU A 327 -22.94 -15.82 -22.65
C GLU A 327 -21.43 -15.98 -22.38
N GLU A 328 -20.97 -15.57 -21.18
CA GLU A 328 -19.57 -15.67 -20.74
C GLU A 328 -19.23 -17.11 -20.36
N VAL A 329 -20.17 -17.83 -19.73
CA VAL A 329 -20.02 -19.23 -19.29
C VAL A 329 -19.77 -20.12 -20.51
N LEU A 330 -20.57 -19.95 -21.59
CA LEU A 330 -20.46 -20.70 -22.84
C LEU A 330 -19.10 -20.50 -23.49
N ALA A 331 -18.57 -19.25 -23.43
CA ALA A 331 -17.26 -18.88 -23.96
C ALA A 331 -16.14 -19.58 -23.19
N VAL A 332 -16.31 -19.70 -21.85
CA VAL A 332 -15.38 -20.38 -20.93
C VAL A 332 -15.41 -21.89 -21.26
N LEU A 333 -16.61 -22.41 -21.60
CA LEU A 333 -16.83 -23.80 -22.01
C LEU A 333 -16.18 -24.06 -23.36
N GLY A 334 -16.35 -23.12 -24.30
CA GLY A 334 -15.77 -23.18 -25.64
C GLY A 334 -14.26 -23.29 -25.63
N HIS A 335 -13.63 -22.73 -24.58
CA HIS A 335 -12.19 -22.77 -24.33
C HIS A 335 -11.83 -24.19 -23.86
N GLU A 336 -12.54 -24.70 -22.82
CA GLU A 336 -12.36 -26.04 -22.24
C GLU A 336 -12.66 -27.14 -23.26
N LEU A 337 -13.66 -26.92 -24.15
CA LEU A 337 -14.02 -27.85 -25.23
C LEU A 337 -12.93 -27.85 -26.29
N GLY A 338 -12.12 -26.78 -26.31
CA GLY A 338 -10.98 -26.62 -27.21
C GLY A 338 -9.89 -27.62 -26.94
N HIS A 339 -9.65 -27.93 -25.65
CA HIS A 339 -8.66 -28.91 -25.19
C HIS A 339 -9.05 -30.32 -25.67
N TRP A 340 -10.36 -30.59 -25.77
CA TRP A 340 -10.91 -31.85 -26.26
C TRP A 340 -10.69 -31.95 -27.78
N LYS A 341 -11.13 -30.93 -28.55
CA LYS A 341 -11.06 -30.85 -30.01
C LYS A 341 -9.63 -30.77 -30.55
N LEU A 342 -8.75 -29.97 -29.88
CA LEU A 342 -7.34 -29.82 -30.30
C LEU A 342 -6.46 -30.98 -29.79
N GLY A 343 -7.08 -31.94 -29.08
CA GLY A 343 -6.43 -33.12 -28.55
C GLY A 343 -5.38 -32.87 -27.49
N HIS A 344 -5.52 -31.77 -26.74
CA HIS A 344 -4.62 -31.40 -25.65
C HIS A 344 -4.68 -32.43 -24.54
N THR A 345 -5.89 -32.96 -24.27
CA THR A 345 -6.18 -33.99 -23.27
C THR A 345 -5.39 -35.27 -23.58
N VAL A 346 -5.52 -35.80 -24.82
CA VAL A 346 -4.87 -37.02 -25.28
C VAL A 346 -3.34 -36.86 -25.28
N LYS A 347 -2.83 -35.70 -25.79
CA LYS A 347 -1.40 -35.39 -25.83
C LYS A 347 -0.77 -35.39 -24.42
N ASN A 348 -1.48 -34.84 -23.42
CA ASN A 348 -1.02 -34.78 -22.03
C ASN A 348 -0.89 -36.17 -21.40
N ILE A 349 -1.74 -37.15 -21.80
CA ILE A 349 -1.69 -38.52 -21.28
C ILE A 349 -0.49 -39.22 -21.91
N ILE A 350 -0.28 -39.03 -23.24
CA ILE A 350 0.82 -39.60 -24.03
C ILE A 350 2.17 -39.12 -23.45
N ILE A 351 2.26 -37.87 -22.96
CA ILE A 351 3.47 -37.33 -22.35
C ILE A 351 3.69 -37.98 -20.97
N SER A 352 2.62 -38.06 -20.14
CA SER A 352 2.67 -38.63 -18.78
C SER A 352 3.07 -40.12 -18.78
N GLN A 353 2.63 -40.89 -19.79
CA GLN A 353 2.94 -42.32 -19.90
C GLN A 353 4.31 -42.54 -20.54
N MET A 354 4.80 -41.54 -21.30
CA MET A 354 6.13 -41.57 -21.93
C MET A 354 7.18 -41.30 -20.86
N ASN A 355 6.83 -40.42 -19.89
CA ASN A 355 7.66 -40.03 -18.76
C ASN A 355 7.82 -41.22 -17.81
N SER A 356 6.71 -41.92 -17.45
CA SER A 356 6.72 -43.07 -16.55
C SER A 356 7.44 -44.27 -17.17
N PHE A 357 7.42 -44.43 -18.52
CA PHE A 357 8.14 -45.51 -19.18
C PHE A 357 9.64 -45.27 -19.05
N LEU A 358 10.08 -44.04 -19.35
CA LEU A 358 11.48 -43.61 -19.25
C LEU A 358 11.98 -43.72 -17.79
N CYS A 359 11.10 -43.37 -16.83
CA CYS A 359 11.38 -43.42 -15.39
C CYS A 359 11.53 -44.87 -14.90
N PHE A 360 10.56 -45.76 -15.21
CA PHE A 360 10.61 -47.16 -14.79
C PHE A 360 11.79 -47.90 -15.41
N PHE A 361 12.19 -47.51 -16.64
CA PHE A 361 13.35 -48.10 -17.31
C PHE A 361 14.63 -47.75 -16.55
N LEU A 362 14.85 -46.45 -16.25
CA LEU A 362 16.02 -45.97 -15.52
C LEU A 362 16.00 -46.47 -14.07
N PHE A 363 14.79 -46.74 -13.52
CA PHE A 363 14.59 -47.30 -12.18
C PHE A 363 15.13 -48.73 -12.16
N ALA A 364 14.75 -49.54 -13.19
CA ALA A 364 15.20 -50.93 -13.36
C ALA A 364 16.72 -51.01 -13.50
N VAL A 365 17.33 -49.97 -14.08
CA VAL A 365 18.78 -49.84 -14.29
C VAL A 365 19.47 -49.45 -12.96
N LEU A 366 18.85 -48.55 -12.16
CA LEU A 366 19.43 -48.04 -10.91
C LEU A 366 19.01 -48.77 -9.62
N ILE A 367 17.96 -49.63 -9.66
CA ILE A 367 17.47 -50.34 -8.46
C ILE A 367 18.55 -51.31 -7.88
N GLY A 368 19.38 -51.88 -8.75
CA GLY A 368 20.45 -52.80 -8.37
C GLY A 368 21.59 -52.16 -7.62
N ARG A 369 21.80 -50.84 -7.83
CA ARG A 369 22.87 -50.06 -7.21
C ARG A 369 22.60 -49.88 -5.71
N LYS A 370 23.51 -50.43 -4.87
CA LYS A 370 23.42 -50.38 -3.41
C LYS A 370 24.00 -49.06 -2.87
N GLU A 371 24.69 -48.29 -3.74
CA GLU A 371 25.31 -47.02 -3.39
C GLU A 371 24.27 -45.94 -3.07
N LEU A 372 23.15 -45.90 -3.83
CA LEU A 372 22.07 -44.93 -3.64
C LEU A 372 21.25 -45.19 -2.37
N PHE A 373 21.17 -46.46 -1.89
CA PHE A 373 20.47 -46.82 -0.65
C PHE A 373 21.30 -46.42 0.55
N ALA A 374 22.62 -46.75 0.52
CA ALA A 374 23.62 -46.45 1.55
C ALA A 374 23.78 -44.94 1.76
N ALA A 375 23.53 -44.15 0.68
CA ALA A 375 23.58 -42.71 0.68
C ALA A 375 22.59 -42.12 1.68
N PHE A 376 21.34 -42.67 1.71
CA PHE A 376 20.24 -42.20 2.54
C PHE A 376 20.12 -42.92 3.91
N GLY A 377 21.06 -43.83 4.20
CA GLY A 377 21.10 -44.52 5.49
C GLY A 377 20.68 -45.98 5.52
N PHE A 378 20.38 -46.58 4.35
CA PHE A 378 19.98 -47.98 4.24
C PHE A 378 21.20 -48.84 3.89
N TYR A 379 21.76 -49.53 4.90
CA TYR A 379 22.94 -50.35 4.72
C TYR A 379 22.63 -51.85 4.84
N ASP A 380 21.81 -52.23 5.84
CA ASP A 380 21.42 -53.62 6.14
C ASP A 380 20.52 -54.25 5.06
N SER A 381 19.69 -53.45 4.35
CA SER A 381 18.77 -53.95 3.33
C SER A 381 18.48 -52.90 2.25
N GLN A 382 18.03 -53.37 1.07
CA GLN A 382 17.64 -52.55 -0.07
C GLN A 382 16.13 -52.76 -0.35
N PRO A 383 15.23 -52.07 0.41
CA PRO A 383 13.78 -52.27 0.21
C PRO A 383 13.26 -51.70 -1.12
N THR A 384 12.18 -52.29 -1.66
CA THR A 384 11.57 -51.92 -2.94
C THR A 384 10.90 -50.53 -2.87
N LEU A 385 10.01 -50.29 -1.88
CA LEU A 385 9.29 -49.02 -1.72
C LEU A 385 10.26 -47.86 -1.52
N ILE A 386 11.34 -48.10 -0.76
CA ILE A 386 12.41 -47.14 -0.47
C ILE A 386 13.16 -46.81 -1.78
N GLY A 387 13.37 -47.85 -2.60
CA GLY A 387 14.00 -47.72 -3.92
C GLY A 387 13.19 -46.82 -4.83
N LEU A 388 11.84 -46.96 -4.78
CA LEU A 388 10.91 -46.13 -5.54
C LEU A 388 10.98 -44.69 -5.07
N LEU A 389 11.14 -44.48 -3.75
CA LEU A 389 11.23 -43.15 -3.14
C LEU A 389 12.55 -42.45 -3.50
N ILE A 390 13.70 -43.12 -3.27
CA ILE A 390 15.04 -42.59 -3.50
C ILE A 390 15.26 -42.24 -4.99
N ILE A 391 15.01 -43.19 -5.91
CA ILE A 391 15.25 -42.98 -7.35
C ILE A 391 14.23 -41.98 -7.97
N PHE A 392 12.92 -42.19 -7.77
CA PHE A 392 11.88 -41.35 -8.36
C PHE A 392 11.81 -39.94 -7.76
N GLN A 393 11.99 -39.78 -6.43
CA GLN A 393 11.87 -38.45 -5.81
C GLN A 393 13.21 -37.73 -5.56
N PHE A 394 14.36 -38.44 -5.58
CA PHE A 394 15.63 -37.75 -5.30
C PHE A 394 16.63 -37.82 -6.46
N ILE A 395 16.87 -39.01 -7.05
CA ILE A 395 17.82 -39.20 -8.15
C ILE A 395 17.27 -38.56 -9.44
N PHE A 396 15.94 -38.68 -9.68
CA PHE A 396 15.29 -38.12 -10.86
C PHE A 396 14.95 -36.63 -10.68
N SER A 397 15.19 -36.04 -9.47
CA SER A 397 14.93 -34.63 -9.14
C SER A 397 15.37 -33.65 -10.26
N PRO A 398 16.61 -33.70 -10.83
CA PRO A 398 16.94 -32.77 -11.92
C PRO A 398 16.06 -32.94 -13.16
N TYR A 399 15.75 -34.20 -13.55
CA TYR A 399 14.90 -34.54 -14.70
C TYR A 399 13.47 -34.08 -14.44
N ASN A 400 12.93 -34.43 -13.26
CA ASN A 400 11.57 -34.09 -12.82
C ASN A 400 11.35 -32.58 -12.85
N GLU A 401 12.39 -31.78 -12.49
CA GLU A 401 12.32 -30.32 -12.48
C GLU A 401 12.33 -29.73 -13.88
N VAL A 402 13.14 -30.30 -14.80
CA VAL A 402 13.24 -29.87 -16.20
C VAL A 402 11.92 -30.21 -16.91
N LEU A 403 11.45 -31.48 -16.80
CA LEU A 403 10.21 -31.97 -17.40
C LEU A 403 9.01 -31.10 -16.99
N SER A 404 8.94 -30.71 -15.70
CA SER A 404 7.88 -29.86 -15.15
C SER A 404 7.89 -28.48 -15.79
N PHE A 405 9.10 -27.91 -16.00
CA PHE A 405 9.26 -26.60 -16.63
C PHE A 405 8.80 -26.66 -18.08
N CYS A 406 9.17 -27.73 -18.80
CA CYS A 406 8.81 -27.94 -20.20
C CYS A 406 7.30 -28.13 -20.35
N LEU A 407 6.67 -28.85 -19.41
CA LEU A 407 5.23 -29.10 -19.43
C LEU A 407 4.42 -27.82 -19.07
N THR A 408 5.03 -26.89 -18.29
CA THR A 408 4.43 -25.61 -17.91
C THR A 408 4.46 -24.70 -19.15
N VAL A 409 5.56 -24.74 -19.93
CA VAL A 409 5.72 -23.99 -21.18
C VAL A 409 4.66 -24.48 -22.17
N LEU A 410 4.49 -25.82 -22.29
CA LEU A 410 3.51 -26.46 -23.17
C LEU A 410 2.09 -26.10 -22.74
N SER A 411 1.79 -26.11 -21.43
CA SER A 411 0.48 -25.78 -20.87
C SER A 411 0.05 -24.36 -21.28
N ARG A 412 0.99 -23.40 -21.29
CA ARG A 412 0.74 -22.01 -21.69
C ARG A 412 0.37 -21.95 -23.17
N ARG A 413 1.11 -22.70 -24.02
CA ARG A 413 0.87 -22.81 -25.46
C ARG A 413 -0.47 -23.46 -25.74
N PHE A 414 -0.81 -24.50 -24.96
CA PHE A 414 -2.06 -25.25 -25.03
C PHE A 414 -3.26 -24.38 -24.63
N GLU A 415 -3.04 -23.42 -23.72
CA GLU A 415 -4.09 -22.49 -23.27
C GLU A 415 -4.41 -21.50 -24.38
N PHE A 416 -3.36 -20.94 -25.02
CA PHE A 416 -3.45 -19.99 -26.12
C PHE A 416 -4.19 -20.60 -27.30
N GLN A 417 -3.95 -21.91 -27.56
CA GLN A 417 -4.59 -22.69 -28.64
C GLN A 417 -6.08 -22.86 -28.34
N ALA A 418 -6.42 -23.09 -27.06
CA ALA A 418 -7.81 -23.24 -26.58
C ALA A 418 -8.55 -21.90 -26.62
N ASP A 419 -7.82 -20.79 -26.42
CA ASP A 419 -8.34 -19.41 -26.50
C ASP A 419 -8.60 -19.03 -27.96
N ALA A 420 -7.71 -19.49 -28.87
CA ALA A 420 -7.80 -19.29 -30.31
C ALA A 420 -8.98 -20.08 -30.88
N PHE A 421 -9.28 -21.25 -30.27
CA PHE A 421 -10.40 -22.12 -30.65
C PHE A 421 -11.71 -21.47 -30.24
N ALA A 422 -11.72 -20.78 -29.08
CA ALA A 422 -12.89 -20.06 -28.57
C ALA A 422 -13.21 -18.87 -29.48
N LYS A 423 -12.15 -18.22 -30.05
CA LYS A 423 -12.27 -17.12 -31.00
C LYS A 423 -12.77 -17.64 -32.34
N LYS A 424 -12.37 -18.88 -32.70
CA LYS A 424 -12.77 -19.59 -33.92
C LYS A 424 -14.25 -19.98 -33.86
N LEU A 425 -14.82 -20.09 -32.63
CA LEU A 425 -16.23 -20.38 -32.40
C LEU A 425 -17.07 -19.09 -32.47
N GLY A 426 -16.40 -17.93 -32.35
CA GLY A 426 -17.00 -16.62 -32.39
C GLY A 426 -17.23 -15.97 -31.04
N LYS A 427 -17.00 -16.74 -29.95
CA LYS A 427 -17.19 -16.31 -28.56
C LYS A 427 -15.93 -15.61 -28.00
N ALA A 428 -15.16 -14.91 -28.86
CA ALA A 428 -13.94 -14.18 -28.49
C ALA A 428 -14.23 -12.98 -27.59
N LYS A 429 -15.29 -12.20 -27.91
CA LYS A 429 -15.71 -11.03 -27.16
C LYS A 429 -16.26 -11.42 -25.78
N ASP A 430 -16.94 -12.58 -25.70
CA ASP A 430 -17.54 -13.12 -24.46
C ASP A 430 -16.48 -13.73 -23.54
N LEU A 431 -15.40 -14.32 -24.12
CA LEU A 431 -14.29 -14.89 -23.35
C LEU A 431 -13.41 -13.76 -22.78
N TYR A 432 -13.23 -12.67 -23.57
CA TYR A 432 -12.47 -11.47 -23.18
C TYR A 432 -13.06 -10.90 -21.89
N SER A 433 -14.41 -10.75 -21.87
CA SER A 433 -15.17 -10.23 -20.73
C SER A 433 -15.13 -11.22 -19.55
N ALA A 434 -15.22 -12.53 -19.85
CA ALA A 434 -15.23 -13.61 -18.86
C ALA A 434 -13.91 -13.70 -18.10
N LEU A 435 -12.76 -13.73 -18.81
CA LEU A 435 -11.40 -13.82 -18.27
C LEU A 435 -11.13 -12.72 -17.24
N ILE A 436 -11.56 -11.48 -17.54
CA ILE A 436 -11.43 -10.31 -16.67
C ILE A 436 -12.33 -10.49 -15.43
N LYS A 437 -13.63 -10.84 -15.65
CA LYS A 437 -14.64 -11.04 -14.61
C LYS A 437 -14.21 -12.15 -13.63
N LEU A 438 -13.64 -13.25 -14.17
CA LEU A 438 -13.16 -14.37 -13.37
C LEU A 438 -11.92 -13.96 -12.60
N ASN A 439 -11.05 -13.12 -13.21
CA ASN A 439 -9.84 -12.59 -12.57
C ASN A 439 -10.23 -11.70 -11.39
N LYS A 440 -11.24 -10.82 -11.56
CA LYS A 440 -11.77 -9.93 -10.52
C LYS A 440 -12.39 -10.75 -9.39
N ASP A 441 -13.07 -11.86 -9.73
CA ASP A 441 -13.71 -12.80 -8.80
C ASP A 441 -12.70 -13.54 -7.92
N ASN A 442 -11.53 -13.88 -8.48
CA ASN A 442 -10.47 -14.61 -7.79
C ASN A 442 -9.32 -13.68 -7.36
N LEU A 443 -9.55 -12.35 -7.42
CA LEU A 443 -8.62 -11.27 -7.06
C LEU A 443 -7.19 -11.54 -7.59
N GLY A 444 -7.11 -11.81 -8.88
CA GLY A 444 -5.84 -12.09 -9.54
C GLY A 444 -5.16 -10.79 -9.92
N PHE A 445 -3.89 -10.65 -9.52
CA PHE A 445 -3.09 -9.46 -9.81
C PHE A 445 -2.72 -9.45 -11.30
N PRO A 446 -3.04 -8.36 -12.05
CA PRO A 446 -2.74 -8.35 -13.50
C PRO A 446 -1.23 -8.25 -13.80
N VAL A 447 -0.45 -7.56 -12.95
CA VAL A 447 1.00 -7.40 -13.11
C VAL A 447 1.70 -8.63 -12.51
N SER A 448 2.75 -9.12 -13.19
CA SER A 448 3.51 -10.29 -12.72
C SER A 448 4.93 -10.24 -13.26
N ASP A 449 5.91 -10.67 -12.44
CA ASP A 449 7.32 -10.72 -12.83
C ASP A 449 7.47 -11.78 -13.92
N TRP A 450 8.07 -11.40 -15.07
CA TRP A 450 8.26 -12.26 -16.25
C TRP A 450 8.97 -13.56 -15.93
N LEU A 451 10.03 -13.51 -15.10
CA LEU A 451 10.83 -14.67 -14.71
C LEU A 451 10.03 -15.64 -13.82
N PHE A 452 9.10 -15.10 -13.00
CA PHE A 452 8.23 -15.87 -12.11
C PHE A 452 7.15 -16.61 -12.89
N SER A 453 6.41 -15.88 -13.76
CA SER A 453 5.33 -16.42 -14.59
C SER A 453 5.83 -17.43 -15.64
N MET A 454 7.08 -17.27 -16.12
CA MET A 454 7.71 -18.17 -17.10
C MET A 454 7.99 -19.54 -16.49
N TRP A 455 8.38 -19.57 -15.20
CA TRP A 455 8.74 -20.77 -14.46
C TRP A 455 7.56 -21.44 -13.80
N HIS A 456 6.64 -20.66 -13.20
CA HIS A 456 5.51 -21.21 -12.43
C HIS A 456 4.17 -21.26 -13.17
N TYR A 457 3.70 -20.12 -13.71
CA TYR A 457 2.38 -19.97 -14.35
C TYR A 457 2.14 -20.96 -15.49
N SER A 458 1.21 -21.91 -15.27
CA SER A 458 0.78 -22.92 -16.25
C SER A 458 -0.14 -22.26 -17.29
N HIS A 459 -0.81 -21.18 -16.87
CA HIS A 459 -1.69 -20.34 -17.68
C HIS A 459 -0.97 -19.02 -17.99
N PRO A 460 -0.94 -18.55 -19.24
CA PRO A 460 -0.26 -17.28 -19.54
C PRO A 460 -0.93 -16.06 -18.85
N PRO A 461 -0.20 -14.92 -18.64
CA PRO A 461 -0.81 -13.77 -17.96
C PRO A 461 -2.06 -13.24 -18.65
N LEU A 462 -2.98 -12.66 -17.85
CA LEU A 462 -4.27 -12.13 -18.31
C LEU A 462 -4.11 -11.16 -19.47
N LEU A 463 -3.17 -10.20 -19.37
CA LEU A 463 -2.90 -9.20 -20.41
C LEU A 463 -2.42 -9.85 -21.73
N GLU A 464 -1.65 -10.96 -21.63
CA GLU A 464 -1.15 -11.72 -22.78
C GLU A 464 -2.29 -12.47 -23.48
N ARG A 465 -3.20 -13.10 -22.70
CA ARG A 465 -4.36 -13.84 -23.19
C ARG A 465 -5.42 -12.91 -23.80
N LEU A 466 -5.64 -11.73 -23.19
CA LEU A 466 -6.61 -10.74 -23.65
C LEU A 466 -6.18 -10.11 -24.98
N GLN A 467 -4.87 -9.83 -25.13
CA GLN A 467 -4.30 -9.22 -26.35
C GLN A 467 -4.40 -10.17 -27.56
N ALA A 468 -4.24 -11.48 -27.32
CA ALA A 468 -4.36 -12.52 -28.36
C ALA A 468 -5.82 -12.64 -28.86
N LEU A 469 -6.80 -12.40 -27.96
CA LEU A 469 -8.23 -12.44 -28.25
C LEU A 469 -8.68 -11.18 -28.98
N LYS A 470 -8.07 -10.02 -28.62
CA LYS A 470 -8.36 -8.71 -29.23
C LYS A 470 -7.87 -8.68 -30.69
N THR A 471 -6.72 -9.34 -30.96
CA THR A 471 -6.11 -9.44 -32.28
C THR A 471 -6.99 -10.32 -33.18
N MET A 472 -7.49 -11.46 -32.65
CA MET A 472 -8.37 -12.41 -33.35
C MET A 472 -9.74 -11.79 -33.62
N LEU B 10 -28.99 -36.71 30.93
CA LEU B 10 -29.41 -35.56 30.13
C LEU B 10 -29.94 -35.99 28.76
N TRP B 11 -31.11 -35.45 28.39
CA TRP B 11 -31.76 -35.69 27.09
C TRP B 11 -31.42 -34.56 26.09
N GLU B 12 -30.39 -33.76 26.42
CA GLU B 12 -29.93 -32.61 25.64
C GLU B 12 -28.41 -32.63 25.42
N MET B 13 -27.63 -33.23 26.35
CA MET B 13 -26.15 -33.23 26.27
C MET B 13 -25.52 -34.64 26.42
N PRO B 14 -24.34 -34.90 25.76
CA PRO B 14 -23.70 -36.23 25.89
C PRO B 14 -22.78 -36.30 27.11
N ALA B 15 -22.22 -37.51 27.40
CA ALA B 15 -21.37 -37.75 28.57
C ALA B 15 -19.87 -37.75 28.24
N GLU B 16 -19.41 -38.71 27.39
CA GLU B 16 -18.01 -38.85 26.98
C GLU B 16 -17.56 -37.68 26.13
N LYS B 17 -18.44 -37.17 25.26
CA LYS B 17 -18.17 -36.04 24.36
C LYS B 17 -18.00 -34.72 25.14
N ARG B 18 -18.71 -34.59 26.28
CA ARG B 18 -18.68 -33.42 27.16
C ARG B 18 -17.33 -33.27 27.87
N ILE B 19 -16.75 -34.38 28.38
CA ILE B 19 -15.45 -34.38 29.09
C ILE B 19 -14.28 -34.17 28.13
N PHE B 20 -14.43 -34.61 26.85
CA PHE B 20 -13.40 -34.40 25.81
C PHE B 20 -13.31 -32.92 25.47
N GLY B 21 -14.47 -32.30 25.28
CA GLY B 21 -14.61 -30.89 24.97
C GLY B 21 -14.09 -29.99 26.09
N ALA B 22 -14.35 -30.40 27.35
CA ALA B 22 -13.90 -29.73 28.57
C ALA B 22 -12.38 -29.62 28.62
N VAL B 23 -11.68 -30.70 28.19
CA VAL B 23 -10.22 -30.81 28.11
C VAL B 23 -9.69 -29.75 27.12
N LEU B 24 -10.26 -29.71 25.90
CA LEU B 24 -9.88 -28.77 24.84
C LEU B 24 -10.26 -27.33 25.17
N LEU B 25 -11.42 -27.11 25.83
CA LEU B 25 -11.86 -25.78 26.23
C LEU B 25 -10.92 -25.20 27.28
N PHE B 26 -10.40 -26.05 28.17
CA PHE B 26 -9.46 -25.62 29.21
C PHE B 26 -8.09 -25.35 28.62
N SER B 27 -7.63 -26.24 27.72
CA SER B 27 -6.34 -26.14 27.04
C SER B 27 -6.23 -24.86 26.24
N TRP B 28 -7.37 -24.38 25.68
CA TRP B 28 -7.41 -23.15 24.88
C TRP B 28 -7.56 -21.90 25.75
N THR B 29 -8.32 -21.97 26.88
CA THR B 29 -8.47 -20.80 27.78
C THR B 29 -7.15 -20.50 28.49
N VAL B 30 -6.40 -21.55 28.89
CA VAL B 30 -5.08 -21.44 29.52
C VAL B 30 -4.14 -20.83 28.49
N TYR B 31 -4.20 -21.30 27.22
CA TYR B 31 -3.42 -20.76 26.12
C TYR B 31 -3.73 -19.29 25.89
N LEU B 32 -5.03 -18.93 25.81
CA LEU B 32 -5.49 -17.54 25.60
C LEU B 32 -5.10 -16.65 26.78
N TRP B 33 -5.09 -17.21 28.02
CA TRP B 33 -4.67 -16.49 29.23
C TRP B 33 -3.18 -16.16 29.12
N GLU B 34 -2.37 -17.15 28.72
CA GLU B 34 -0.93 -17.04 28.55
C GLU B 34 -0.58 -16.14 27.37
N THR B 35 -1.41 -16.14 26.30
CA THR B 35 -1.22 -15.32 25.10
C THR B 35 -1.55 -13.86 25.46
N PHE B 36 -2.58 -13.64 26.30
CA PHE B 36 -2.95 -12.30 26.77
C PHE B 36 -1.76 -11.71 27.54
N LEU B 37 -1.16 -12.54 28.42
CA LEU B 37 0.02 -12.21 29.22
C LEU B 37 1.22 -11.92 28.33
N ALA B 38 1.41 -12.75 27.28
CA ALA B 38 2.48 -12.60 26.31
C ALA B 38 2.31 -11.29 25.55
N GLN B 39 1.05 -10.94 25.16
CA GLN B 39 0.68 -9.69 24.47
C GLN B 39 0.96 -8.50 25.37
N ARG B 40 0.60 -8.63 26.67
CA ARG B 40 0.78 -7.61 27.71
C ARG B 40 2.25 -7.27 27.91
N GLN B 41 3.15 -8.28 27.91
CA GLN B 41 4.59 -8.08 28.07
C GLN B 41 5.26 -7.68 26.75
N ARG B 42 4.68 -8.06 25.59
CA ARG B 42 5.20 -7.69 24.26
C ARG B 42 5.03 -6.19 24.07
N ARG B 43 3.93 -5.62 24.62
CA ARG B 43 3.61 -4.19 24.59
C ARG B 43 4.68 -3.40 25.34
N ILE B 44 5.16 -3.94 26.49
CA ILE B 44 6.20 -3.33 27.34
C ILE B 44 7.49 -3.16 26.52
N TYR B 45 7.91 -4.21 25.77
CA TYR B 45 9.11 -4.20 24.93
C TYR B 45 9.02 -3.16 23.81
N LYS B 46 7.83 -3.03 23.18
CA LYS B 46 7.59 -2.10 22.09
C LYS B 46 7.37 -0.66 22.56
N THR B 47 6.78 -0.47 23.77
CA THR B 47 6.52 0.86 24.32
C THR B 47 7.77 1.45 24.98
N THR B 48 8.35 0.75 25.99
CA THR B 48 9.53 1.24 26.73
C THR B 48 10.79 1.16 25.85
N THR B 49 10.97 2.20 25.02
CA THR B 49 12.10 2.36 24.10
C THR B 49 13.22 3.16 24.80
N HIS B 50 12.86 4.01 25.78
CA HIS B 50 13.78 4.84 26.58
C HIS B 50 14.10 4.14 27.90
N VAL B 51 15.37 4.25 28.35
CA VAL B 51 15.84 3.65 29.60
C VAL B 51 15.19 4.31 30.82
N PRO B 52 14.62 3.52 31.77
CA PRO B 52 13.99 4.11 32.96
C PRO B 52 15.01 4.73 33.92
N PRO B 53 14.61 5.72 34.77
CA PRO B 53 15.58 6.34 35.69
C PRO B 53 16.06 5.39 36.80
N GLU B 54 15.20 4.44 37.22
CA GLU B 54 15.50 3.44 38.25
C GLU B 54 16.55 2.45 37.76
N LEU B 55 16.38 1.91 36.53
CA LEU B 55 17.27 0.95 35.89
C LEU B 55 18.38 1.65 35.07
N GLY B 56 18.59 2.95 35.32
CA GLY B 56 19.57 3.78 34.65
C GLY B 56 21.01 3.36 34.89
N GLN B 57 21.33 2.99 36.14
CA GLN B 57 22.66 2.56 36.56
C GLN B 57 22.90 1.07 36.22
N ILE B 58 21.80 0.30 36.07
CA ILE B 58 21.83 -1.14 35.77
C ILE B 58 22.29 -1.42 34.33
N MET B 59 21.68 -0.77 33.31
CA MET B 59 22.04 -0.98 31.89
C MET B 59 22.04 0.32 31.09
N ASP B 60 23.04 0.49 30.20
CA ASP B 60 23.18 1.67 29.34
C ASP B 60 22.22 1.58 28.15
N SER B 61 21.98 2.72 27.46
CA SER B 61 21.07 2.83 26.31
C SER B 61 21.39 1.84 25.18
N GLU B 62 22.70 1.59 24.92
CA GLU B 62 23.16 0.67 23.88
C GLU B 62 22.82 -0.77 24.25
N THR B 63 23.11 -1.18 25.50
CA THR B 63 22.84 -2.52 26.03
C THR B 63 21.32 -2.73 26.16
N PHE B 64 20.58 -1.67 26.55
CA PHE B 64 19.12 -1.70 26.71
C PHE B 64 18.42 -1.93 25.38
N GLU B 65 18.85 -1.22 24.30
CA GLU B 65 18.25 -1.38 22.96
C GLU B 65 18.65 -2.73 22.36
N LYS B 66 19.85 -3.25 22.71
CA LYS B 66 20.32 -4.56 22.28
C LYS B 66 19.46 -5.65 22.93
N SER B 67 19.06 -5.41 24.20
CA SER B 67 18.20 -6.28 25.01
C SER B 67 16.75 -6.18 24.53
N ARG B 68 16.30 -4.95 24.18
CA ARG B 68 14.95 -4.64 23.70
C ARG B 68 14.65 -5.39 22.40
N LEU B 69 15.55 -5.28 21.40
CA LEU B 69 15.42 -5.94 20.09
C LEU B 69 15.47 -7.47 20.22
N TYR B 70 16.31 -8.00 21.16
CA TYR B 70 16.47 -9.44 21.42
C TYR B 70 15.20 -10.05 22.02
N GLN B 71 14.63 -9.39 23.06
CA GLN B 71 13.43 -9.87 23.74
C GLN B 71 12.19 -9.74 22.85
N LEU B 72 12.22 -8.80 21.89
CA LEU B 72 11.15 -8.56 20.93
C LEU B 72 11.09 -9.69 19.90
N ASP B 73 12.27 -10.11 19.37
CA ASP B 73 12.42 -11.22 18.41
C ASP B 73 12.04 -12.55 19.06
N LYS B 74 12.37 -12.69 20.36
CA LYS B 74 12.08 -13.87 21.16
C LYS B 74 10.57 -14.00 21.40
N SER B 75 9.88 -12.85 21.64
CA SER B 75 8.44 -12.78 21.88
C SER B 75 7.64 -13.19 20.63
N THR B 76 8.07 -12.67 19.44
CA THR B 76 7.45 -12.94 18.13
C THR B 76 7.53 -14.43 17.82
N PHE B 77 8.72 -15.03 18.00
CA PHE B 77 8.95 -16.46 17.78
C PHE B 77 8.12 -17.29 18.74
N SER B 78 8.17 -16.93 20.05
CA SER B 78 7.47 -17.59 21.15
C SER B 78 5.97 -17.74 20.83
N PHE B 79 5.36 -16.70 20.20
CA PHE B 79 3.94 -16.71 19.84
C PHE B 79 3.63 -17.76 18.77
N TRP B 80 4.26 -17.65 17.58
CA TRP B 80 4.05 -18.52 16.42
C TRP B 80 4.46 -19.98 16.70
N SER B 81 5.58 -20.21 17.43
CA SER B 81 5.99 -21.56 17.79
C SER B 81 4.99 -22.15 18.81
N GLY B 82 4.45 -21.29 19.68
CA GLY B 82 3.42 -21.66 20.65
C GLY B 82 2.07 -21.91 20.02
N LEU B 83 1.71 -21.07 19.03
CA LEU B 83 0.45 -21.17 18.28
C LEU B 83 0.43 -22.46 17.44
N TYR B 84 1.57 -22.80 16.80
CA TYR B 84 1.70 -24.01 15.99
C TYR B 84 1.48 -25.25 16.85
N SER B 85 2.11 -25.28 18.06
CA SER B 85 2.01 -26.37 19.01
C SER B 85 0.59 -26.56 19.49
N GLU B 86 -0.08 -25.45 19.89
CA GLU B 86 -1.45 -25.41 20.38
C GLU B 86 -2.43 -25.87 19.30
N THR B 87 -2.14 -25.54 18.03
CA THR B 87 -2.97 -25.95 16.91
C THR B 87 -2.72 -27.43 16.64
N GLU B 88 -1.44 -27.86 16.61
CA GLU B 88 -1.04 -29.26 16.41
C GLU B 88 -1.71 -30.21 17.39
N GLY B 89 -1.60 -29.90 18.69
CA GLY B 89 -2.19 -30.68 19.76
C GLY B 89 -3.68 -30.84 19.56
N THR B 90 -4.37 -29.71 19.30
CA THR B 90 -5.82 -29.64 19.08
C THR B 90 -6.20 -30.48 17.85
N LEU B 91 -5.50 -30.28 16.70
CA LEU B 91 -5.80 -31.01 15.46
C LEU B 91 -5.59 -32.52 15.62
N ILE B 92 -4.47 -32.97 16.23
CA ILE B 92 -4.18 -34.39 16.46
C ILE B 92 -5.33 -35.04 17.26
N LEU B 93 -5.79 -34.37 18.34
CA LEU B 93 -6.88 -34.89 19.17
C LEU B 93 -8.21 -34.99 18.39
N LEU B 94 -8.62 -33.90 17.69
CA LEU B 94 -9.86 -33.82 16.91
C LEU B 94 -9.85 -34.76 15.72
N PHE B 95 -8.70 -34.85 15.02
CA PHE B 95 -8.50 -35.70 13.85
C PHE B 95 -8.41 -37.18 14.26
N GLY B 96 -8.13 -37.43 15.54
CA GLY B 96 -8.01 -38.77 16.11
C GLY B 96 -6.70 -39.44 15.75
N GLY B 97 -5.59 -38.71 15.95
CA GLY B 97 -4.24 -39.17 15.67
C GLY B 97 -3.78 -40.28 16.58
N ILE B 98 -3.84 -40.04 17.91
CA ILE B 98 -3.44 -40.97 18.99
C ILE B 98 -4.13 -42.37 18.85
N PRO B 99 -5.48 -42.53 18.71
CA PRO B 99 -6.04 -43.89 18.58
C PRO B 99 -5.60 -44.61 17.31
N TYR B 100 -5.47 -43.86 16.19
CA TYR B 100 -5.04 -44.40 14.90
C TYR B 100 -3.54 -44.74 14.93
N LEU B 101 -2.72 -43.95 15.65
CA LEU B 101 -1.28 -44.23 15.81
C LEU B 101 -1.13 -45.52 16.63
N TRP B 102 -2.02 -45.72 17.62
CA TRP B 102 -2.06 -46.89 18.47
C TRP B 102 -2.37 -48.15 17.64
N ARG B 103 -3.27 -48.03 16.64
CA ARG B 103 -3.64 -49.12 15.73
C ARG B 103 -2.46 -49.50 14.83
N LEU B 104 -1.72 -48.49 14.32
CA LEU B 104 -0.55 -48.65 13.44
C LEU B 104 0.68 -49.18 14.18
N SER B 105 0.69 -49.06 15.52
CA SER B 105 1.79 -49.60 16.33
C SER B 105 1.40 -50.99 16.88
N GLY B 106 0.65 -51.74 16.07
CA GLY B 106 0.21 -53.10 16.40
C GLY B 106 0.75 -54.13 15.44
N ARG B 107 -0.10 -55.16 15.12
CA ARG B 107 0.14 -56.30 14.22
C ARG B 107 1.40 -57.07 14.60
N PRO B 116 -0.02 -59.61 28.62
CA PRO B 116 0.50 -58.30 29.05
C PRO B 116 1.69 -57.86 28.19
N GLU B 117 2.52 -58.82 27.73
CA GLU B 117 3.71 -58.59 26.91
C GLU B 117 3.36 -57.90 25.57
N TYR B 118 2.24 -58.30 24.95
CA TYR B 118 1.75 -57.77 23.66
C TYR B 118 1.28 -56.32 23.76
N GLU B 119 0.69 -55.92 24.91
CA GLU B 119 0.20 -54.55 25.14
C GLU B 119 1.38 -53.62 25.42
N ILE B 120 2.35 -54.07 26.24
CA ILE B 120 3.54 -53.29 26.62
C ILE B 120 4.44 -53.09 25.37
N THR B 121 4.53 -54.10 24.47
CA THR B 121 5.30 -53.98 23.22
C THR B 121 4.64 -52.92 22.34
N GLN B 122 3.29 -52.94 22.24
CA GLN B 122 2.49 -51.96 21.50
C GLN B 122 2.68 -50.57 22.12
N SER B 123 2.70 -50.48 23.47
CA SER B 123 2.96 -49.26 24.23
C SER B 123 4.36 -48.73 23.93
N LEU B 124 5.34 -49.64 23.76
CA LEU B 124 6.74 -49.33 23.47
C LEU B 124 6.94 -48.80 22.05
N VAL B 125 6.38 -49.47 21.02
CA VAL B 125 6.54 -49.04 19.62
C VAL B 125 5.76 -47.72 19.40
N PHE B 126 4.56 -47.56 20.01
CA PHE B 126 3.75 -46.33 19.93
C PHE B 126 4.57 -45.15 20.45
N LEU B 127 5.20 -45.34 21.62
CA LEU B 127 6.05 -44.37 22.31
C LEU B 127 7.24 -43.93 21.41
N LEU B 128 7.89 -44.90 20.73
CA LEU B 128 9.03 -44.70 19.82
C LEU B 128 8.64 -43.83 18.62
N LEU B 129 7.42 -44.04 18.10
CA LEU B 129 6.87 -43.33 16.95
C LEU B 129 6.42 -41.94 17.37
N ALA B 130 5.73 -41.83 18.52
CA ALA B 130 5.24 -40.57 19.04
C ALA B 130 6.42 -39.59 19.25
N THR B 131 7.54 -40.09 19.87
CA THR B 131 8.74 -39.28 20.10
C THR B 131 9.52 -39.02 18.78
N LEU B 132 9.33 -39.88 17.75
CA LEU B 132 9.96 -39.64 16.45
C LEU B 132 9.27 -38.46 15.75
N PHE B 133 7.93 -38.47 15.72
CA PHE B 133 7.11 -37.38 15.14
C PHE B 133 7.32 -36.11 15.98
N SER B 134 7.37 -36.25 17.33
CA SER B 134 7.60 -35.13 18.27
C SER B 134 8.90 -34.41 17.95
N ALA B 135 10.00 -35.18 17.75
CA ALA B 135 11.36 -34.69 17.51
C ALA B 135 11.47 -33.97 16.17
N LEU B 136 11.03 -34.63 15.08
CA LEU B 136 11.11 -34.13 13.71
C LEU B 136 10.24 -32.90 13.45
N ALA B 137 9.01 -32.85 14.01
CA ALA B 137 8.09 -31.74 13.80
C ALA B 137 8.55 -30.44 14.50
N GLY B 138 9.32 -30.58 15.59
CA GLY B 138 9.80 -29.45 16.37
C GLY B 138 11.20 -28.98 16.04
N LEU B 139 11.97 -29.83 15.34
CA LEU B 139 13.35 -29.57 14.90
C LEU B 139 13.47 -28.30 14.01
N PRO B 140 12.56 -27.99 13.03
CA PRO B 140 12.72 -26.75 12.25
C PRO B 140 12.58 -25.48 13.10
N TRP B 141 11.69 -25.52 14.13
CA TRP B 141 11.47 -24.41 15.05
C TRP B 141 12.72 -24.18 15.90
N SER B 142 13.31 -25.30 16.38
CA SER B 142 14.55 -25.37 17.17
C SER B 142 15.74 -24.82 16.37
N LEU B 143 15.82 -25.20 15.07
CA LEU B 143 16.86 -24.77 14.13
C LEU B 143 16.74 -23.25 13.88
N TYR B 144 15.50 -22.73 13.83
CA TYR B 144 15.25 -21.30 13.64
C TYR B 144 15.68 -20.51 14.86
N ASN B 145 15.31 -20.97 16.07
CA ASN B 145 15.65 -20.28 17.31
C ASN B 145 17.16 -20.11 17.48
N THR B 146 17.96 -21.18 17.30
CA THR B 146 19.40 -21.08 17.50
C THR B 146 20.10 -20.36 16.34
N PHE B 147 19.74 -20.66 15.07
CA PHE B 147 20.42 -20.08 13.92
C PHE B 147 19.84 -18.77 13.38
N VAL B 148 18.68 -18.31 13.89
CA VAL B 148 18.17 -17.01 13.42
C VAL B 148 18.07 -16.06 14.62
N ILE B 149 17.33 -16.41 15.70
CA ILE B 149 17.20 -15.52 16.87
C ILE B 149 18.53 -15.42 17.66
N GLU B 150 19.03 -16.56 18.20
CA GLU B 150 20.27 -16.59 18.98
C GLU B 150 21.50 -16.17 18.16
N GLU B 151 21.45 -16.35 16.82
CA GLU B 151 22.56 -15.98 15.95
C GLU B 151 22.53 -14.49 15.63
N LYS B 152 21.34 -13.91 15.36
CA LYS B 152 21.16 -12.48 15.02
C LYS B 152 21.62 -11.60 16.20
N HIS B 153 21.34 -12.03 17.43
CA HIS B 153 21.67 -11.29 18.65
C HIS B 153 22.99 -11.79 19.28
N GLY B 154 23.83 -12.41 18.45
CA GLY B 154 25.17 -12.90 18.76
C GLY B 154 25.38 -13.79 19.96
N PHE B 155 24.36 -14.58 20.35
CA PHE B 155 24.47 -15.49 21.49
C PHE B 155 25.03 -16.82 21.04
N ASN B 156 24.46 -17.41 19.96
CA ASN B 156 24.83 -18.71 19.41
C ASN B 156 26.28 -18.77 18.96
N GLN B 157 26.91 -19.91 19.28
CA GLN B 157 28.29 -20.27 18.96
C GLN B 157 28.33 -21.62 18.23
N GLN B 158 27.15 -22.27 18.14
CA GLN B 158 26.94 -23.56 17.49
C GLN B 158 27.07 -23.50 15.97
N THR B 159 27.55 -24.60 15.39
CA THR B 159 27.61 -24.80 13.95
C THR B 159 26.43 -25.72 13.60
N LEU B 160 26.05 -25.81 12.30
CA LEU B 160 24.93 -26.64 11.88
C LEU B 160 25.20 -28.12 12.18
N GLY B 161 26.47 -28.52 12.05
CA GLY B 161 26.92 -29.88 12.34
C GLY B 161 26.75 -30.25 13.79
N PHE B 162 27.22 -29.36 14.72
CA PHE B 162 27.12 -29.56 16.16
C PHE B 162 25.66 -29.65 16.59
N PHE B 163 24.79 -28.78 16.04
CA PHE B 163 23.36 -28.76 16.33
C PHE B 163 22.73 -30.09 15.92
N MET B 164 23.05 -30.57 14.70
CA MET B 164 22.55 -31.82 14.16
C MET B 164 23.04 -33.02 14.96
N LYS B 165 24.37 -33.12 15.19
CA LYS B 165 24.99 -34.23 15.92
C LYS B 165 24.45 -34.32 17.36
N ASP B 166 24.21 -33.17 17.99
CA ASP B 166 23.67 -33.08 19.35
C ASP B 166 22.20 -33.51 19.40
N ALA B 167 21.39 -33.12 18.39
CA ALA B 167 19.96 -33.47 18.28
C ALA B 167 19.77 -34.97 18.25
N ILE B 168 20.59 -35.69 17.45
CA ILE B 168 20.56 -37.14 17.33
C ILE B 168 21.06 -37.75 18.65
N LYS B 169 22.21 -37.27 19.17
CA LYS B 169 22.80 -37.71 20.44
C LYS B 169 21.74 -37.69 21.56
N LYS B 170 21.11 -36.52 21.76
CA LYS B 170 20.08 -36.31 22.78
C LYS B 170 18.88 -37.22 22.53
N PHE B 171 18.40 -37.30 21.26
CA PHE B 171 17.27 -38.16 20.88
C PHE B 171 17.55 -39.61 21.30
N VAL B 172 18.72 -40.15 20.90
CA VAL B 172 19.19 -41.51 21.19
C VAL B 172 19.18 -41.76 22.71
N VAL B 173 19.90 -40.92 23.48
CA VAL B 173 20.02 -41.02 24.94
C VAL B 173 18.62 -41.00 25.60
N THR B 174 17.69 -40.14 25.11
CA THR B 174 16.31 -40.06 25.62
C THR B 174 15.63 -41.42 25.52
N GLN B 175 15.61 -42.01 24.30
CA GLN B 175 14.98 -43.31 24.03
C GLN B 175 15.54 -44.41 24.96
N CYS B 176 16.87 -44.44 25.13
CA CYS B 176 17.59 -45.42 25.93
C CYS B 176 17.27 -45.33 27.43
N ILE B 177 16.65 -44.23 27.87
CA ILE B 177 16.22 -44.03 29.25
C ILE B 177 14.70 -44.26 29.30
N LEU B 178 13.98 -43.70 28.31
CA LEU B 178 12.53 -43.77 28.21
C LEU B 178 12.04 -45.23 28.14
N LEU B 179 12.35 -45.94 27.04
CA LEU B 179 11.94 -47.32 26.77
C LEU B 179 12.10 -48.30 27.97
N PRO B 180 13.25 -48.42 28.68
CA PRO B 180 13.32 -49.37 29.81
C PRO B 180 12.49 -48.92 31.01
N VAL B 181 12.47 -47.60 31.32
CA VAL B 181 11.72 -47.01 32.43
C VAL B 181 10.21 -47.18 32.17
N SER B 182 9.75 -46.83 30.93
CA SER B 182 8.36 -46.90 30.47
C SER B 182 7.80 -48.31 30.58
N SER B 183 8.50 -49.31 29.99
CA SER B 183 8.12 -50.74 30.00
C SER B 183 7.96 -51.26 31.43
N LEU B 184 8.94 -50.99 32.31
CA LEU B 184 8.93 -51.40 33.71
C LEU B 184 7.78 -50.73 34.48
N LEU B 185 7.50 -49.44 34.20
CA LEU B 185 6.40 -48.69 34.83
C LEU B 185 5.06 -49.32 34.45
N LEU B 186 4.88 -49.66 33.15
CA LEU B 186 3.68 -50.31 32.62
C LEU B 186 3.54 -51.72 33.19
N TYR B 187 4.67 -52.41 33.38
CA TYR B 187 4.75 -53.76 33.93
C TYR B 187 4.15 -53.77 35.33
N ILE B 188 4.54 -52.81 36.19
CA ILE B 188 4.07 -52.70 37.57
C ILE B 188 2.54 -52.46 37.61
N ILE B 189 2.00 -51.56 36.76
CA ILE B 189 0.56 -51.24 36.73
C ILE B 189 -0.25 -52.49 36.29
N LYS B 190 0.17 -53.13 35.17
CA LYS B 190 -0.50 -54.30 34.60
C LYS B 190 -0.39 -55.53 35.52
N ILE B 191 0.79 -55.81 36.11
CA ILE B 191 1.01 -56.98 36.98
C ILE B 191 0.46 -56.71 38.39
N GLY B 192 0.95 -55.66 39.05
CA GLY B 192 0.56 -55.29 40.41
C GLY B 192 -0.90 -54.96 40.61
N GLY B 193 -1.32 -54.96 41.88
CA GLY B 193 -2.70 -54.67 42.28
C GLY B 193 -3.07 -55.27 43.62
N ASP B 194 -4.19 -54.83 44.24
CA ASP B 194 -5.09 -53.76 43.76
C ASP B 194 -4.53 -52.37 44.13
N TYR B 195 -3.44 -52.36 44.92
CA TYR B 195 -2.73 -51.18 45.40
C TYR B 195 -1.45 -50.93 44.56
N PHE B 196 -1.59 -51.02 43.22
CA PHE B 196 -0.50 -50.85 42.24
C PHE B 196 0.11 -49.44 42.24
N PHE B 197 -0.68 -48.42 42.64
CA PHE B 197 -0.27 -47.01 42.64
C PHE B 197 0.84 -46.70 43.66
N ILE B 198 1.11 -47.61 44.61
CA ILE B 198 2.17 -47.42 45.62
C ILE B 198 3.50 -47.88 45.01
N TYR B 199 3.52 -49.11 44.42
CA TYR B 199 4.73 -49.67 43.80
C TYR B 199 5.14 -48.85 42.56
N ALA B 200 4.16 -48.33 41.77
CA ALA B 200 4.41 -47.50 40.58
C ALA B 200 4.93 -46.11 40.98
N TRP B 201 4.49 -45.60 42.14
CA TRP B 201 4.95 -44.32 42.68
C TRP B 201 6.35 -44.48 43.26
N LEU B 202 6.60 -45.60 43.96
CA LEU B 202 7.89 -45.91 44.55
C LEU B 202 8.93 -46.21 43.47
N PHE B 203 8.51 -46.77 42.32
CA PHE B 203 9.40 -47.06 41.19
C PHE B 203 9.87 -45.74 40.56
N THR B 204 8.93 -44.79 40.34
CA THR B 204 9.22 -43.47 39.79
C THR B 204 10.07 -42.67 40.80
N LEU B 205 9.87 -42.91 42.11
CA LEU B 205 10.63 -42.29 43.21
C LEU B 205 12.11 -42.70 43.12
N VAL B 206 12.37 -43.99 42.85
CA VAL B 206 13.72 -44.55 42.70
C VAL B 206 14.35 -44.02 41.41
N VAL B 207 13.63 -44.16 40.27
CA VAL B 207 14.05 -43.71 38.93
C VAL B 207 14.39 -42.19 38.93
N SER B 208 13.60 -41.37 39.67
CA SER B 208 13.85 -39.92 39.78
C SER B 208 15.17 -39.63 40.49
N LEU B 209 15.35 -40.16 41.72
CA LEU B 209 16.56 -39.97 42.54
C LEU B 209 17.82 -40.58 41.90
N VAL B 210 17.67 -41.68 41.11
CA VAL B 210 18.79 -42.33 40.42
C VAL B 210 19.26 -41.41 39.28
N LEU B 211 18.32 -40.93 38.43
CA LEU B 211 18.63 -40.03 37.31
C LEU B 211 19.19 -38.68 37.79
N VAL B 212 18.84 -38.24 39.02
CA VAL B 212 19.31 -36.98 39.60
C VAL B 212 20.84 -37.07 39.88
N THR B 213 21.29 -38.21 40.46
CA THR B 213 22.70 -38.45 40.80
C THR B 213 23.52 -38.80 39.55
N ILE B 214 22.95 -39.60 38.61
CA ILE B 214 23.62 -40.09 37.40
C ILE B 214 23.84 -38.97 36.35
N TYR B 215 22.81 -38.15 36.06
CA TYR B 215 22.79 -37.11 35.02
C TYR B 215 24.13 -36.37 34.81
N ALA B 216 24.50 -35.45 35.72
CA ALA B 216 25.70 -34.63 35.59
C ALA B 216 27.00 -35.44 35.53
N ASP B 217 26.99 -36.66 36.11
CA ASP B 217 28.15 -37.54 36.14
C ASP B 217 28.34 -38.35 34.85
N TYR B 218 27.24 -38.84 34.24
CA TYR B 218 27.30 -39.72 33.06
C TYR B 218 26.57 -39.20 31.81
N ILE B 219 25.31 -38.76 31.96
CA ILE B 219 24.47 -38.28 30.84
C ILE B 219 24.98 -36.92 30.30
N ALA B 220 25.04 -35.89 31.16
CA ALA B 220 25.45 -34.52 30.81
C ALA B 220 26.85 -34.40 30.13
N PRO B 221 27.93 -35.11 30.53
CA PRO B 221 29.22 -34.92 29.84
C PRO B 221 29.25 -35.41 28.38
N LEU B 222 28.24 -36.17 27.94
CA LEU B 222 28.13 -36.68 26.57
C LEU B 222 27.79 -35.58 25.57
N PHE B 223 27.05 -34.55 26.04
CA PHE B 223 26.59 -33.44 25.21
C PHE B 223 27.46 -32.19 25.34
N ASP B 224 28.08 -31.96 26.53
CA ASP B 224 28.95 -30.82 26.80
C ASP B 224 30.28 -31.23 27.42
N LYS B 225 31.37 -30.54 27.04
CA LYS B 225 32.73 -30.83 27.52
C LYS B 225 32.90 -30.41 28.99
N PHE B 226 33.08 -31.41 29.87
CA PHE B 226 33.30 -31.24 31.31
C PHE B 226 34.77 -31.42 31.63
N THR B 227 35.39 -30.40 32.25
CA THR B 227 36.80 -30.43 32.66
C THR B 227 36.92 -29.89 34.08
N PRO B 228 37.80 -30.46 34.94
CA PRO B 228 37.93 -29.94 36.32
C PRO B 228 38.55 -28.54 36.32
N LEU B 229 38.07 -27.67 37.23
CA LEU B 229 38.53 -26.29 37.39
C LEU B 229 40.02 -26.26 37.76
N PRO B 230 40.86 -25.50 37.02
CA PRO B 230 42.30 -25.46 37.35
C PRO B 230 42.57 -24.76 38.67
N GLU B 231 43.64 -25.18 39.37
CA GLU B 231 44.05 -24.64 40.67
C GLU B 231 44.45 -23.17 40.54
N GLY B 232 43.92 -22.35 41.44
CA GLY B 232 44.18 -20.92 41.48
C GLY B 232 43.48 -20.22 42.63
N LYS B 233 43.32 -18.88 42.51
CA LYS B 233 42.67 -18.03 43.52
C LYS B 233 41.17 -18.35 43.61
N LEU B 234 40.53 -18.67 42.46
CA LEU B 234 39.11 -19.01 42.41
C LEU B 234 38.86 -20.41 42.98
N LYS B 235 39.70 -21.40 42.60
CA LYS B 235 39.61 -22.80 43.04
C LYS B 235 39.80 -22.94 44.55
N GLU B 236 40.74 -22.16 45.13
CA GLU B 236 41.05 -22.18 46.57
C GLU B 236 39.94 -21.53 47.41
N GLU B 237 39.43 -20.36 46.96
CA GLU B 237 38.39 -19.59 47.65
C GLU B 237 37.03 -20.32 47.68
N ILE B 238 36.75 -21.17 46.66
CA ILE B 238 35.51 -21.96 46.59
C ILE B 238 35.52 -23.04 47.67
N GLU B 239 36.70 -23.69 47.89
CA GLU B 239 36.91 -24.73 48.90
C GLU B 239 36.80 -24.14 50.31
N VAL B 240 37.26 -22.88 50.50
CA VAL B 240 37.22 -22.12 51.75
C VAL B 240 35.74 -21.85 52.11
N MET B 241 34.93 -21.44 51.11
CA MET B 241 33.49 -21.18 51.23
C MET B 241 32.73 -22.48 51.51
N ALA B 242 33.13 -23.58 50.83
CA ALA B 242 32.52 -24.91 50.96
C ALA B 242 32.71 -25.48 52.38
N LYS B 243 33.92 -25.29 52.96
CA LYS B 243 34.26 -25.75 54.31
C LYS B 243 33.54 -24.89 55.36
N SER B 244 33.32 -23.60 55.05
CA SER B 244 32.66 -22.62 55.92
C SER B 244 31.18 -22.97 56.15
N ILE B 245 30.47 -23.37 55.08
CA ILE B 245 29.05 -23.74 55.13
C ILE B 245 28.86 -25.24 55.48
N ASP B 246 29.99 -25.99 55.59
CA ASP B 246 30.07 -27.43 55.86
C ASP B 246 29.54 -28.25 54.66
N PHE B 247 29.67 -27.69 53.44
CA PHE B 247 29.28 -28.30 52.16
C PHE B 247 30.34 -29.34 51.79
N PRO B 248 29.97 -30.65 51.67
CA PRO B 248 31.00 -31.67 51.37
C PRO B 248 31.38 -31.67 49.87
N LEU B 249 32.21 -30.69 49.49
CA LEU B 249 32.69 -30.50 48.12
C LEU B 249 33.76 -31.55 47.76
N THR B 250 33.58 -32.20 46.60
CA THR B 250 34.46 -33.24 46.07
C THR B 250 35.32 -32.63 44.95
N LYS B 251 34.67 -32.18 43.84
CA LYS B 251 35.33 -31.59 42.69
C LYS B 251 34.57 -30.36 42.16
N VAL B 252 35.29 -29.48 41.46
CA VAL B 252 34.74 -28.27 40.83
C VAL B 252 34.99 -28.39 39.32
N TYR B 253 33.93 -28.31 38.50
CA TYR B 253 34.02 -28.45 37.05
C TYR B 253 33.73 -27.14 36.30
N VAL B 254 34.32 -27.01 35.10
CA VAL B 254 34.11 -25.88 34.19
C VAL B 254 33.60 -26.47 32.85
N VAL B 255 32.29 -26.27 32.60
CA VAL B 255 31.56 -26.76 31.42
C VAL B 255 31.78 -25.82 30.25
N GLU B 256 32.13 -26.39 29.07
CA GLU B 256 32.35 -25.62 27.85
C GLU B 256 31.00 -25.21 27.25
N GLY B 257 30.36 -24.23 27.89
CA GLY B 257 29.09 -23.66 27.46
C GLY B 257 29.27 -22.68 26.32
N SER B 258 30.53 -22.17 26.14
CA SER B 258 30.94 -21.23 25.10
C SER B 258 30.92 -21.88 23.70
N LYS B 259 30.75 -23.21 23.62
CA LYS B 259 30.65 -23.97 22.37
C LYS B 259 29.22 -23.91 21.83
N ARG B 260 28.24 -23.67 22.73
CA ARG B 260 26.82 -23.57 22.40
C ARG B 260 26.35 -22.12 22.29
N SER B 261 26.38 -21.35 23.41
CA SER B 261 25.93 -19.96 23.46
C SER B 261 26.66 -19.15 24.54
N SER B 262 26.57 -17.81 24.45
CA SER B 262 27.17 -16.85 25.38
C SER B 262 26.43 -16.79 26.73
N HIS B 263 25.39 -17.65 26.91
CA HIS B 263 24.57 -17.71 28.12
C HIS B 263 25.32 -18.42 29.26
N SER B 264 25.32 -17.79 30.45
CA SER B 264 25.99 -18.25 31.67
C SER B 264 25.08 -19.13 32.53
N ASN B 265 25.69 -20.01 33.37
CA ASN B 265 24.98 -20.93 34.28
C ASN B 265 25.94 -21.48 35.37
N ALA B 266 25.38 -21.89 36.53
CA ALA B 266 26.10 -22.48 37.67
C ALA B 266 25.14 -23.28 38.57
N TYR B 267 25.52 -24.52 38.91
CA TYR B 267 24.71 -25.40 39.77
C TYR B 267 25.57 -26.42 40.53
N PHE B 268 24.97 -27.15 41.47
CA PHE B 268 25.63 -28.21 42.25
C PHE B 268 24.85 -29.53 42.11
N TYR B 269 25.51 -30.66 42.38
CA TYR B 269 24.91 -32.00 42.31
C TYR B 269 25.63 -32.98 43.24
N GLY B 270 24.90 -33.95 43.76
CA GLY B 270 25.43 -34.95 44.67
C GLY B 270 24.36 -35.66 45.47
N PHE B 271 24.73 -36.74 46.16
CA PHE B 271 23.79 -37.53 46.94
C PHE B 271 23.86 -37.16 48.44
N PHE B 272 25.04 -37.33 49.07
CA PHE B 272 25.25 -37.01 50.47
C PHE B 272 26.59 -36.31 50.65
N LYS B 273 27.63 -37.05 51.12
CA LYS B 273 28.98 -36.54 51.37
C LYS B 273 29.78 -36.32 50.07
N ASN B 274 29.22 -36.69 48.89
CA ASN B 274 29.88 -36.52 47.61
C ASN B 274 29.14 -35.48 46.74
N LYS B 275 29.30 -34.19 47.09
CA LYS B 275 28.69 -33.06 46.37
C LYS B 275 29.74 -32.39 45.47
N ARG B 276 29.34 -31.97 44.27
CA ARG B 276 30.25 -31.32 43.30
C ARG B 276 29.63 -30.04 42.71
N ILE B 277 30.46 -29.01 42.54
CA ILE B 277 30.07 -27.71 41.98
C ILE B 277 30.35 -27.70 40.46
N VAL B 278 29.37 -27.21 39.67
CA VAL B 278 29.49 -27.10 38.21
C VAL B 278 29.34 -25.63 37.79
N LEU B 279 30.37 -25.09 37.13
CA LEU B 279 30.44 -23.73 36.63
C LEU B 279 30.55 -23.71 35.12
N PHE B 280 30.04 -22.64 34.47
CA PHE B 280 30.12 -22.49 33.01
C PHE B 280 31.25 -21.53 32.68
N ASP B 281 31.99 -21.77 31.58
CA ASP B 281 33.08 -20.88 31.18
C ASP B 281 32.54 -19.48 30.80
N THR B 282 31.26 -19.41 30.41
CA THR B 282 30.53 -18.19 30.05
C THR B 282 30.24 -17.32 31.29
N LEU B 283 30.38 -17.90 32.50
CA LEU B 283 30.17 -17.24 33.79
C LEU B 283 31.51 -16.84 34.43
N LEU B 284 32.61 -17.52 34.06
CA LEU B 284 33.94 -17.32 34.65
C LEU B 284 34.86 -16.39 33.86
N GLU B 285 34.89 -16.51 32.51
CA GLU B 285 35.77 -15.72 31.63
C GLU B 285 35.57 -14.20 31.79
N GLN B 322 32.95 -10.14 29.53
CA GLN B 322 33.06 -11.53 29.10
C GLN B 322 32.21 -12.47 29.99
N GLY B 323 32.33 -12.31 31.30
CA GLY B 323 31.61 -13.11 32.29
C GLY B 323 31.53 -12.39 33.63
N CYS B 324 32.03 -13.03 34.70
CA CYS B 324 32.05 -12.49 36.06
C CYS B 324 33.43 -12.69 36.70
N LYS B 325 33.86 -11.71 37.52
CA LYS B 325 35.12 -11.74 38.26
C LYS B 325 35.02 -12.79 39.39
N ASN B 326 36.17 -13.31 39.85
CA ASN B 326 36.26 -14.33 40.91
C ASN B 326 35.42 -13.98 42.15
N GLU B 327 35.43 -12.69 42.57
CA GLU B 327 34.66 -12.19 43.71
C GLU B 327 33.14 -12.29 43.46
N GLU B 328 32.71 -12.04 42.21
CA GLU B 328 31.30 -12.12 41.80
C GLU B 328 30.84 -13.57 41.66
N VAL B 329 31.73 -14.46 41.16
CA VAL B 329 31.49 -15.89 40.96
C VAL B 329 31.18 -16.55 42.32
N LEU B 330 32.01 -16.26 43.34
CA LEU B 330 31.85 -16.80 44.70
C LEU B 330 30.52 -16.39 45.30
N ALA B 331 30.08 -15.13 45.03
CA ALA B 331 28.80 -14.58 45.51
C ALA B 331 27.63 -15.32 44.85
N VAL B 332 27.77 -15.67 43.55
CA VAL B 332 26.79 -16.44 42.76
C VAL B 332 26.73 -17.86 43.33
N LEU B 333 27.90 -18.40 43.76
CA LEU B 333 28.01 -19.72 44.37
C LEU B 333 27.37 -19.70 45.77
N GLY B 334 27.62 -18.65 46.53
CA GLY B 334 27.05 -18.43 47.87
C GLY B 334 25.54 -18.44 47.88
N HIS B 335 24.93 -18.01 46.75
CA HIS B 335 23.49 -18.01 46.51
C HIS B 335 23.04 -19.45 46.28
N GLU B 336 23.70 -20.18 45.35
CA GLU B 336 23.42 -21.57 44.99
C GLU B 336 23.65 -22.51 46.18
N LEU B 337 24.67 -22.22 47.02
CA LEU B 337 24.99 -22.97 48.24
C LEU B 337 23.91 -22.73 49.30
N GLY B 338 23.18 -21.62 49.14
CA GLY B 338 22.06 -21.22 49.99
C GLY B 338 20.90 -22.18 49.89
N HIS B 339 20.64 -22.69 48.66
CA HIS B 339 19.57 -23.66 48.38
C HIS B 339 19.86 -24.99 49.09
N TRP B 340 21.16 -25.33 49.24
CA TRP B 340 21.61 -26.52 49.93
C TRP B 340 21.41 -26.35 51.45
N LYS B 341 21.93 -25.24 52.03
CA LYS B 341 21.88 -24.93 53.45
C LYS B 341 20.45 -24.66 53.96
N LEU B 342 19.63 -23.93 53.19
CA LEU B 342 18.24 -23.61 53.56
C LEU B 342 17.27 -24.78 53.26
N GLY B 343 17.83 -25.87 52.72
CA GLY B 343 17.09 -27.09 52.40
C GLY B 343 16.06 -26.95 51.30
N HIS B 344 16.27 -26.00 50.37
CA HIS B 344 15.38 -25.75 49.24
C HIS B 344 15.35 -26.96 48.32
N THR B 345 16.53 -27.61 48.14
CA THR B 345 16.75 -28.80 47.32
C THR B 345 15.89 -29.95 47.83
N VAL B 346 16.00 -30.29 49.14
CA VAL B 346 15.27 -31.38 49.79
C VAL B 346 13.76 -31.11 49.77
N LYS B 347 13.33 -29.86 50.07
CA LYS B 347 11.92 -29.45 50.06
C LYS B 347 11.28 -29.65 48.67
N ASN B 348 12.02 -29.31 47.59
CA ASN B 348 11.56 -29.44 46.21
C ASN B 348 11.34 -30.91 45.80
N ILE B 349 12.13 -31.86 46.37
CA ILE B 349 11.98 -33.29 46.08
C ILE B 349 10.73 -33.81 46.80
N ILE B 350 10.56 -33.38 48.08
CA ILE B 350 9.41 -33.74 48.94
C ILE B 350 8.09 -33.28 48.29
N ILE B 351 8.10 -32.10 47.60
CA ILE B 351 6.91 -31.60 46.90
C ILE B 351 6.65 -32.45 45.66
N SER B 352 7.71 -32.74 44.84
CA SER B 352 7.60 -33.52 43.60
C SER B 352 7.11 -34.95 43.84
N GLN B 353 7.51 -35.57 44.96
CA GLN B 353 7.09 -36.94 45.30
C GLN B 353 5.71 -36.96 45.97
N MET B 354 5.30 -35.82 46.57
CA MET B 354 3.98 -35.66 47.19
C MET B 354 2.94 -35.48 46.08
N ASN B 355 3.35 -34.80 44.99
CA ASN B 355 2.54 -34.56 43.80
C ASN B 355 2.29 -35.88 43.06
N SER B 356 3.35 -36.70 42.83
CA SER B 356 3.24 -37.98 42.13
C SER B 356 2.44 -39.01 42.94
N PHE B 357 2.47 -38.94 44.29
CA PHE B 357 1.67 -39.85 45.12
C PHE B 357 0.19 -39.52 44.95
N LEU B 358 -0.16 -38.23 45.03
CA LEU B 358 -1.52 -37.72 44.86
C LEU B 358 -2.03 -38.02 43.44
N CYS B 359 -1.14 -37.91 42.43
CA CYS B 359 -1.44 -38.17 41.02
C CYS B 359 -1.70 -39.66 40.77
N PHE B 360 -0.80 -40.57 41.25
CA PHE B 360 -0.96 -42.01 41.06
C PHE B 360 -2.20 -42.53 41.79
N PHE B 361 -2.56 -41.91 42.93
CA PHE B 361 -3.75 -42.27 43.69
C PHE B 361 -5.01 -41.96 42.88
N LEU B 362 -5.13 -40.72 42.35
CA LEU B 362 -6.27 -40.28 41.54
C LEU B 362 -6.29 -41.02 40.19
N PHE B 363 -5.12 -41.48 39.71
CA PHE B 363 -4.98 -42.28 38.49
C PHE B 363 -5.63 -43.64 38.72
N ALA B 364 -5.31 -44.29 39.86
CA ALA B 364 -5.84 -45.58 40.27
C ALA B 364 -7.36 -45.53 40.42
N VAL B 365 -7.90 -44.35 40.81
CA VAL B 365 -9.33 -44.08 40.99
C VAL B 365 -10.00 -43.89 39.61
N LEU B 366 -9.33 -43.18 38.66
CA LEU B 366 -9.87 -42.85 37.35
C LEU B 366 -9.51 -43.84 36.20
N ILE B 367 -8.54 -44.76 36.39
CA ILE B 367 -8.11 -45.71 35.34
C ILE B 367 -9.26 -46.68 34.95
N GLY B 368 -10.11 -47.03 35.91
CA GLY B 368 -11.25 -47.92 35.71
C GLY B 368 -12.34 -47.34 34.85
N ARG B 369 -12.48 -46.01 34.84
CA ARG B 369 -13.51 -45.29 34.08
C ARG B 369 -13.25 -45.39 32.57
N LYS B 370 -14.19 -46.01 31.85
CA LYS B 370 -14.12 -46.20 30.40
C LYS B 370 -14.61 -44.96 29.64
N GLU B 371 -15.23 -44.00 30.37
CA GLU B 371 -15.77 -42.76 29.82
C GLU B 371 -14.65 -41.83 29.33
N LEU B 372 -13.52 -41.75 30.06
CA LEU B 372 -12.39 -40.89 29.71
C LEU B 372 -11.61 -41.42 28.48
N PHE B 373 -11.64 -42.75 28.23
CA PHE B 373 -10.99 -43.36 27.07
C PHE B 373 -11.80 -43.10 25.81
N ALA B 374 -13.14 -43.33 25.91
CA ALA B 374 -14.14 -43.13 24.85
C ALA B 374 -14.20 -41.68 24.40
N ALA B 375 -13.87 -40.75 25.32
CA ALA B 375 -13.82 -39.31 25.09
C ALA B 375 -12.82 -38.98 24.01
N PHE B 376 -11.62 -39.61 24.06
CA PHE B 376 -10.50 -39.35 23.15
C PHE B 376 -10.47 -40.29 21.90
N GLY B 377 -11.45 -41.17 21.78
CA GLY B 377 -11.56 -42.06 20.63
C GLY B 377 -11.24 -43.53 20.83
N PHE B 378 -10.96 -43.95 22.08
CA PHE B 378 -10.65 -45.34 22.42
C PHE B 378 -11.91 -46.04 22.91
N TYR B 379 -12.53 -46.84 22.04
CA TYR B 379 -13.76 -47.56 22.35
C TYR B 379 -13.52 -49.07 22.46
N ASP B 380 -12.72 -49.65 21.54
CA ASP B 380 -12.42 -51.08 21.46
C ASP B 380 -11.54 -51.58 22.61
N SER B 381 -10.67 -50.73 23.17
CA SER B 381 -9.77 -51.11 24.28
C SER B 381 -9.41 -49.93 25.17
N GLN B 382 -8.98 -50.23 26.41
CA GLN B 382 -8.53 -49.25 27.41
C GLN B 382 -7.03 -49.51 27.72
N PRO B 383 -6.10 -49.00 26.88
CA PRO B 383 -4.68 -49.30 27.11
C PRO B 383 -4.05 -48.50 28.25
N THR B 384 -3.10 -49.15 28.99
CA THR B 384 -2.43 -48.61 30.17
C THR B 384 -1.65 -47.32 29.85
N LEU B 385 -0.78 -47.32 28.82
CA LEU B 385 0.01 -46.14 28.44
C LEU B 385 -0.88 -44.98 28.04
N ILE B 386 -2.00 -45.28 27.36
CA ILE B 386 -3.02 -44.32 26.91
C ILE B 386 -3.71 -43.71 28.14
N GLY B 387 -3.94 -44.55 29.15
CA GLY B 387 -4.53 -44.13 30.43
C GLY B 387 -3.62 -43.15 31.16
N LEU B 388 -2.31 -43.40 31.11
CA LEU B 388 -1.30 -42.54 31.71
C LEU B 388 -1.24 -41.19 30.99
N LEU B 389 -1.47 -41.17 29.66
CA LEU B 389 -1.46 -39.92 28.90
C LEU B 389 -2.72 -39.11 29.15
N ILE B 390 -3.91 -39.74 28.98
CA ILE B 390 -5.22 -39.09 29.13
C ILE B 390 -5.38 -38.48 30.55
N ILE B 391 -5.16 -39.27 31.61
CA ILE B 391 -5.37 -38.81 32.99
C ILE B 391 -4.27 -37.81 33.43
N PHE B 392 -2.97 -38.14 33.25
CA PHE B 392 -1.87 -37.28 33.68
C PHE B 392 -1.71 -36.00 32.85
N GLN B 393 -1.92 -36.05 31.51
CA GLN B 393 -1.72 -34.86 30.68
C GLN B 393 -3.02 -34.10 30.32
N PHE B 394 -4.22 -34.70 30.47
CA PHE B 394 -5.44 -33.99 30.09
C PHE B 394 -6.42 -33.79 31.24
N ILE B 395 -6.79 -34.84 31.99
CA ILE B 395 -7.76 -34.74 33.09
C ILE B 395 -7.17 -33.87 34.21
N PHE B 396 -5.89 -34.12 34.58
CA PHE B 396 -5.18 -33.39 35.63
C PHE B 396 -4.75 -31.98 35.22
N SER B 397 -5.00 -31.57 33.95
CA SER B 397 -4.63 -30.24 33.41
C SER B 397 -4.93 -29.09 34.40
N PRO B 398 -6.17 -28.92 34.96
CA PRO B 398 -6.38 -27.82 35.93
C PRO B 398 -5.49 -27.92 37.17
N TYR B 399 -5.33 -29.13 37.76
CA TYR B 399 -4.47 -29.35 38.94
C TYR B 399 -3.02 -29.00 38.63
N ASN B 400 -2.51 -29.53 37.49
CA ASN B 400 -1.15 -29.34 37.01
C ASN B 400 -0.83 -27.88 36.83
N GLU B 401 -1.76 -27.11 36.22
CA GLU B 401 -1.59 -25.68 35.97
C GLU B 401 -1.53 -24.88 37.27
N VAL B 402 -2.37 -25.23 38.27
CA VAL B 402 -2.42 -24.58 39.58
C VAL B 402 -1.14 -24.90 40.35
N LEU B 403 -0.77 -26.21 40.45
CA LEU B 403 0.45 -26.67 41.13
C LEU B 403 1.71 -25.98 40.59
N SER B 404 1.79 -25.82 39.25
CA SER B 404 2.91 -25.14 38.57
C SER B 404 3.00 -23.68 38.97
N PHE B 405 1.84 -23.00 39.07
CA PHE B 405 1.77 -21.59 39.48
C PHE B 405 2.24 -21.44 40.92
N CYS B 406 1.80 -22.35 41.82
CA CYS B 406 2.15 -22.36 43.23
C CYS B 406 3.64 -22.61 43.42
N LEU B 407 4.23 -23.53 42.61
CA LEU B 407 5.65 -23.85 42.66
C LEU B 407 6.52 -22.71 42.11
N THR B 408 5.97 -21.89 41.18
CA THR B 408 6.65 -20.72 40.61
C THR B 408 6.70 -19.62 41.67
N VAL B 409 5.60 -19.48 42.45
CA VAL B 409 5.49 -18.51 43.55
C VAL B 409 6.53 -18.90 44.62
N LEU B 410 6.61 -20.22 44.95
CA LEU B 410 7.55 -20.77 45.93
C LEU B 410 9.00 -20.56 45.48
N SER B 411 9.28 -20.81 44.17
CA SER B 411 10.61 -20.65 43.57
C SER B 411 11.13 -19.23 43.74
N ARG B 412 10.25 -18.22 43.59
CA ARG B 412 10.60 -16.80 43.76
C ARG B 412 10.98 -16.52 45.21
N ARG B 413 10.20 -17.08 46.18
CA ARG B 413 10.44 -16.95 47.62
C ARG B 413 11.76 -17.65 48.01
N PHE B 414 12.03 -18.81 47.38
CA PHE B 414 13.24 -19.60 47.59
C PHE B 414 14.49 -18.89 47.06
N GLU B 415 14.33 -18.08 45.99
CA GLU B 415 15.41 -17.30 45.39
C GLU B 415 15.80 -16.13 46.31
N PHE B 416 14.78 -15.45 46.87
CA PHE B 416 14.95 -14.35 47.81
C PHE B 416 15.68 -14.81 49.08
N GLN B 417 15.36 -16.03 49.56
CA GLN B 417 15.96 -16.66 50.73
C GLN B 417 17.43 -16.97 50.46
N ALA B 418 17.74 -17.38 49.21
CA ALA B 418 19.10 -17.70 48.75
C ALA B 418 19.93 -16.42 48.51
N ASP B 419 19.27 -15.28 48.23
CA ASP B 419 19.93 -13.99 48.07
C ASP B 419 20.20 -13.39 49.45
N ALA B 420 19.31 -13.69 50.42
CA ALA B 420 19.42 -13.27 51.82
C ALA B 420 20.55 -14.04 52.51
N PHE B 421 20.76 -15.32 52.11
CA PHE B 421 21.82 -16.19 52.63
C PHE B 421 23.17 -15.69 52.13
N ALA B 422 23.22 -15.23 50.86
CA ALA B 422 24.43 -14.68 50.23
C ALA B 422 24.85 -13.37 50.92
N LYS B 423 23.85 -12.57 51.38
CA LYS B 423 24.04 -11.33 52.13
C LYS B 423 24.52 -11.65 53.54
N LYS B 424 24.03 -12.78 54.10
CA LYS B 424 24.41 -13.29 55.43
C LYS B 424 25.87 -13.80 55.43
N LEU B 425 26.40 -14.15 54.23
CA LEU B 425 27.79 -14.59 54.06
C LEU B 425 28.72 -13.37 53.90
N GLY B 426 28.12 -12.21 53.59
CA GLY B 426 28.83 -10.95 53.41
C GLY B 426 29.08 -10.55 51.97
N LYS B 427 28.78 -11.47 51.03
CA LYS B 427 28.98 -11.28 49.58
C LYS B 427 27.77 -10.60 48.92
N ALA B 428 27.06 -9.71 49.65
CA ALA B 428 25.89 -8.98 49.18
C ALA B 428 26.25 -7.96 48.10
N LYS B 429 27.36 -7.21 48.29
CA LYS B 429 27.85 -6.20 47.35
C LYS B 429 28.36 -6.85 46.06
N ASP B 430 28.97 -8.05 46.18
CA ASP B 430 29.51 -8.82 45.07
C ASP B 430 28.39 -9.47 44.24
N LEU B 431 27.29 -9.92 44.89
CA LEU B 431 26.13 -10.53 44.23
C LEU B 431 25.32 -9.45 43.48
N TYR B 432 25.22 -8.23 44.07
CA TYR B 432 24.54 -7.07 43.50
C TYR B 432 25.16 -6.74 42.13
N SER B 433 26.50 -6.70 42.08
CA SER B 433 27.28 -6.43 40.86
C SER B 433 27.17 -7.59 39.87
N ALA B 434 27.17 -8.85 40.38
CA ALA B 434 27.08 -10.08 39.58
C ALA B 434 25.75 -10.19 38.84
N LEU B 435 24.62 -10.01 39.55
CA LEU B 435 23.24 -10.07 39.03
C LEU B 435 23.04 -9.12 37.85
N ILE B 436 23.59 -7.90 37.95
CA ILE B 436 23.55 -6.85 36.93
C ILE B 436 24.40 -7.29 35.71
N LYS B 437 25.65 -7.74 35.96
CA LYS B 437 26.61 -8.20 34.96
C LYS B 437 26.09 -9.42 34.18
N LEU B 438 25.45 -10.36 34.88
CA LEU B 438 24.87 -11.57 34.26
C LEU B 438 23.63 -11.22 33.43
N ASN B 439 22.89 -10.16 33.84
CA ASN B 439 21.71 -9.66 33.13
C ASN B 439 22.14 -9.04 31.79
N LYS B 440 23.25 -8.29 31.77
CA LYS B 440 23.83 -7.69 30.56
C LYS B 440 24.37 -8.78 29.63
N ASP B 441 24.99 -9.82 30.22
CA ASP B 441 25.54 -10.99 29.53
C ASP B 441 24.47 -11.77 28.77
N ASN B 442 23.25 -11.89 29.36
CA ASN B 442 22.14 -12.64 28.81
C ASN B 442 21.04 -11.72 28.21
N LEU B 443 21.35 -10.41 28.06
CA LEU B 443 20.49 -9.35 27.52
C LEU B 443 19.05 -9.43 28.09
N GLY B 444 18.97 -9.48 29.41
CA GLY B 444 17.69 -9.55 30.11
C GLY B 444 17.09 -8.17 30.26
N PHE B 445 15.84 -8.01 29.83
CA PHE B 445 15.12 -6.75 29.91
C PHE B 445 14.76 -6.45 31.38
N PRO B 446 15.16 -5.29 31.94
CA PRO B 446 14.87 -5.00 33.36
C PRO B 446 13.39 -4.76 33.64
N VAL B 447 12.64 -4.17 32.68
CA VAL B 447 11.21 -3.89 32.81
C VAL B 447 10.42 -5.15 32.42
N SER B 448 9.35 -5.44 33.17
CA SER B 448 8.50 -6.61 32.91
C SER B 448 7.10 -6.38 33.44
N ASP B 449 6.07 -6.86 32.69
CA ASP B 449 4.67 -6.76 33.10
C ASP B 449 4.46 -7.61 34.35
N TRP B 450 3.90 -7.00 35.41
CA TRP B 450 3.66 -7.62 36.71
C TRP B 450 2.86 -8.93 36.62
N LEU B 451 1.80 -8.94 35.79
CA LEU B 451 0.93 -10.10 35.59
C LEU B 451 1.67 -11.25 34.88
N PHE B 452 2.62 -10.91 33.98
CA PHE B 452 3.43 -11.88 33.24
C PHE B 452 4.47 -12.55 34.14
N SER B 453 5.25 -11.74 34.88
CA SER B 453 6.30 -12.19 35.79
C SER B 453 5.75 -12.97 36.99
N MET B 454 4.51 -12.65 37.43
CA MET B 454 3.84 -13.33 38.54
C MET B 454 3.47 -14.77 38.18
N TRP B 455 3.07 -14.99 36.92
CA TRP B 455 2.62 -16.27 36.40
C TRP B 455 3.77 -17.12 35.85
N HIS B 456 4.73 -16.52 35.13
CA HIS B 456 5.80 -17.25 34.47
C HIS B 456 7.15 -17.27 35.22
N TYR B 457 7.70 -16.08 35.56
CA TYR B 457 9.03 -15.91 36.17
C TYR B 457 9.22 -16.71 37.46
N SER B 458 10.09 -17.75 37.41
CA SER B 458 10.46 -18.59 38.54
C SER B 458 11.43 -17.83 39.45
N HIS B 459 12.17 -16.88 38.86
CA HIS B 459 13.09 -15.98 39.54
C HIS B 459 12.47 -14.59 39.61
N PRO B 460 12.49 -13.91 40.78
CA PRO B 460 11.88 -12.56 40.85
C PRO B 460 12.63 -11.53 39.98
N PRO B 461 11.97 -10.39 39.58
CA PRO B 461 12.66 -9.40 38.71
C PRO B 461 13.96 -8.87 39.31
N LEU B 462 14.91 -8.49 38.43
CA LEU B 462 16.24 -7.98 38.79
C LEU B 462 16.15 -6.82 39.79
N LEU B 463 15.29 -5.82 39.53
CA LEU B 463 15.07 -4.65 40.38
C LEU B 463 14.59 -5.05 41.79
N GLU B 464 13.73 -6.10 41.87
CA GLU B 464 13.19 -6.63 43.14
C GLU B 464 14.30 -7.32 43.94
N ARG B 465 15.16 -8.10 43.23
CA ARG B 465 16.30 -8.85 43.78
C ARG B 465 17.40 -7.94 44.28
N LEU B 466 17.70 -6.86 43.53
CA LEU B 466 18.74 -5.88 43.84
C LEU B 466 18.37 -5.03 45.05
N GLN B 467 17.07 -4.64 45.17
CA GLN B 467 16.56 -3.81 46.26
C GLN B 467 16.62 -4.56 47.59
N ALA B 468 16.37 -5.89 47.58
CA ALA B 468 16.44 -6.76 48.76
C ALA B 468 17.88 -6.89 49.27
N LEU B 469 18.86 -6.85 48.34
CA LEU B 469 20.30 -6.94 48.64
C LEU B 469 20.83 -5.61 49.16
N LYS B 470 20.30 -4.48 48.63
CA LYS B 470 20.68 -3.12 49.03
C LYS B 470 20.20 -2.83 50.46
N THR B 471 19.01 -3.36 50.83
CA THR B 471 18.40 -3.22 52.15
C THR B 471 19.25 -4.00 53.18
N MET B 472 19.67 -5.24 52.84
CA MET B 472 20.49 -6.12 53.68
C MET B 472 21.90 -5.57 53.83
N LEU C 10 -43.39 41.95 -7.73
CA LEU C 10 -43.46 40.84 -6.79
C LEU C 10 -43.09 41.27 -5.38
N TRP C 11 -43.89 40.86 -4.37
CA TRP C 11 -43.65 41.15 -2.94
C TRP C 11 -42.95 39.95 -2.27
N GLU C 12 -42.41 39.03 -3.10
CA GLU C 12 -41.73 37.79 -2.67
C GLU C 12 -40.38 37.60 -3.36
N MET C 13 -40.18 38.17 -4.58
CA MET C 13 -38.92 38.01 -5.33
C MET C 13 -38.31 39.36 -5.83
N PRO C 14 -36.95 39.46 -5.95
CA PRO C 14 -36.34 40.72 -6.42
C PRO C 14 -36.28 40.80 -7.95
N ALA C 15 -35.83 41.96 -8.52
CA ALA C 15 -35.78 42.19 -9.96
C ALA C 15 -34.38 41.99 -10.55
N GLU C 16 -33.38 42.81 -10.15
CA GLU C 16 -32.00 42.77 -10.65
C GLU C 16 -31.29 41.49 -10.18
N LYS C 17 -31.61 41.01 -8.97
CA LYS C 17 -31.02 39.80 -8.39
C LYS C 17 -31.51 38.54 -9.13
N ARG C 18 -32.77 38.56 -9.63
CA ARG C 18 -33.41 37.47 -10.36
C ARG C 18 -32.77 37.23 -11.73
N ILE C 19 -32.46 38.30 -12.50
CA ILE C 19 -31.85 38.20 -13.83
C ILE C 19 -30.37 37.80 -13.74
N PHE C 20 -29.67 38.15 -12.62
CA PHE C 20 -28.29 37.74 -12.38
C PHE C 20 -28.26 36.24 -12.08
N GLY C 21 -29.25 35.78 -11.32
CA GLY C 21 -29.42 34.38 -10.95
C GLY C 21 -29.71 33.50 -12.15
N ALA C 22 -30.50 34.03 -13.09
CA ALA C 22 -30.90 33.40 -14.35
C ALA C 22 -29.70 33.13 -15.24
N VAL C 23 -28.74 34.09 -15.29
CA VAL C 23 -27.49 34.02 -16.06
C VAL C 23 -26.64 32.84 -15.55
N LEU C 24 -26.43 32.78 -14.21
CA LEU C 24 -25.64 31.75 -13.55
C LEU C 24 -26.32 30.39 -13.59
N LEU C 25 -27.66 30.35 -13.47
CA LEU C 25 -28.44 29.10 -13.53
C LEU C 25 -28.33 28.48 -14.93
N PHE C 26 -28.29 29.33 -15.99
CA PHE C 26 -28.17 28.86 -17.36
C PHE C 26 -26.74 28.41 -17.64
N SER C 27 -25.75 29.18 -17.17
CA SER C 27 -24.33 28.88 -17.33
C SER C 27 -23.95 27.54 -16.72
N TRP C 28 -24.63 27.16 -15.62
CA TRP C 28 -24.38 25.91 -14.93
C TRP C 28 -25.15 24.74 -15.54
N THR C 29 -26.39 24.96 -16.05
CA THR C 29 -27.18 23.89 -16.69
C THR C 29 -26.53 23.48 -18.02
N VAL C 30 -26.01 24.47 -18.78
CA VAL C 30 -25.30 24.26 -20.05
C VAL C 30 -24.03 23.46 -19.74
N TYR C 31 -23.31 23.86 -18.66
CA TYR C 31 -22.11 23.17 -18.19
C TYR C 31 -22.46 21.72 -17.82
N LEU C 32 -23.51 21.51 -16.99
CA LEU C 32 -23.94 20.18 -16.55
C LEU C 32 -24.42 19.33 -17.73
N TRP C 33 -25.03 19.95 -18.76
CA TRP C 33 -25.47 19.29 -19.99
C TRP C 33 -24.24 18.76 -20.74
N GLU C 34 -23.21 19.62 -20.87
CA GLU C 34 -21.96 19.32 -21.55
C GLU C 34 -21.14 18.32 -20.75
N THR C 35 -21.29 18.32 -19.39
CA THR C 35 -20.63 17.40 -18.47
C THR C 35 -21.35 16.04 -18.57
N PHE C 36 -22.70 16.05 -18.63
CA PHE C 36 -23.53 14.84 -18.81
C PHE C 36 -23.12 14.15 -20.10
N LEU C 37 -22.82 14.96 -21.14
CA LEU C 37 -22.33 14.55 -22.46
C LEU C 37 -20.90 14.04 -22.37
N ALA C 38 -20.04 14.76 -21.62
CA ALA C 38 -18.64 14.40 -21.40
C ALA C 38 -18.54 13.06 -20.69
N GLN C 39 -19.42 12.82 -19.70
CA GLN C 39 -19.51 11.57 -18.93
C GLN C 39 -19.93 10.43 -19.84
N ARG C 40 -20.93 10.69 -20.71
CA ARG C 40 -21.50 9.76 -21.69
C ARG C 40 -20.43 9.27 -22.67
N GLN C 41 -19.56 10.17 -23.14
CA GLN C 41 -18.49 9.82 -24.08
C GLN C 41 -17.27 9.25 -23.37
N ARG C 42 -17.06 9.60 -22.09
CA ARG C 42 -15.95 9.06 -21.29
C ARG C 42 -16.20 7.57 -21.08
N ARG C 43 -17.47 7.18 -20.91
CA ARG C 43 -17.91 5.79 -20.74
C ARG C 43 -17.57 4.98 -21.98
N ILE C 44 -17.67 5.60 -23.19
CA ILE C 44 -17.35 4.97 -24.48
C ILE C 44 -15.85 4.65 -24.54
N TYR C 45 -15.01 5.58 -24.04
CA TYR C 45 -13.56 5.41 -23.99
C TYR C 45 -13.14 4.33 -22.98
N LYS C 46 -14.03 3.99 -22.02
CA LYS C 46 -13.79 2.97 -20.98
C LYS C 46 -14.41 1.61 -21.35
N THR C 47 -15.59 1.61 -21.99
CA THR C 47 -16.35 0.41 -22.34
C THR C 47 -15.84 -0.22 -23.64
N THR C 48 -15.74 0.55 -24.75
CA THR C 48 -15.32 0.00 -26.03
C THR C 48 -13.81 -0.33 -25.99
N THR C 49 -13.51 -1.57 -25.55
CA THR C 49 -12.16 -2.14 -25.40
C THR C 49 -11.80 -2.99 -26.65
N HIS C 50 -12.82 -3.54 -27.34
CA HIS C 50 -12.66 -4.34 -28.55
C HIS C 50 -12.87 -3.48 -29.80
N VAL C 51 -12.07 -3.71 -30.85
CA VAL C 51 -12.16 -2.99 -32.13
C VAL C 51 -13.43 -3.47 -32.88
N PRO C 52 -14.34 -2.56 -33.33
CA PRO C 52 -15.59 -3.02 -33.98
C PRO C 52 -15.36 -3.72 -35.32
N PRO C 53 -16.29 -4.61 -35.78
CA PRO C 53 -16.10 -5.28 -37.08
C PRO C 53 -16.15 -4.32 -38.27
N GLU C 54 -16.94 -3.23 -38.15
CA GLU C 54 -17.08 -2.19 -39.17
C GLU C 54 -15.77 -1.42 -39.37
N LEU C 55 -15.18 -0.94 -38.25
CA LEU C 55 -13.93 -0.18 -38.21
C LEU C 55 -12.70 -1.11 -38.06
N GLY C 56 -12.86 -2.39 -38.41
CA GLY C 56 -11.81 -3.39 -38.34
C GLY C 56 -10.67 -3.15 -39.30
N GLN C 57 -11.01 -2.77 -40.55
CA GLN C 57 -10.04 -2.48 -41.61
C GLN C 57 -9.44 -1.06 -41.46
N ILE C 58 -10.17 -0.15 -40.78
CA ILE C 58 -9.78 1.24 -40.56
C ILE C 58 -8.60 1.36 -39.59
N MET C 59 -8.69 0.67 -38.44
CA MET C 59 -7.68 0.70 -37.39
C MET C 59 -7.31 -0.67 -36.88
N ASP C 60 -6.05 -0.82 -36.46
CA ASP C 60 -5.58 -2.06 -35.84
C ASP C 60 -5.70 -1.93 -34.33
N SER C 61 -5.67 -3.08 -33.60
CA SER C 61 -5.81 -3.16 -32.13
C SER C 61 -4.80 -2.26 -31.39
N GLU C 62 -3.55 -2.17 -31.90
CA GLU C 62 -2.48 -1.36 -31.29
C GLU C 62 -2.80 0.12 -31.42
N THR C 63 -3.19 0.58 -32.63
CA THR C 63 -3.53 1.97 -32.93
C THR C 63 -4.81 2.38 -32.19
N PHE C 64 -5.83 1.49 -32.17
CA PHE C 64 -7.12 1.70 -31.51
C PHE C 64 -6.95 1.94 -30.01
N GLU C 65 -6.09 1.15 -29.34
CA GLU C 65 -5.82 1.30 -27.90
C GLU C 65 -4.99 2.55 -27.64
N LYS C 66 -4.00 2.84 -28.51
CA LYS C 66 -3.17 4.04 -28.44
C LYS C 66 -4.05 5.30 -28.48
N SER C 67 -5.15 5.22 -29.28
CA SER C 67 -6.18 6.24 -29.51
C SER C 67 -7.19 6.29 -28.34
N ARG C 68 -7.55 5.12 -27.76
CA ARG C 68 -8.49 4.98 -26.64
C ARG C 68 -7.97 5.73 -25.40
N LEU C 69 -6.72 5.42 -24.98
CA LEU C 69 -6.04 6.00 -23.84
C LEU C 69 -5.70 7.48 -24.04
N TYR C 70 -5.42 7.90 -25.29
CA TYR C 70 -5.11 9.29 -25.62
C TYR C 70 -6.34 10.16 -25.38
N GLN C 71 -7.50 9.73 -25.89
CA GLN C 71 -8.76 10.44 -25.72
C GLN C 71 -9.25 10.34 -24.26
N LEU C 72 -8.81 9.28 -23.53
CA LEU C 72 -9.14 9.08 -22.11
C LEU C 72 -8.42 10.14 -21.27
N ASP C 73 -7.11 10.38 -21.54
CA ASP C 73 -6.29 11.39 -20.86
C ASP C 73 -6.78 12.79 -21.18
N LYS C 74 -7.27 12.99 -22.41
CA LYS C 74 -7.84 14.25 -22.86
C LYS C 74 -9.13 14.52 -22.10
N SER C 75 -10.02 13.50 -21.96
CA SER C 75 -11.30 13.58 -21.27
C SER C 75 -11.14 13.99 -19.81
N THR C 76 -10.17 13.37 -19.11
CA THR C 76 -9.83 13.62 -17.69
C THR C 76 -9.41 15.08 -17.52
N PHE C 77 -8.48 15.55 -18.37
CA PHE C 77 -7.98 16.92 -18.35
C PHE C 77 -9.11 17.90 -18.66
N SER C 78 -9.86 17.61 -19.76
CA SER C 78 -10.98 18.41 -20.24
C SER C 78 -11.98 18.71 -19.12
N PHE C 79 -12.25 17.72 -18.24
CA PHE C 79 -13.18 17.87 -17.12
C PHE C 79 -12.68 18.88 -16.09
N TRP C 80 -11.50 18.62 -15.47
CA TRP C 80 -10.88 19.45 -14.43
C TRP C 80 -10.52 20.85 -14.91
N SER C 81 -10.00 21.00 -16.16
CA SER C 81 -9.70 22.32 -16.73
C SER C 81 -11.02 23.07 -16.97
N GLY C 82 -12.06 22.34 -17.36
CA GLY C 82 -13.40 22.87 -17.59
C GLY C 82 -14.10 23.25 -16.31
N LEU C 83 -13.94 22.40 -15.26
CA LEU C 83 -14.51 22.60 -13.93
C LEU C 83 -13.89 23.82 -13.26
N TYR C 84 -12.56 24.00 -13.40
CA TYR C 84 -11.83 25.14 -12.84
C TYR C 84 -12.34 26.44 -13.44
N SER C 85 -12.49 26.49 -14.79
CA SER C 85 -12.96 27.66 -15.53
C SER C 85 -14.39 28.02 -15.18
N GLU C 86 -15.27 27.02 -15.01
CA GLU C 86 -16.68 27.22 -14.66
C GLU C 86 -16.80 27.71 -13.22
N THR C 87 -15.92 27.21 -12.32
CA THR C 87 -15.90 27.64 -10.92
C THR C 87 -15.36 29.06 -10.84
N GLU C 88 -14.22 29.34 -11.54
CA GLU C 88 -13.59 30.66 -11.61
C GLU C 88 -14.58 31.74 -12.05
N GLY C 89 -15.26 31.50 -13.16
CA GLY C 89 -16.24 32.41 -13.72
C GLY C 89 -17.33 32.73 -12.72
N THR C 90 -17.91 31.68 -12.11
CA THR C 90 -18.97 31.78 -11.09
C THR C 90 -18.45 32.59 -9.89
N LEU C 91 -17.22 32.28 -9.41
CA LEU C 91 -16.59 32.94 -8.27
C LEU C 91 -16.31 34.41 -8.52
N ILE C 92 -15.78 34.77 -9.71
CA ILE C 92 -15.50 36.17 -10.06
C ILE C 92 -16.81 36.98 -10.04
N LEU C 93 -17.90 36.43 -10.61
CA LEU C 93 -19.19 37.11 -10.66
C LEU C 93 -19.76 37.32 -9.25
N LEU C 94 -19.85 36.25 -8.43
CA LEU C 94 -20.40 36.27 -7.06
C LEU C 94 -19.56 37.10 -6.11
N PHE C 95 -18.23 37.03 -6.25
CA PHE C 95 -17.27 37.78 -5.43
C PHE C 95 -17.27 39.28 -5.84
N GLY C 96 -17.77 39.57 -7.05
CA GLY C 96 -17.86 40.91 -7.61
C GLY C 96 -16.52 41.41 -8.11
N GLY C 97 -15.83 40.58 -8.89
CA GLY C 97 -14.51 40.87 -9.45
C GLY C 97 -14.51 41.97 -10.49
N ILE C 98 -15.36 41.82 -11.54
CA ILE C 98 -15.51 42.75 -12.66
C ILE C 98 -15.81 44.22 -12.19
N PRO C 99 -16.80 44.53 -11.29
CA PRO C 99 -17.00 45.94 -10.88
C PRO C 99 -15.83 46.50 -10.08
N TYR C 100 -15.16 45.68 -9.25
CA TYR C 100 -14.02 46.07 -8.44
C TYR C 100 -12.78 46.24 -9.32
N LEU C 101 -12.63 45.39 -10.35
CA LEU C 101 -11.53 45.50 -11.32
C LEU C 101 -11.71 46.76 -12.14
N TRP C 102 -12.98 47.14 -12.40
CA TRP C 102 -13.35 48.35 -13.11
C TRP C 102 -12.94 49.60 -12.30
N ARG C 103 -13.07 49.53 -10.96
CA ARG C 103 -12.71 50.61 -10.03
C ARG C 103 -11.19 50.78 -9.97
N LEU C 104 -10.43 49.66 -9.94
CA LEU C 104 -8.95 49.66 -9.88
C LEU C 104 -8.32 50.16 -11.19
N SER C 105 -9.07 50.10 -12.31
CA SER C 105 -8.59 50.58 -13.61
C SER C 105 -8.99 52.07 -13.81
N GLY C 106 -9.50 52.69 -12.75
CA GLY C 106 -9.89 54.11 -12.75
C GLY C 106 -8.82 55.03 -12.20
N ARG C 107 -9.25 56.19 -11.64
CA ARG C 107 -8.44 57.25 -11.04
C ARG C 107 -7.38 57.79 -12.00
N PRO C 116 -15.86 61.29 -22.79
CA PRO C 116 -15.86 59.96 -23.42
C PRO C 116 -14.46 59.34 -23.45
N GLU C 117 -13.41 60.18 -23.59
CA GLU C 117 -12.00 59.77 -23.65
C GLU C 117 -11.56 59.08 -22.35
N TYR C 118 -12.04 59.57 -21.18
CA TYR C 118 -11.71 59.04 -19.86
C TYR C 118 -12.26 57.62 -19.66
N GLU C 119 -13.53 57.38 -20.05
CA GLU C 119 -14.18 56.08 -19.92
C GLU C 119 -13.59 55.07 -20.92
N ILE C 120 -13.16 55.55 -22.11
CA ILE C 120 -12.56 54.73 -23.17
C ILE C 120 -11.15 54.27 -22.70
N THR C 121 -10.41 55.16 -21.99
CA THR C 121 -9.08 54.88 -21.43
C THR C 121 -9.23 53.85 -20.31
N GLN C 122 -10.23 54.05 -19.41
CA GLN C 122 -10.56 53.15 -18.30
C GLN C 122 -10.94 51.77 -18.87
N SER C 123 -11.75 51.74 -19.96
CA SER C 123 -12.16 50.53 -20.66
C SER C 123 -10.94 49.82 -21.27
N LEU C 124 -9.97 50.61 -21.78
CA LEU C 124 -8.74 50.10 -22.40
C LEU C 124 -7.82 49.47 -21.37
N VAL C 125 -7.59 50.13 -20.22
CA VAL C 125 -6.73 49.58 -19.16
C VAL C 125 -7.44 48.37 -18.49
N PHE C 126 -8.80 48.42 -18.35
CA PHE C 126 -9.61 47.32 -17.78
C PHE C 126 -9.38 46.05 -18.60
N LEU C 127 -9.43 46.19 -19.94
CA LEU C 127 -9.22 45.15 -20.93
C LEU C 127 -7.82 44.55 -20.81
N LEU C 128 -6.77 45.42 -20.76
CA LEU C 128 -5.35 45.08 -20.61
C LEU C 128 -5.10 44.22 -19.37
N LEU C 129 -5.78 44.54 -18.26
CA LEU C 129 -5.72 43.82 -16.99
C LEU C 129 -6.58 42.55 -17.05
N ALA C 130 -7.74 42.64 -17.73
CA ALA C 130 -8.67 41.52 -17.88
C ALA C 130 -8.03 40.40 -18.68
N THR C 131 -7.30 40.73 -19.77
CA THR C 131 -6.62 39.74 -20.61
C THR C 131 -5.31 39.28 -19.96
N LEU C 132 -4.64 40.15 -19.16
CA LEU C 132 -3.41 39.76 -18.49
C LEU C 132 -3.70 38.65 -17.47
N PHE C 133 -4.80 38.77 -16.69
CA PHE C 133 -5.17 37.75 -15.70
C PHE C 133 -5.60 36.47 -16.45
N SER C 134 -6.45 36.61 -17.50
CA SER C 134 -6.94 35.51 -18.32
C SER C 134 -5.79 34.65 -18.84
N ALA C 135 -4.73 35.32 -19.37
CA ALA C 135 -3.56 34.67 -19.94
C ALA C 135 -2.78 33.88 -18.89
N LEU C 136 -2.43 34.55 -17.76
CA LEU C 136 -1.64 33.97 -16.67
C LEU C 136 -2.35 32.84 -15.93
N ALA C 137 -3.67 32.97 -15.67
CA ALA C 137 -4.43 31.96 -14.94
C ALA C 137 -4.62 30.65 -15.71
N GLY C 138 -4.61 30.74 -17.04
CA GLY C 138 -4.81 29.61 -17.95
C GLY C 138 -3.54 28.96 -18.46
N LEU C 139 -2.41 29.68 -18.36
CA LEU C 139 -1.09 29.24 -18.80
C LEU C 139 -0.62 27.93 -18.10
N PRO C 140 -0.84 27.69 -16.76
CA PRO C 140 -0.41 26.39 -16.19
C PRO C 140 -1.17 25.20 -16.77
N TRP C 141 -2.46 25.39 -17.09
CA TRP C 141 -3.33 24.36 -17.69
C TRP C 141 -2.83 24.03 -19.09
N SER C 142 -2.48 25.08 -19.86
CA SER C 142 -1.93 25.04 -21.22
C SER C 142 -0.58 24.32 -21.23
N LEU C 143 0.28 24.61 -20.23
CA LEU C 143 1.60 24.01 -20.05
C LEU C 143 1.46 22.51 -19.74
N TYR C 144 0.41 22.13 -18.98
CA TYR C 144 0.14 20.73 -18.65
C TYR C 144 -0.31 19.97 -19.88
N ASN C 145 -1.25 20.55 -20.66
CA ASN C 145 -1.78 19.90 -21.86
C ASN C 145 -0.67 19.55 -22.87
N THR C 146 0.23 20.51 -23.20
CA THR C 146 1.28 20.26 -24.19
C THR C 146 2.40 19.38 -23.62
N PHE C 147 2.86 19.64 -22.38
CA PHE C 147 4.00 18.91 -21.82
C PHE C 147 3.64 17.64 -21.02
N VAL C 148 2.36 17.35 -20.77
CA VAL C 148 2.03 16.10 -20.08
C VAL C 148 1.13 15.24 -20.98
N ILE C 149 -0.03 15.76 -21.46
CA ILE C 149 -0.93 14.97 -22.32
C ILE C 149 -0.33 14.77 -23.72
N GLU C 150 -0.05 15.86 -24.47
CA GLU C 150 0.52 15.80 -25.84
C GLU C 150 1.92 15.19 -25.84
N GLU C 151 2.66 15.28 -24.72
CA GLU C 151 4.00 14.70 -24.63
C GLU C 151 3.95 13.21 -24.33
N LYS C 152 3.05 12.76 -23.42
CA LYS C 152 2.89 11.34 -23.05
C LYS C 152 2.47 10.50 -24.25
N HIS C 153 1.60 11.05 -25.11
CA HIS C 153 1.09 10.37 -26.29
C HIS C 153 1.88 10.73 -27.57
N GLY C 154 3.12 11.19 -27.36
CA GLY C 154 4.12 11.53 -28.38
C GLY C 154 3.74 12.47 -29.50
N PHE C 155 2.80 13.39 -29.25
CA PHE C 155 2.36 14.37 -30.26
C PHE C 155 3.25 15.59 -30.24
N ASN C 156 3.48 16.16 -29.03
CA ASN C 156 4.28 17.37 -28.81
C ASN C 156 5.73 17.22 -29.25
N GLN C 157 6.23 18.29 -29.89
CA GLN C 157 7.58 18.46 -30.42
C GLN C 157 8.19 19.75 -29.85
N GLN C 158 7.37 20.53 -29.13
CA GLN C 158 7.72 21.79 -28.50
C GLN C 158 8.68 21.63 -27.33
N THR C 159 9.54 22.63 -27.15
CA THR C 159 10.45 22.76 -26.02
C THR C 159 9.80 23.79 -25.07
N LEU C 160 10.23 23.85 -23.80
CA LEU C 160 9.66 24.80 -22.83
C LEU C 160 9.91 26.24 -23.27
N GLY C 161 11.04 26.49 -23.90
CA GLY C 161 11.43 27.80 -24.42
C GLY C 161 10.53 28.26 -25.53
N PHE C 162 10.26 27.38 -26.52
CA PHE C 162 9.38 27.65 -27.67
C PHE C 162 7.96 27.94 -27.18
N PHE C 163 7.47 27.14 -26.20
CA PHE C 163 6.15 27.30 -25.60
C PHE C 163 6.03 28.69 -24.97
N MET C 164 7.03 29.08 -24.16
CA MET C 164 7.11 30.35 -23.48
C MET C 164 7.20 31.52 -24.45
N LYS C 165 8.18 31.48 -25.40
CA LYS C 165 8.39 32.53 -26.40
C LYS C 165 7.13 32.75 -27.26
N ASP C 166 6.43 31.67 -27.61
CA ASP C 166 5.20 31.72 -28.40
C ASP C 166 4.05 32.32 -27.61
N ALA C 167 3.91 31.98 -26.31
CA ALA C 167 2.87 32.48 -25.42
C ALA C 167 2.90 34.00 -25.33
N ILE C 168 4.12 34.58 -25.16
CA ILE C 168 4.35 36.03 -25.10
C ILE C 168 4.10 36.64 -26.49
N LYS C 169 4.70 36.05 -27.55
CA LYS C 169 4.53 36.45 -28.96
C LYS C 169 3.05 36.64 -29.29
N LYS C 170 2.21 35.60 -28.97
CA LYS C 170 0.78 35.61 -29.21
C LYS C 170 0.09 36.69 -28.34
N PHE C 171 0.36 36.73 -27.02
CA PHE C 171 -0.21 37.71 -26.10
C PHE C 171 0.03 39.13 -26.60
N VAL C 172 1.28 39.47 -27.01
CA VAL C 172 1.69 40.77 -27.53
C VAL C 172 0.86 41.12 -28.78
N VAL C 173 0.88 40.23 -29.80
CA VAL C 173 0.17 40.37 -31.07
C VAL C 173 -1.35 40.57 -30.81
N THR C 174 -1.94 39.82 -29.85
CA THR C 174 -3.35 39.93 -29.50
C THR C 174 -3.68 41.34 -29.01
N GLN C 175 -2.91 41.86 -28.02
CA GLN C 175 -3.09 43.18 -27.41
C GLN C 175 -2.98 44.31 -28.45
N CYS C 176 -2.07 44.15 -29.44
CA CYS C 176 -1.82 45.10 -30.52
C CYS C 176 -2.95 45.09 -31.57
N ILE C 177 -3.84 44.09 -31.53
CA ILE C 177 -4.99 43.98 -32.42
C ILE C 177 -6.22 44.39 -31.61
N LEU C 178 -6.32 43.87 -30.36
CA LEU C 178 -7.42 44.08 -29.41
C LEU C 178 -7.64 45.55 -29.07
N LEU C 179 -6.59 46.24 -28.56
CA LEU C 179 -6.66 47.63 -28.12
C LEU C 179 -7.09 48.65 -29.22
N PRO C 180 -6.51 48.71 -30.45
CA PRO C 180 -6.98 49.71 -31.43
C PRO C 180 -8.41 49.43 -31.91
N VAL C 181 -8.77 48.15 -32.09
CA VAL C 181 -10.11 47.71 -32.52
C VAL C 181 -11.13 48.09 -31.43
N SER C 182 -10.83 47.77 -30.15
CA SER C 182 -11.70 48.08 -29.00
C SER C 182 -11.90 49.58 -28.81
N SER C 183 -10.80 50.38 -28.89
CA SER C 183 -10.86 51.83 -28.72
C SER C 183 -11.75 52.49 -29.78
N LEU C 184 -11.61 52.08 -31.06
CA LEU C 184 -12.41 52.62 -32.17
C LEU C 184 -13.86 52.16 -32.08
N LEU C 185 -14.13 50.88 -31.72
CA LEU C 185 -15.49 50.33 -31.57
C LEU C 185 -16.25 51.07 -30.45
N LEU C 186 -15.61 51.28 -29.28
CA LEU C 186 -16.20 52.00 -28.14
C LEU C 186 -16.51 53.44 -28.51
N TYR C 187 -15.64 54.06 -29.34
CA TYR C 187 -15.77 55.44 -29.84
C TYR C 187 -17.04 55.59 -30.67
N ILE C 188 -17.29 54.64 -31.59
CA ILE C 188 -18.45 54.61 -32.49
C ILE C 188 -19.77 54.48 -31.69
N ILE C 189 -19.79 53.64 -30.63
CA ILE C 189 -20.98 53.41 -29.82
C ILE C 189 -21.29 54.68 -28.96
N LYS C 190 -20.27 55.27 -28.31
CA LYS C 190 -20.39 56.46 -27.46
C LYS C 190 -20.71 57.74 -28.27
N ILE C 191 -20.03 57.96 -29.41
CA ILE C 191 -20.20 59.16 -30.24
C ILE C 191 -21.47 59.02 -31.11
N GLY C 192 -21.54 57.97 -31.94
CA GLY C 192 -22.67 57.73 -32.85
C GLY C 192 -24.02 57.54 -32.18
N GLY C 193 -25.07 57.64 -32.99
CA GLY C 193 -26.44 57.50 -32.53
C GLY C 193 -27.46 58.17 -33.44
N ASP C 194 -28.78 57.85 -33.28
CA ASP C 194 -29.35 56.90 -32.33
C ASP C 194 -29.23 55.46 -32.86
N TYR C 195 -28.79 55.32 -34.12
CA TYR C 195 -28.59 54.05 -34.81
C TYR C 195 -27.08 53.72 -34.87
N PHE C 196 -26.39 53.85 -33.69
CA PHE C 196 -24.95 53.61 -33.50
C PHE C 196 -24.54 52.17 -33.79
N PHE C 197 -25.46 51.21 -33.62
CA PHE C 197 -25.25 49.79 -33.80
C PHE C 197 -24.91 49.41 -35.25
N ILE C 198 -25.43 50.16 -36.25
CA ILE C 198 -25.19 49.89 -37.68
C ILE C 198 -23.74 50.26 -38.06
N TYR C 199 -23.22 51.38 -37.55
CA TYR C 199 -21.82 51.78 -37.82
C TYR C 199 -20.86 50.87 -37.04
N ALA C 200 -21.27 50.43 -35.83
CA ALA C 200 -20.50 49.52 -34.98
C ALA C 200 -20.45 48.10 -35.58
N TRP C 201 -21.54 47.69 -36.27
CA TRP C 201 -21.64 46.41 -36.95
C TRP C 201 -20.81 46.45 -38.24
N LEU C 202 -20.86 47.58 -38.98
CA LEU C 202 -20.11 47.78 -40.21
C LEU C 202 -18.61 47.88 -39.92
N PHE C 203 -18.23 48.42 -38.73
CA PHE C 203 -16.83 48.53 -38.31
C PHE C 203 -16.26 47.14 -38.06
N THR C 204 -17.01 46.28 -37.32
CA THR C 204 -16.63 44.90 -37.02
C THR C 204 -16.62 44.07 -38.32
N LEU C 205 -17.50 44.42 -39.30
CA LEU C 205 -17.59 43.80 -40.62
C LEU C 205 -16.29 44.03 -41.40
N VAL C 206 -15.74 45.26 -41.34
CA VAL C 206 -14.49 45.66 -42.01
C VAL C 206 -13.32 44.96 -41.29
N VAL C 207 -13.23 45.11 -39.95
CA VAL C 207 -12.20 44.53 -39.08
C VAL C 207 -12.12 42.99 -39.26
N SER C 208 -13.29 42.31 -39.40
CA SER C 208 -13.35 40.86 -39.62
C SER C 208 -12.70 40.46 -40.95
N LEU C 209 -13.19 41.04 -42.08
CA LEU C 209 -12.71 40.76 -43.43
C LEU C 209 -11.24 41.18 -43.65
N VAL C 210 -10.77 42.23 -42.94
CA VAL C 210 -9.38 42.71 -43.03
C VAL C 210 -8.47 41.67 -42.34
N LEU C 211 -8.82 41.25 -41.10
CA LEU C 211 -8.05 40.25 -40.35
C LEU C 211 -8.05 38.87 -41.03
N VAL C 212 -9.08 38.55 -41.83
CA VAL C 212 -9.20 37.29 -42.56
C VAL C 212 -8.11 37.21 -43.66
N THR C 213 -7.93 38.31 -44.42
CA THR C 213 -6.95 38.42 -45.50
C THR C 213 -5.52 38.59 -44.95
N ILE C 214 -5.34 39.39 -43.89
CA ILE C 214 -4.05 39.72 -43.29
C ILE C 214 -3.41 38.53 -42.54
N TYR C 215 -4.18 37.82 -41.68
CA TYR C 215 -3.73 36.74 -40.80
C TYR C 215 -2.62 35.84 -41.37
N ALA C 216 -2.93 34.95 -42.33
CA ALA C 216 -1.97 33.99 -42.89
C ALA C 216 -0.79 34.66 -43.63
N ASP C 217 -0.97 35.90 -44.10
CA ASP C 217 0.06 36.65 -44.82
C ASP C 217 1.03 37.36 -43.88
N TYR C 218 0.55 37.90 -42.73
CA TYR C 218 1.38 38.69 -41.83
C TYR C 218 1.42 38.21 -40.38
N ILE C 219 0.26 37.92 -39.76
CA ILE C 219 0.16 37.51 -38.36
C ILE C 219 0.70 36.06 -38.17
N ALA C 220 0.14 35.07 -38.88
CA ALA C 220 0.50 33.65 -38.79
C ALA C 220 2.01 33.34 -39.01
N PRO C 221 2.77 33.93 -39.97
CA PRO C 221 4.19 33.56 -40.12
C PRO C 221 5.09 33.96 -38.94
N LEU C 222 4.60 34.81 -38.01
CA LEU C 222 5.35 35.26 -36.84
C LEU C 222 5.48 34.15 -35.80
N PHE C 223 4.52 33.22 -35.75
CA PHE C 223 4.48 32.13 -34.79
C PHE C 223 4.96 30.81 -35.37
N ASP C 224 4.73 30.59 -36.69
CA ASP C 224 5.14 29.36 -37.38
C ASP C 224 5.95 29.65 -38.65
N LYS C 225 6.96 28.81 -38.94
CA LYS C 225 7.83 28.96 -40.10
C LYS C 225 7.09 28.60 -41.41
N PHE C 226 6.88 29.63 -42.25
CA PHE C 226 6.22 29.53 -43.56
C PHE C 226 7.26 29.56 -44.67
N THR C 227 7.29 28.52 -45.50
CA THR C 227 8.22 28.39 -46.63
C THR C 227 7.45 27.93 -47.87
N PRO C 228 7.75 28.46 -49.08
CA PRO C 228 7.02 28.01 -50.27
C PRO C 228 7.34 26.56 -50.62
N LEU C 229 6.33 25.81 -51.09
CA LEU C 229 6.43 24.39 -51.45
C LEU C 229 7.44 24.21 -52.59
N PRO C 230 8.44 23.30 -52.43
CA PRO C 230 9.42 23.10 -53.51
C PRO C 230 8.81 22.45 -54.75
N GLU C 231 9.35 22.78 -55.93
CA GLU C 231 8.89 22.26 -57.23
C GLU C 231 9.09 20.75 -57.32
N GLY C 232 8.05 20.06 -57.77
CA GLY C 232 8.05 18.62 -57.92
C GLY C 232 6.74 18.08 -58.47
N LYS C 233 6.50 16.76 -58.27
CA LYS C 233 5.28 16.06 -58.72
C LYS C 233 4.06 16.56 -57.95
N LEU C 234 4.22 16.88 -56.65
CA LEU C 234 3.13 17.38 -55.82
C LEU C 234 2.79 18.83 -56.17
N LYS C 235 3.82 19.70 -56.33
CA LYS C 235 3.69 21.12 -56.66
C LYS C 235 3.01 21.33 -58.03
N GLU C 236 3.34 20.48 -59.03
CA GLU C 236 2.79 20.57 -60.38
C GLU C 236 1.34 20.10 -60.43
N GLU C 237 1.02 18.97 -59.76
CA GLU C 237 -0.33 18.38 -59.73
C GLU C 237 -1.36 19.27 -59.01
N ILE C 238 -0.91 20.07 -58.02
CA ILE C 238 -1.77 21.00 -57.26
C ILE C 238 -2.22 22.14 -58.18
N GLU C 239 -1.30 22.65 -59.03
CA GLU C 239 -1.55 23.72 -60.00
C GLU C 239 -2.51 23.25 -61.09
N VAL C 240 -2.41 21.95 -61.49
CA VAL C 240 -3.25 21.29 -62.50
C VAL C 240 -4.69 21.21 -61.96
N MET C 241 -4.84 20.84 -60.67
CA MET C 241 -6.12 20.75 -59.96
C MET C 241 -6.73 22.15 -59.77
N ALA C 242 -5.88 23.15 -59.45
CA ALA C 242 -6.27 24.55 -59.23
C ALA C 242 -6.84 25.18 -60.50
N LYS C 243 -6.21 24.89 -61.66
CA LYS C 243 -6.63 25.39 -62.97
C LYS C 243 -7.92 24.69 -63.42
N SER C 244 -8.09 23.41 -63.04
CA SER C 244 -9.25 22.58 -63.36
C SER C 244 -10.54 23.11 -62.72
N ILE C 245 -10.47 23.51 -61.43
CA ILE C 245 -11.61 24.04 -60.67
C ILE C 245 -11.76 25.56 -60.86
N ASP C 246 -10.81 26.19 -61.60
CA ASP C 246 -10.71 27.64 -61.89
C ASP C 246 -10.37 28.44 -60.62
N PHE C 247 -9.65 27.77 -59.68
CA PHE C 247 -9.16 28.34 -58.41
C PHE C 247 -7.95 29.24 -58.71
N PRO C 248 -8.01 30.56 -58.43
CA PRO C 248 -6.88 31.43 -58.78
C PRO C 248 -5.73 31.31 -57.78
N LEU C 249 -4.96 30.22 -57.91
CA LEU C 249 -3.82 29.90 -57.05
C LEU C 249 -2.62 30.79 -57.38
N THR C 250 -2.02 31.39 -56.34
CA THR C 250 -0.87 32.29 -56.42
C THR C 250 0.39 31.53 -55.96
N LYS C 251 0.42 31.10 -54.68
CA LYS C 251 1.54 30.37 -54.09
C LYS C 251 1.05 29.21 -53.21
N VAL C 252 1.91 28.19 -53.03
CA VAL C 252 1.66 27.02 -52.18
C VAL C 252 2.74 27.02 -51.09
N TYR C 253 2.31 27.01 -49.80
CA TYR C 253 3.23 27.05 -48.66
C TYR C 253 3.24 25.74 -47.85
N VAL C 254 4.37 25.47 -47.20
CA VAL C 254 4.57 24.31 -46.31
C VAL C 254 4.97 24.87 -44.94
N VAL C 255 4.02 24.81 -43.98
CA VAL C 255 4.15 25.31 -42.61
C VAL C 255 4.86 24.28 -41.74
N GLU C 256 5.89 24.72 -40.99
CA GLU C 256 6.65 23.86 -40.10
C GLU C 256 5.83 23.58 -38.82
N GLY C 257 4.81 22.72 -38.98
CA GLY C 257 3.95 22.27 -37.90
C GLY C 257 4.61 21.20 -37.06
N SER C 258 5.66 20.55 -37.62
CA SER C 258 6.46 19.50 -36.98
C SER C 258 7.32 20.04 -35.82
N LYS C 259 7.40 21.39 -35.69
CA LYS C 259 8.13 22.07 -34.60
C LYS C 259 7.24 22.14 -33.36
N ARG C 260 5.91 22.11 -33.58
CA ARG C 260 4.90 22.14 -32.52
C ARG C 260 4.46 20.74 -32.14
N SER C 261 3.68 20.06 -33.02
CA SER C 261 3.16 18.71 -32.78
C SER C 261 3.07 17.88 -34.07
N SER C 262 2.77 16.57 -33.92
CA SER C 262 2.60 15.60 -35.01
C SER C 262 1.22 15.72 -35.71
N HIS C 263 0.40 16.70 -35.27
CA HIS C 263 -0.95 16.95 -35.82
C HIS C 263 -0.87 17.65 -37.18
N SER C 264 -1.62 17.08 -38.15
CA SER C 264 -1.69 17.54 -39.55
C SER C 264 -2.80 18.57 -39.76
N ASN C 265 -2.65 19.44 -40.79
CA ASN C 265 -3.61 20.48 -41.17
C ASN C 265 -3.36 20.98 -42.62
N ALA C 266 -4.40 21.52 -43.27
CA ALA C 266 -4.37 22.08 -44.63
C ALA C 266 -5.54 23.03 -44.84
N TYR C 267 -5.26 24.25 -45.35
CA TYR C 267 -6.29 25.27 -45.61
C TYR C 267 -5.89 26.23 -46.74
N PHE C 268 -6.82 27.08 -47.17
CA PHE C 268 -6.57 28.09 -48.20
C PHE C 268 -6.95 29.48 -47.67
N TYR C 269 -6.42 30.55 -48.30
CA TYR C 269 -6.71 31.94 -47.90
C TYR C 269 -6.51 32.91 -49.07
N GLY C 270 -7.24 34.03 -49.02
CA GLY C 270 -7.18 35.07 -50.04
C GLY C 270 -8.33 36.04 -50.00
N PHE C 271 -8.50 36.83 -51.06
CA PHE C 271 -9.59 37.80 -51.19
C PHE C 271 -10.42 37.52 -52.47
N PHE C 272 -9.76 37.60 -53.64
CA PHE C 272 -10.42 37.35 -54.92
C PHE C 272 -9.50 36.51 -55.81
N LYS C 273 -8.82 37.15 -56.78
CA LYS C 273 -7.91 36.50 -57.74
C LYS C 273 -6.56 36.11 -57.11
N ASN C 274 -6.31 36.47 -55.82
CA ASN C 274 -5.07 36.15 -55.14
C ASN C 274 -5.32 35.16 -53.99
N LYS C 275 -5.57 33.88 -54.36
CA LYS C 275 -5.80 32.76 -53.44
C LYS C 275 -4.53 31.96 -53.25
N ARG C 276 -4.24 31.54 -52.00
CA ARG C 276 -3.06 30.75 -51.68
C ARG C 276 -3.43 29.53 -50.87
N ILE C 277 -2.74 28.41 -51.12
CA ILE C 277 -2.94 27.14 -50.43
C ILE C 277 -1.82 27.00 -49.38
N VAL C 278 -2.20 26.52 -48.17
CA VAL C 278 -1.30 26.31 -47.04
C VAL C 278 -1.38 24.83 -46.60
N LEU C 279 -0.23 24.15 -46.62
CA LEU C 279 -0.08 22.75 -46.22
C LEU C 279 0.86 22.63 -45.04
N PHE C 280 0.66 21.60 -44.20
CA PHE C 280 1.52 21.34 -43.04
C PHE C 280 2.49 20.24 -43.39
N ASP C 281 3.75 20.32 -42.90
CA ASP C 281 4.74 19.28 -43.17
C ASP C 281 4.34 17.94 -42.54
N THR C 282 3.50 18.00 -41.48
CA THR C 282 2.95 16.85 -40.76
C THR C 282 1.89 16.11 -41.61
N LEU C 283 1.40 16.74 -42.70
CA LEU C 283 0.42 16.19 -43.63
C LEU C 283 1.10 15.67 -44.91
N LEU C 284 2.31 16.19 -45.23
CA LEU C 284 3.03 15.86 -46.46
C LEU C 284 4.11 14.78 -46.32
N GLU C 285 4.89 14.80 -45.22
CA GLU C 285 6.01 13.87 -44.97
C GLU C 285 5.55 12.41 -44.96
N GLN C 322 4.10 8.55 -41.55
CA GLN C 322 4.64 9.88 -41.29
C GLN C 322 3.58 10.98 -41.55
N GLY C 323 2.91 10.89 -42.70
CA GLY C 323 1.88 11.83 -43.13
C GLY C 323 0.97 11.22 -44.16
N CYS C 324 0.87 11.86 -45.35
CA CYS C 324 0.06 11.40 -46.48
C CYS C 324 0.85 11.46 -47.78
N LYS C 325 0.61 10.48 -48.68
CA LYS C 325 1.24 10.41 -50.01
C LYS C 325 0.68 11.53 -50.90
N ASN C 326 1.42 11.94 -51.94
CA ASN C 326 1.04 13.00 -52.88
C ASN C 326 -0.39 12.83 -53.44
N GLU C 327 -0.79 11.57 -53.77
CA GLU C 327 -2.12 11.23 -54.27
C GLU C 327 -3.22 11.50 -53.21
N GLU C 328 -2.90 11.24 -51.93
CA GLU C 328 -3.81 11.44 -50.80
C GLU C 328 -3.91 12.92 -50.45
N VAL C 329 -2.79 13.67 -50.56
CA VAL C 329 -2.68 15.12 -50.27
C VAL C 329 -3.60 15.89 -51.24
N LEU C 330 -3.54 15.56 -52.54
CA LEU C 330 -4.36 16.18 -53.58
C LEU C 330 -5.85 15.97 -53.33
N ALA C 331 -6.22 14.77 -52.84
CA ALA C 331 -7.60 14.41 -52.49
C ALA C 331 -8.08 15.24 -51.30
N VAL C 332 -7.20 15.48 -50.31
CA VAL C 332 -7.45 16.30 -49.12
C VAL C 332 -7.63 17.75 -49.58
N LEU C 333 -6.85 18.18 -50.59
CA LEU C 333 -6.94 19.51 -51.19
C LEU C 333 -8.25 19.66 -51.96
N GLY C 334 -8.61 18.63 -52.72
CA GLY C 334 -9.86 18.57 -53.48
C GLY C 334 -11.09 18.76 -52.63
N HIS C 335 -11.00 18.33 -51.36
CA HIS C 335 -12.04 18.48 -50.33
C HIS C 335 -12.10 19.95 -49.90
N GLU C 336 -10.92 20.53 -49.53
CA GLU C 336 -10.77 21.93 -49.10
C GLU C 336 -11.13 22.91 -50.22
N LEU C 337 -10.82 22.54 -51.49
CA LEU C 337 -11.15 23.33 -52.67
C LEU C 337 -12.66 23.28 -52.93
N GLY C 338 -13.31 22.25 -52.36
CA GLY C 338 -14.75 22.04 -52.42
C GLY C 338 -15.51 23.12 -51.68
N HIS C 339 -14.97 23.57 -50.53
CA HIS C 339 -15.54 24.65 -49.70
C HIS C 339 -15.54 25.97 -50.46
N TRP C 340 -14.52 26.17 -51.33
CA TRP C 340 -14.39 27.34 -52.18
C TRP C 340 -15.44 27.29 -53.30
N LYS C 341 -15.49 26.17 -54.06
CA LYS C 341 -16.39 25.96 -55.21
C LYS C 341 -17.87 25.88 -54.80
N LEU C 342 -18.19 25.20 -53.68
CA LEU C 342 -19.58 25.06 -53.19
C LEU C 342 -20.03 26.32 -52.40
N GLY C 343 -19.15 27.30 -52.29
CA GLY C 343 -19.39 28.57 -51.61
C GLY C 343 -19.64 28.47 -50.11
N HIS C 344 -19.06 27.44 -49.47
CA HIS C 344 -19.18 27.22 -48.02
C HIS C 344 -18.52 28.36 -47.26
N THR C 345 -17.38 28.86 -47.79
CA THR C 345 -16.59 29.98 -47.26
C THR C 345 -17.45 31.25 -47.19
N VAL C 346 -18.07 31.64 -48.33
CA VAL C 346 -18.90 32.84 -48.47
C VAL C 346 -20.15 32.73 -47.58
N LYS C 347 -20.83 31.56 -47.57
CA LYS C 347 -22.02 31.29 -46.75
C LYS C 347 -21.73 31.49 -45.25
N ASN C 348 -20.55 31.01 -44.78
CA ASN C 348 -20.12 31.11 -43.37
C ASN C 348 -19.89 32.57 -42.94
N ILE C 349 -19.45 33.46 -43.88
CA ILE C 349 -19.24 34.89 -43.58
C ILE C 349 -20.61 35.57 -43.48
N ILE C 350 -21.54 35.23 -44.42
CA ILE C 350 -22.91 35.77 -44.49
C ILE C 350 -23.66 35.43 -43.19
N ILE C 351 -23.41 34.23 -42.60
CA ILE C 351 -24.05 33.82 -41.34
C ILE C 351 -23.44 34.62 -40.17
N SER C 352 -22.10 34.74 -40.11
CA SER C 352 -21.37 35.46 -39.06
C SER C 352 -21.73 36.96 -39.00
N GLN C 353 -21.97 37.59 -40.16
CA GLN C 353 -22.32 39.01 -40.22
C GLN C 353 -23.83 39.23 -40.00
N MET C 354 -24.65 38.18 -40.21
CA MET C 354 -26.09 38.19 -39.98
C MET C 354 -26.32 38.09 -38.47
N ASN C 355 -25.45 37.32 -37.79
CA ASN C 355 -25.47 37.09 -36.35
C ASN C 355 -25.09 38.39 -35.61
N SER C 356 -23.99 39.06 -36.04
CA SER C 356 -23.51 40.31 -35.43
C SER C 356 -24.49 41.47 -35.66
N PHE C 357 -25.25 41.47 -36.79
CA PHE C 357 -26.25 42.51 -37.03
C PHE C 357 -27.40 42.36 -36.05
N LEU C 358 -27.89 41.11 -35.89
CA LEU C 358 -28.97 40.76 -34.95
C LEU C 358 -28.54 41.04 -33.51
N CYS C 359 -27.26 40.76 -33.19
CA CYS C 359 -26.67 40.98 -31.86
C CYS C 359 -26.58 42.48 -31.53
N PHE C 360 -25.99 43.30 -32.44
CA PHE C 360 -25.81 44.73 -32.23
C PHE C 360 -27.16 45.44 -32.14
N PHE C 361 -28.18 44.93 -32.86
CA PHE C 361 -29.53 45.49 -32.84
C PHE C 361 -30.15 45.28 -31.45
N LEU C 362 -30.11 44.03 -30.93
CA LEU C 362 -30.65 43.68 -29.60
C LEU C 362 -29.82 44.35 -28.49
N PHE C 363 -28.53 44.63 -28.76
CA PHE C 363 -27.63 45.33 -27.84
C PHE C 363 -28.11 46.77 -27.69
N ALA C 364 -28.39 47.44 -28.82
CA ALA C 364 -28.89 48.82 -28.88
C ALA C 364 -30.23 48.95 -28.15
N VAL C 365 -31.04 47.88 -28.15
CA VAL C 365 -32.34 47.79 -27.49
C VAL C 365 -32.15 47.59 -25.96
N LEU C 366 -31.16 46.76 -25.56
CA LEU C 366 -30.91 46.41 -24.16
C LEU C 366 -29.86 47.27 -23.42
N ILE C 367 -29.04 48.08 -24.14
CA ILE C 367 -27.98 48.90 -23.53
C ILE C 367 -28.58 49.98 -22.56
N GLY C 368 -29.77 50.48 -22.87
CA GLY C 368 -30.46 51.47 -22.07
C GLY C 368 -30.96 50.97 -20.73
N ARG C 369 -31.21 49.65 -20.62
CA ARG C 369 -31.71 49.01 -19.41
C ARG C 369 -30.63 49.00 -18.32
N LYS C 370 -30.91 49.69 -17.20
CA LYS C 370 -30.00 49.80 -16.06
C LYS C 370 -30.13 48.59 -15.12
N GLU C 371 -31.16 47.75 -15.34
CA GLU C 371 -31.45 46.56 -14.54
C GLU C 371 -30.38 45.47 -14.74
N LEU C 372 -29.89 45.30 -15.99
CA LEU C 372 -28.87 44.30 -16.32
C LEU C 372 -27.48 44.67 -15.77
N PHE C 373 -27.19 45.98 -15.60
CA PHE C 373 -25.92 46.45 -15.02
C PHE C 373 -25.90 46.23 -13.52
N ALA C 374 -27.01 46.62 -12.84
CA ALA C 374 -27.23 46.49 -11.40
C ALA C 374 -27.20 45.03 -10.96
N ALA C 375 -27.58 44.11 -11.87
CA ALA C 375 -27.59 42.68 -11.67
C ALA C 375 -26.19 42.17 -11.35
N PHE C 376 -25.17 42.66 -12.10
CA PHE C 376 -23.77 42.23 -11.98
C PHE C 376 -22.93 43.09 -11.01
N GLY C 377 -23.55 44.08 -10.36
CA GLY C 377 -22.88 44.93 -9.38
C GLY C 377 -22.55 46.36 -9.76
N PHE C 378 -22.99 46.80 -10.97
CA PHE C 378 -22.75 48.14 -11.46
C PHE C 378 -23.97 49.02 -11.17
N TYR C 379 -23.88 49.85 -10.12
CA TYR C 379 -24.98 50.72 -9.69
C TYR C 379 -24.67 52.20 -9.97
N ASP C 380 -23.43 52.65 -9.66
CA ASP C 380 -22.97 54.04 -9.81
C ASP C 380 -22.84 54.48 -11.29
N SER C 381 -22.52 53.55 -12.21
CA SER C 381 -22.35 53.87 -13.63
C SER C 381 -22.72 52.69 -14.54
N GLN C 382 -23.04 53.01 -15.81
CA GLN C 382 -23.37 52.03 -16.85
C GLN C 382 -22.30 52.14 -17.96
N PRO C 383 -21.11 51.51 -17.78
CA PRO C 383 -20.05 51.63 -18.80
C PRO C 383 -20.35 50.88 -20.10
N THR C 384 -19.84 51.40 -21.23
CA THR C 384 -20.05 50.86 -22.58
C THR C 384 -19.41 49.45 -22.73
N LEU C 385 -18.11 49.30 -22.40
CA LEU C 385 -17.39 48.02 -22.51
C LEU C 385 -18.04 46.94 -21.65
N ILE C 386 -18.51 47.33 -20.45
CA ILE C 386 -19.19 46.47 -19.48
C ILE C 386 -20.55 46.02 -20.08
N GLY C 387 -21.22 46.94 -20.79
CA GLY C 387 -22.47 46.68 -21.48
C GLY C 387 -22.29 45.64 -22.57
N LEU C 388 -21.15 45.72 -23.30
CA LEU C 388 -20.78 44.78 -24.35
C LEU C 388 -20.54 43.40 -23.75
N LEU C 389 -19.91 43.32 -22.57
CA LEU C 389 -19.64 42.05 -21.90
C LEU C 389 -20.92 41.41 -21.35
N ILE C 390 -21.72 42.17 -20.56
CA ILE C 390 -22.95 41.68 -19.93
C ILE C 390 -23.96 41.18 -20.98
N ILE C 391 -24.30 41.99 -21.99
CA ILE C 391 -25.30 41.64 -23.01
C ILE C 391 -24.78 40.54 -23.97
N PHE C 392 -23.59 40.72 -24.57
CA PHE C 392 -23.04 39.75 -25.54
C PHE C 392 -22.59 38.42 -24.91
N GLN C 393 -21.99 38.43 -23.70
CA GLN C 393 -21.50 37.19 -23.11
C GLN C 393 -22.44 36.56 -22.07
N PHE C 394 -23.44 37.30 -21.51
CA PHE C 394 -24.31 36.69 -20.49
C PHE C 394 -25.78 36.66 -20.89
N ILE C 395 -26.35 37.79 -21.39
CA ILE C 395 -27.76 37.89 -21.77
C ILE C 395 -28.01 37.10 -23.08
N PHE C 396 -27.06 37.15 -24.04
CA PHE C 396 -27.17 36.44 -25.32
C PHE C 396 -26.76 34.96 -25.21
N SER C 397 -26.28 34.51 -24.03
CA SER C 397 -25.85 33.13 -23.77
C SER C 397 -26.83 32.07 -24.31
N PRO C 398 -28.18 32.15 -24.09
CA PRO C 398 -29.06 31.11 -24.67
C PRO C 398 -29.02 31.09 -26.20
N TYR C 399 -29.05 32.28 -26.85
CA TYR C 399 -29.01 32.44 -28.31
C TYR C 399 -27.66 31.95 -28.86
N ASN C 400 -26.55 32.41 -28.24
CA ASN C 400 -25.19 32.06 -28.61
C ASN C 400 -24.96 30.54 -28.58
N GLU C 401 -25.58 29.82 -27.61
CA GLU C 401 -25.49 28.37 -27.46
C GLU C 401 -26.28 27.65 -28.56
N VAL C 402 -27.47 28.16 -28.90
CA VAL C 402 -28.35 27.58 -29.94
C VAL C 402 -27.69 27.80 -31.31
N LEU C 403 -27.27 29.04 -31.63
CA LEU C 403 -26.60 29.40 -32.89
C LEU C 403 -25.37 28.52 -33.14
N SER C 404 -24.56 28.27 -32.09
CA SER C 404 -23.36 27.42 -32.16
C SER C 404 -23.73 25.99 -32.51
N PHE C 405 -24.82 25.46 -31.93
CA PHE C 405 -25.31 24.11 -32.20
C PHE C 405 -25.76 23.99 -33.65
N CYS C 406 -26.49 25.00 -34.16
CA CYS C 406 -27.00 25.06 -35.53
C CYS C 406 -25.86 25.14 -36.53
N LEU C 407 -24.81 25.91 -36.20
CA LEU C 407 -23.64 26.07 -37.06
C LEU C 407 -22.76 24.80 -37.09
N THR C 408 -22.80 23.99 -36.00
CA THR C 408 -22.08 22.72 -35.88
C THR C 408 -22.78 21.69 -36.76
N VAL C 409 -24.14 21.72 -36.78
CA VAL C 409 -24.97 20.84 -37.62
C VAL C 409 -24.67 21.17 -39.09
N LEU C 410 -24.61 22.48 -39.43
CA LEU C 410 -24.31 22.97 -40.78
C LEU C 410 -22.90 22.58 -41.21
N SER C 411 -21.90 22.70 -40.29
CA SER C 411 -20.51 22.36 -40.53
C SER C 411 -20.36 20.90 -40.95
N ARG C 412 -21.14 19.98 -40.32
CA ARG C 412 -21.13 18.55 -40.63
C ARG C 412 -21.67 18.33 -42.04
N ARG C 413 -22.75 19.04 -42.42
CA ARG C 413 -23.38 18.98 -43.75
C ARG C 413 -22.43 19.54 -44.81
N PHE C 414 -21.71 20.63 -44.46
CA PHE C 414 -20.72 21.29 -45.32
C PHE C 414 -19.51 20.40 -45.59
N GLU C 415 -19.19 19.49 -44.64
CA GLU C 415 -18.07 18.55 -44.74
C GLU C 415 -18.42 17.39 -45.65
N PHE C 416 -19.68 16.94 -45.62
CA PHE C 416 -20.16 15.86 -46.47
C PHE C 416 -20.25 16.32 -47.91
N GLN C 417 -20.58 17.63 -48.13
CA GLN C 417 -20.69 18.25 -49.45
C GLN C 417 -19.31 18.39 -50.10
N ALA C 418 -18.29 18.76 -49.28
CA ALA C 418 -16.90 18.91 -49.72
C ALA C 418 -16.27 17.54 -50.01
N ASP C 419 -16.76 16.49 -49.33
CA ASP C 419 -16.33 15.10 -49.54
C ASP C 419 -16.93 14.58 -50.85
N ALA C 420 -18.21 14.94 -51.11
CA ALA C 420 -18.96 14.59 -52.31
C ALA C 420 -18.35 15.28 -53.54
N PHE C 421 -17.79 16.49 -53.35
CA PHE C 421 -17.11 17.27 -54.39
C PHE C 421 -15.79 16.58 -54.74
N ALA C 422 -15.09 16.04 -53.73
CA ALA C 422 -13.82 15.31 -53.91
C ALA C 422 -14.06 14.03 -54.70
N LYS C 423 -15.24 13.37 -54.49
CA LYS C 423 -15.67 12.17 -55.20
C LYS C 423 -16.03 12.53 -56.64
N LYS C 424 -16.60 13.75 -56.84
CA LYS C 424 -16.98 14.30 -58.13
C LYS C 424 -15.73 14.63 -58.98
N LEU C 425 -14.57 14.84 -58.31
CA LEU C 425 -13.28 15.10 -58.96
C LEU C 425 -12.61 13.78 -59.35
N GLY C 426 -13.06 12.68 -58.74
CA GLY C 426 -12.56 11.33 -58.97
C GLY C 426 -11.59 10.82 -57.93
N LYS C 427 -11.17 11.70 -57.00
CA LYS C 427 -10.21 11.40 -55.93
C LYS C 427 -10.91 10.82 -54.68
N ALA C 428 -12.01 10.07 -54.87
CA ALA C 428 -12.80 9.43 -53.81
C ALA C 428 -12.03 8.32 -53.12
N LYS C 429 -11.32 7.47 -53.89
CA LYS C 429 -10.52 6.35 -53.39
C LYS C 429 -9.30 6.86 -52.61
N ASP C 430 -8.71 7.98 -53.07
CA ASP C 430 -7.54 8.62 -52.46
C ASP C 430 -7.91 9.33 -51.15
N LEU C 431 -9.12 9.95 -51.08
CA LEU C 431 -9.63 10.64 -49.88
C LEU C 431 -10.00 9.62 -48.81
N TYR C 432 -10.58 8.46 -49.23
CA TYR C 432 -10.97 7.35 -48.35
C TYR C 432 -9.75 6.86 -47.58
N SER C 433 -8.61 6.67 -48.28
CA SER C 433 -7.33 6.24 -47.72
C SER C 433 -6.72 7.33 -46.84
N ALA C 434 -6.85 8.61 -47.28
CA ALA C 434 -6.31 9.79 -46.58
C ALA C 434 -6.97 10.00 -45.22
N LEU C 435 -8.32 10.02 -45.17
CA LEU C 435 -9.15 10.20 -43.97
C LEU C 435 -8.78 9.21 -42.86
N ILE C 436 -8.54 7.92 -43.24
CA ILE C 436 -8.13 6.82 -42.36
C ILE C 436 -6.70 7.08 -41.84
N LYS C 437 -5.76 7.41 -42.76
CA LYS C 437 -4.34 7.70 -42.48
C LYS C 437 -4.18 8.91 -41.56
N LEU C 438 -4.98 9.98 -41.78
CA LEU C 438 -4.95 11.19 -40.97
C LEU C 438 -5.55 10.95 -39.58
N ASN C 439 -6.52 10.00 -39.49
CA ASN C 439 -7.16 9.61 -38.23
C ASN C 439 -6.15 8.88 -37.34
N LYS C 440 -5.32 7.99 -37.96
CA LYS C 440 -4.25 7.25 -37.26
C LYS C 440 -3.16 8.21 -36.80
N ASP C 441 -2.83 9.21 -37.65
CA ASP C 441 -1.84 10.26 -37.40
C ASP C 441 -2.19 11.11 -36.19
N ASN C 442 -3.50 11.41 -36.01
CA ASN C 442 -4.01 12.27 -34.94
C ASN C 442 -4.71 11.45 -33.83
N LEU C 443 -4.56 10.10 -33.86
CA LEU C 443 -5.12 9.14 -32.91
C LEU C 443 -6.60 9.43 -32.59
N GLY C 444 -7.39 9.56 -33.63
CA GLY C 444 -8.82 9.81 -33.51
C GLY C 444 -9.57 8.52 -33.26
N PHE C 445 -10.36 8.46 -32.17
CA PHE C 445 -11.16 7.29 -31.80
C PHE C 445 -12.37 7.16 -32.76
N PRO C 446 -12.51 6.02 -33.49
CA PRO C 446 -13.62 5.90 -34.46
C PRO C 446 -15.01 5.80 -33.83
N VAL C 447 -15.11 5.21 -32.61
CA VAL C 447 -16.37 5.07 -31.86
C VAL C 447 -16.62 6.36 -31.08
N SER C 448 -17.87 6.81 -31.03
CA SER C 448 -18.26 8.04 -30.32
C SER C 448 -19.73 8.02 -29.94
N ASP C 449 -20.06 8.59 -28.77
CA ASP C 449 -21.45 8.69 -28.30
C ASP C 449 -22.21 9.65 -29.23
N TRP C 450 -23.35 9.18 -29.77
CA TRP C 450 -24.18 9.93 -30.72
C TRP C 450 -24.60 11.31 -30.21
N LEU C 451 -24.99 11.41 -28.93
CA LEU C 451 -25.43 12.65 -28.31
C LEU C 451 -24.26 13.65 -28.14
N PHE C 452 -23.03 13.14 -27.93
CA PHE C 452 -21.81 13.95 -27.80
C PHE C 452 -21.38 14.53 -29.16
N SER C 453 -21.27 13.66 -30.19
CA SER C 453 -20.85 14.02 -31.55
C SER C 453 -21.87 14.96 -32.23
N MET C 454 -23.17 14.83 -31.89
CA MET C 454 -24.24 15.65 -32.44
C MET C 454 -24.13 17.11 -31.95
N TRP C 455 -23.71 17.29 -30.69
CA TRP C 455 -23.60 18.58 -30.03
C TRP C 455 -22.25 19.25 -30.25
N HIS C 456 -21.14 18.46 -30.19
CA HIS C 456 -19.79 19.01 -30.27
C HIS C 456 -19.11 18.90 -31.65
N TYR C 457 -19.02 17.68 -32.21
CA TYR C 457 -18.31 17.38 -33.46
C TYR C 457 -18.76 18.23 -34.65
N SER C 458 -17.88 19.13 -35.11
CA SER C 458 -18.09 20.01 -36.28
C SER C 458 -17.91 19.20 -37.56
N HIS C 459 -17.11 18.12 -37.48
CA HIS C 459 -16.85 17.15 -38.54
C HIS C 459 -17.60 15.86 -38.22
N PRO C 460 -18.33 15.26 -39.18
CA PRO C 460 -19.05 14.01 -38.88
C PRO C 460 -18.10 12.83 -38.58
N PRO C 461 -18.58 11.74 -37.91
CA PRO C 461 -17.68 10.61 -37.62
C PRO C 461 -17.05 9.99 -38.87
N LEU C 462 -15.82 9.46 -38.73
CA LEU C 462 -15.03 8.86 -39.80
C LEU C 462 -15.81 7.81 -40.58
N LEU C 463 -16.51 6.88 -39.86
CA LEU C 463 -17.32 5.81 -40.44
C LEU C 463 -18.45 6.36 -41.34
N GLU C 464 -19.06 7.52 -40.98
CA GLU C 464 -20.14 8.16 -41.75
C GLU C 464 -19.58 8.74 -43.06
N ARG C 465 -18.43 9.44 -42.97
CA ARG C 465 -17.71 10.08 -44.07
C ARG C 465 -17.16 9.06 -45.07
N LEU C 466 -16.65 7.92 -44.55
CA LEU C 466 -16.08 6.85 -45.38
C LEU C 466 -17.18 6.13 -46.16
N GLN C 467 -18.34 5.88 -45.52
CA GLN C 467 -19.49 5.22 -46.13
C GLN C 467 -20.03 6.03 -47.31
N ALA C 468 -20.14 7.37 -47.13
CA ALA C 468 -20.62 8.32 -48.15
C ALA C 468 -19.69 8.33 -49.38
N LEU C 469 -18.38 8.12 -49.16
CA LEU C 469 -17.35 8.06 -50.22
C LEU C 469 -17.40 6.71 -50.94
N LYS C 470 -17.68 5.62 -50.20
CA LYS C 470 -17.78 4.26 -50.74
C LYS C 470 -19.01 4.15 -51.66
N THR C 471 -20.08 4.92 -51.35
CA THR C 471 -21.34 4.97 -52.09
C THR C 471 -21.13 5.72 -53.41
N LEU D 10 32.50 38.01 -17.67
CA LEU D 10 32.53 36.75 -18.42
C LEU D 10 32.14 36.97 -19.89
N TRP D 11 32.93 36.39 -20.81
CA TRP D 11 32.69 36.45 -22.26
C TRP D 11 31.95 35.17 -22.74
N GLU D 12 31.38 34.41 -21.78
CA GLU D 12 30.66 33.15 -22.00
C GLU D 12 29.31 33.11 -21.30
N MET D 13 29.15 33.85 -20.17
CA MET D 13 27.90 33.84 -19.38
C MET D 13 27.34 35.26 -19.08
N PRO D 14 25.99 35.44 -18.94
CA PRO D 14 25.46 36.78 -18.61
C PRO D 14 25.45 37.07 -17.10
N ALA D 15 25.12 38.32 -16.71
CA ALA D 15 25.14 38.75 -15.29
C ALA D 15 23.75 38.77 -14.66
N GLU D 16 22.83 39.62 -15.18
CA GLU D 16 21.47 39.79 -14.68
C GLU D 16 20.61 38.53 -14.93
N LYS D 17 20.85 37.86 -16.08
CA LYS D 17 20.14 36.64 -16.46
C LYS D 17 20.52 35.45 -15.57
N ARG D 18 21.79 35.42 -15.09
CA ARG D 18 22.35 34.39 -14.23
C ARG D 18 21.71 34.38 -12.82
N ILE D 19 21.53 35.58 -12.21
CA ILE D 19 20.94 35.72 -10.87
C ILE D 19 19.43 35.46 -10.89
N PHE D 20 18.75 35.73 -12.03
CA PHE D 20 17.32 35.46 -12.19
C PHE D 20 17.09 33.94 -12.25
N GLY D 21 17.92 33.25 -13.01
CA GLY D 21 17.88 31.80 -13.17
C GLY D 21 18.18 31.09 -11.87
N ALA D 22 19.12 31.63 -11.07
CA ALA D 22 19.53 31.13 -9.75
C ALA D 22 18.34 31.10 -8.79
N VAL D 23 17.50 32.15 -8.83
CA VAL D 23 16.28 32.32 -8.03
C VAL D 23 15.28 31.20 -8.37
N LEU D 24 15.01 30.98 -9.67
CA LEU D 24 14.10 29.96 -10.17
C LEU D 24 14.63 28.54 -9.97
N LEU D 25 15.97 28.35 -10.11
CA LEU D 25 16.60 27.05 -9.91
C LEU D 25 16.49 26.63 -8.44
N PHE D 26 16.58 27.60 -7.51
CA PHE D 26 16.44 27.34 -6.08
C PHE D 26 15.00 27.07 -5.71
N SER D 27 14.07 27.87 -6.26
CA SER D 27 12.63 27.76 -6.03
C SER D 27 12.11 26.40 -6.45
N TRP D 28 12.70 25.80 -7.50
CA TRP D 28 12.31 24.50 -8.01
C TRP D 28 12.98 23.35 -7.27
N THR D 29 14.25 23.51 -6.81
CA THR D 29 14.95 22.45 -6.05
C THR D 29 14.31 22.28 -4.67
N VAL D 30 13.91 23.42 -4.03
CA VAL D 30 13.23 23.44 -2.73
C VAL D 30 11.88 22.76 -2.91
N TYR D 31 11.17 23.07 -4.02
CA TYR D 31 9.90 22.46 -4.38
C TYR D 31 10.06 20.95 -4.57
N LEU D 32 11.07 20.52 -5.37
CA LEU D 32 11.36 19.10 -5.64
C LEU D 32 11.78 18.37 -4.37
N TRP D 33 12.48 19.06 -3.43
CA TRP D 33 12.88 18.51 -2.14
C TRP D 33 11.64 18.23 -1.30
N GLU D 34 10.72 19.20 -1.26
CA GLU D 34 9.46 19.14 -0.53
C GLU D 34 8.51 18.13 -1.16
N THR D 35 8.54 17.98 -2.50
CA THR D 35 7.70 17.04 -3.24
C THR D 35 8.21 15.61 -2.99
N PHE D 36 9.55 15.43 -2.91
CA PHE D 36 10.17 14.15 -2.58
C PHE D 36 9.69 13.71 -1.20
N LEU D 37 9.71 14.66 -0.24
CA LEU D 37 9.25 14.51 1.15
C LEU D 37 7.77 14.18 1.19
N ALA D 38 6.97 14.87 0.36
CA ALA D 38 5.53 14.65 0.24
C ALA D 38 5.25 13.26 -0.29
N GLN D 39 6.04 12.81 -1.30
CA GLN D 39 5.95 11.48 -1.93
C GLN D 39 6.30 10.40 -0.91
N ARG D 40 7.36 10.66 -0.11
CA ARG D 40 7.86 9.78 0.94
C ARG D 40 6.80 9.52 2.01
N GLN D 41 6.07 10.56 2.42
CA GLN D 41 5.00 10.45 3.42
C GLN D 41 3.72 9.90 2.82
N ARG D 42 3.44 10.19 1.52
CA ARG D 42 2.26 9.69 0.81
C ARG D 42 2.32 8.16 0.73
N ARG D 43 3.55 7.61 0.59
CA ARG D 43 3.81 6.18 0.54
C ARG D 43 3.43 5.53 1.87
N ILE D 44 3.70 6.21 3.00
CA ILE D 44 3.38 5.75 4.37
C ILE D 44 1.86 5.55 4.50
N TYR D 45 1.06 6.53 4.02
CA TYR D 45 -0.40 6.48 4.06
C TYR D 45 -0.97 5.31 3.24
N LYS D 46 -0.37 5.06 2.05
CA LYS D 46 -0.80 4.00 1.14
C LYS D 46 -0.29 2.61 1.59
N THR D 47 0.90 2.53 2.22
CA THR D 47 1.48 1.26 2.67
C THR D 47 0.87 0.82 4.01
N THR D 48 0.98 1.65 5.08
CA THR D 48 0.48 1.32 6.41
C THR D 48 -1.06 1.34 6.44
N THR D 49 -1.67 0.22 6.00
CA THR D 49 -3.12 0.01 5.96
C THR D 49 -3.59 -0.66 7.28
N HIS D 50 -2.67 -1.38 7.97
CA HIS D 50 -2.91 -2.05 9.25
C HIS D 50 -2.42 -1.17 10.39
N VAL D 51 -3.17 -1.14 11.51
CA VAL D 51 -2.86 -0.36 12.70
C VAL D 51 -1.61 -0.92 13.41
N PRO D 52 -0.59 -0.06 13.72
CA PRO D 52 0.63 -0.57 14.39
C PRO D 52 0.39 -1.06 15.83
N PRO D 53 1.23 -1.98 16.36
CA PRO D 53 1.01 -2.45 17.75
C PRO D 53 1.23 -1.37 18.80
N GLU D 54 2.15 -0.41 18.51
CA GLU D 54 2.48 0.72 19.39
C GLU D 54 1.30 1.70 19.47
N LEU D 55 0.72 2.02 18.29
CA LEU D 55 -0.42 2.94 18.12
C LEU D 55 -1.76 2.17 18.16
N GLY D 56 -1.76 0.99 18.79
CA GLY D 56 -2.93 0.13 18.92
C GLY D 56 -3.96 0.66 19.90
N GLN D 57 -3.49 1.18 21.05
CA GLN D 57 -4.31 1.74 22.11
C GLN D 57 -4.76 3.18 21.79
N ILE D 58 -4.00 3.88 20.92
CA ILE D 58 -4.23 5.27 20.52
C ILE D 58 -5.48 5.39 19.61
N MET D 59 -5.56 4.59 18.52
CA MET D 59 -6.68 4.65 17.58
C MET D 59 -7.11 3.26 17.11
N ASP D 60 -8.44 3.05 17.01
CA ASP D 60 -9.04 1.79 16.56
C ASP D 60 -8.98 1.69 15.03
N SER D 61 -9.16 0.48 14.46
CA SER D 61 -9.10 0.22 13.02
C SER D 61 -10.05 1.08 12.19
N GLU D 62 -11.26 1.37 12.73
CA GLU D 62 -12.26 2.20 12.05
C GLU D 62 -11.79 3.65 11.96
N THR D 63 -11.31 4.21 13.10
CA THR D 63 -10.80 5.59 13.20
C THR D 63 -9.51 5.73 12.39
N PHE D 64 -8.64 4.68 12.41
CA PHE D 64 -7.37 4.62 11.67
C PHE D 64 -7.60 4.68 10.16
N GLU D 65 -8.56 3.90 9.63
CA GLU D 65 -8.88 3.87 8.19
C GLU D 65 -9.58 5.17 7.77
N LYS D 66 -10.36 5.79 8.69
CA LYS D 66 -11.03 7.06 8.47
C LYS D 66 -9.98 8.17 8.36
N SER D 67 -8.91 8.06 9.17
CA SER D 67 -7.76 8.97 9.21
C SER D 67 -6.87 8.75 7.98
N ARG D 68 -6.68 7.48 7.59
CA ARG D 68 -5.87 7.05 6.45
C ARG D 68 -6.41 7.63 5.14
N LEU D 69 -7.72 7.48 4.86
CA LEU D 69 -8.38 7.99 3.65
C LEU D 69 -8.44 9.51 3.63
N TYR D 70 -8.55 10.17 4.80
CA TYR D 70 -8.58 11.63 4.93
C TYR D 70 -7.21 12.23 4.60
N GLN D 71 -6.12 11.68 5.17
CA GLN D 71 -4.76 12.19 4.95
C GLN D 71 -4.28 11.89 3.52
N LEU D 72 -4.85 10.84 2.89
CA LEU D 72 -4.54 10.43 1.53
C LEU D 72 -5.14 11.44 0.52
N ASP D 73 -6.41 11.85 0.75
CA ASP D 73 -7.14 12.84 -0.06
C ASP D 73 -6.50 14.22 0.08
N LYS D 74 -6.00 14.53 1.29
CA LYS D 74 -5.32 15.78 1.61
C LYS D 74 -3.96 15.86 0.90
N SER D 75 -3.24 14.72 0.82
CA SER D 75 -1.93 14.61 0.16
C SER D 75 -2.05 14.81 -1.35
N THR D 76 -3.08 14.19 -1.98
CA THR D 76 -3.37 14.28 -3.42
C THR D 76 -3.66 15.73 -3.81
N PHE D 77 -4.54 16.42 -3.02
CA PHE D 77 -4.89 17.82 -3.24
C PHE D 77 -3.67 18.70 -3.04
N SER D 78 -2.93 18.49 -1.94
CA SER D 78 -1.73 19.24 -1.57
C SER D 78 -0.72 19.28 -2.71
N PHE D 79 -0.56 18.15 -3.45
CA PHE D 79 0.35 18.04 -4.58
C PHE D 79 -0.06 18.95 -5.74
N TRP D 80 -1.27 18.74 -6.31
CA TRP D 80 -1.82 19.47 -7.45
C TRP D 80 -2.02 20.96 -7.17
N SER D 81 -2.49 21.32 -5.96
CA SER D 81 -2.65 22.73 -5.57
C SER D 81 -1.27 23.38 -5.43
N GLY D 82 -0.29 22.59 -4.94
CA GLY D 82 1.11 23.01 -4.79
C GLY D 82 1.82 23.13 -6.12
N LEU D 83 1.55 22.17 -7.04
CA LEU D 83 2.12 22.14 -8.39
C LEU D 83 1.60 23.33 -9.21
N TYR D 84 0.30 23.65 -9.09
CA TYR D 84 -0.32 24.78 -9.79
C TYR D 84 0.33 26.09 -9.34
N SER D 85 0.55 26.25 -8.01
CA SER D 85 1.18 27.42 -7.40
C SER D 85 2.58 27.61 -7.94
N GLU D 86 3.42 26.57 -7.82
CA GLU D 86 4.81 26.56 -8.25
C GLU D 86 4.91 26.88 -9.75
N THR D 87 3.98 26.35 -10.56
CA THR D 87 3.94 26.62 -12.00
C THR D 87 3.54 28.08 -12.22
N GLU D 88 2.50 28.57 -11.51
CA GLU D 88 2.01 29.94 -11.60
C GLU D 88 3.12 30.97 -11.33
N GLY D 89 3.82 30.80 -10.21
CA GLY D 89 4.92 31.67 -9.81
C GLY D 89 5.99 31.73 -10.88
N THR D 90 6.41 30.55 -11.38
CA THR D 90 7.43 30.39 -12.41
C THR D 90 6.96 31.07 -13.71
N LEU D 91 5.72 30.80 -14.16
CA LEU D 91 5.19 31.37 -15.42
C LEU D 91 5.08 32.89 -15.35
N ILE D 92 4.56 33.46 -14.24
CA ILE D 92 4.43 34.92 -14.05
C ILE D 92 5.82 35.58 -14.18
N LEU D 93 6.85 34.99 -13.54
CA LEU D 93 8.23 35.49 -13.57
C LEU D 93 8.85 35.44 -14.99
N LEU D 94 8.72 34.30 -15.70
CA LEU D 94 9.25 34.07 -17.05
C LEU D 94 8.50 34.89 -18.10
N PHE D 95 7.17 34.97 -17.97
CA PHE D 95 6.29 35.71 -18.87
C PHE D 95 6.45 37.23 -18.67
N GLY D 96 6.98 37.62 -17.49
CA GLY D 96 7.19 39.02 -17.13
C GLY D 96 5.92 39.72 -16.71
N GLY D 97 5.17 39.08 -15.82
CA GLY D 97 3.89 39.56 -15.30
C GLY D 97 4.03 40.79 -14.43
N ILE D 98 4.88 40.71 -13.38
CA ILE D 98 5.16 41.77 -12.39
C ILE D 98 5.58 43.13 -13.08
N PRO D 99 6.57 43.20 -14.02
CA PRO D 99 6.90 44.51 -14.62
C PRO D 99 5.77 45.09 -15.46
N TYR D 100 5.01 44.23 -16.17
CA TYR D 100 3.89 44.63 -17.00
C TYR D 100 2.70 45.06 -16.15
N LEU D 101 2.50 44.40 -14.97
CA LEU D 101 1.44 44.76 -14.04
C LEU D 101 1.74 46.13 -13.44
N TRP D 102 3.05 46.41 -13.23
CA TRP D 102 3.53 47.68 -12.72
C TRP D 102 3.22 48.80 -13.72
N ARG D 103 3.39 48.53 -15.03
CA ARG D 103 3.11 49.49 -16.11
C ARG D 103 1.62 49.82 -16.17
N LEU D 104 0.74 48.80 -15.99
CA LEU D 104 -0.72 48.92 -16.02
C LEU D 104 -1.28 49.62 -14.78
N SER D 105 -0.53 49.62 -13.66
CA SER D 105 -0.96 50.28 -12.42
C SER D 105 -0.39 51.73 -12.35
N GLY D 106 -0.12 52.31 -13.52
CA GLY D 106 0.39 53.67 -13.66
C GLY D 106 -0.68 54.67 -14.05
N ARG D 107 -0.31 55.62 -14.95
CA ARG D 107 -1.13 56.71 -15.51
C ARG D 107 -1.69 57.61 -14.41
N PRO D 116 7.42 61.56 -4.87
CA PRO D 116 7.38 60.31 -4.09
C PRO D 116 5.96 59.76 -3.94
N GLU D 117 4.95 60.66 -3.86
CA GLU D 117 3.53 60.33 -3.71
C GLU D 117 3.01 59.52 -4.91
N TYR D 118 3.47 59.85 -6.13
CA TYR D 118 3.10 59.18 -7.38
C TYR D 118 3.57 57.71 -7.39
N GLU D 119 4.80 57.45 -6.88
CA GLU D 119 5.40 56.12 -6.79
C GLU D 119 4.69 55.26 -5.74
N ILE D 120 4.31 55.86 -4.60
CA ILE D 120 3.63 55.18 -3.48
C ILE D 120 2.18 54.81 -3.91
N THR D 121 1.49 55.71 -4.65
CA THR D 121 0.12 55.48 -5.15
C THR D 121 0.13 54.33 -6.19
N GLN D 122 1.15 54.29 -7.07
CA GLN D 122 1.35 53.24 -8.06
C GLN D 122 1.61 51.92 -7.32
N SER D 123 2.46 51.97 -6.26
CA SER D 123 2.77 50.83 -5.41
C SER D 123 1.51 50.33 -4.69
N LEU D 124 0.60 51.27 -4.32
CA LEU D 124 -0.64 50.98 -3.62
C LEU D 124 -1.67 50.33 -4.54
N VAL D 125 -1.90 50.91 -5.75
CA VAL D 125 -2.87 50.39 -6.71
C VAL D 125 -2.36 49.07 -7.37
N PHE D 126 -1.01 48.86 -7.43
CA PHE D 126 -0.40 47.61 -7.93
C PHE D 126 -0.68 46.48 -6.94
N LEU D 127 -0.55 46.79 -5.63
CA LEU D 127 -0.78 45.88 -4.51
C LEU D 127 -2.24 45.42 -4.47
N LEU D 128 -3.19 46.36 -4.72
CA LEU D 128 -4.64 46.11 -4.76
C LEU D 128 -4.99 45.09 -5.85
N LEU D 129 -4.42 45.26 -7.06
CA LEU D 129 -4.60 44.38 -8.21
C LEU D 129 -3.95 43.02 -7.96
N ALA D 130 -2.72 43.04 -7.38
CA ALA D 130 -1.95 41.84 -7.07
C ALA D 130 -2.72 40.95 -6.11
N THR D 131 -3.28 41.53 -5.03
CA THR D 131 -4.10 40.82 -4.03
C THR D 131 -5.43 40.34 -4.65
N LEU D 132 -5.97 41.10 -5.62
CA LEU D 132 -7.23 40.74 -6.29
C LEU D 132 -7.04 39.47 -7.11
N PHE D 133 -6.02 39.42 -7.99
CA PHE D 133 -5.71 38.25 -8.82
C PHE D 133 -5.40 37.05 -7.90
N SER D 134 -4.57 37.26 -6.85
CA SER D 134 -4.16 36.26 -5.86
C SER D 134 -5.37 35.60 -5.19
N ALA D 135 -6.36 36.42 -4.74
CA ALA D 135 -7.58 35.97 -4.08
C ALA D 135 -8.46 35.12 -5.01
N LEU D 136 -8.74 35.66 -6.21
CA LEU D 136 -9.59 35.02 -7.22
C LEU D 136 -9.00 33.73 -7.80
N ALA D 137 -7.67 33.70 -8.05
CA ALA D 137 -7.00 32.53 -8.64
C ALA D 137 -6.92 31.33 -7.68
N GLY D 138 -6.91 31.61 -6.38
CA GLY D 138 -6.83 30.60 -5.35
C GLY D 138 -8.14 30.13 -4.76
N LEU D 139 -9.21 30.94 -4.96
CA LEU D 139 -10.57 30.69 -4.47
C LEU D 139 -11.14 29.35 -4.99
N PRO D 140 -10.97 28.90 -6.27
CA PRO D 140 -11.52 27.59 -6.65
C PRO D 140 -10.88 26.42 -5.91
N TRP D 141 -9.55 26.52 -5.61
CA TRP D 141 -8.78 25.51 -4.87
C TRP D 141 -9.29 25.43 -3.44
N SER D 142 -9.52 26.62 -2.83
CA SER D 142 -10.05 26.83 -1.48
C SER D 142 -11.47 26.26 -1.36
N LEU D 143 -12.31 26.49 -2.40
CA LEU D 143 -13.68 26.01 -2.49
C LEU D 143 -13.70 24.47 -2.58
N TYR D 144 -12.71 23.89 -3.28
CA TYR D 144 -12.58 22.44 -3.43
C TYR D 144 -12.18 21.81 -2.09
N ASN D 145 -11.18 22.40 -1.40
CA ASN D 145 -10.70 21.86 -0.13
C ASN D 145 -11.82 21.78 0.92
N THR D 146 -12.60 22.86 1.12
CA THR D 146 -13.64 22.85 2.14
C THR D 146 -14.87 22.03 1.71
N PHE D 147 -15.33 22.17 0.45
CA PHE D 147 -16.55 21.50 0.00
C PHE D 147 -16.35 20.11 -0.62
N VAL D 148 -15.11 19.65 -0.84
CA VAL D 148 -14.92 18.31 -1.37
C VAL D 148 -14.11 17.48 -0.36
N ILE D 149 -12.88 17.92 0.04
CA ILE D 149 -12.05 17.17 1.00
C ILE D 149 -12.66 17.22 2.42
N GLU D 150 -12.79 18.42 3.01
CA GLU D 150 -13.33 18.60 4.37
C GLU D 150 -14.79 18.15 4.47
N GLU D 151 -15.53 18.18 3.35
CA GLU D 151 -16.93 17.76 3.35
C GLU D 151 -17.06 16.23 3.25
N LYS D 152 -16.23 15.58 2.41
CA LYS D 152 -16.24 14.12 2.22
C LYS D 152 -15.89 13.40 3.52
N HIS D 153 -14.95 13.96 4.29
CA HIS D 153 -14.47 13.38 5.54
C HIS D 153 -15.18 14.00 6.78
N GLY D 154 -16.37 14.56 6.53
CA GLY D 154 -17.29 15.14 7.51
C GLY D 154 -16.77 16.17 8.49
N PHE D 155 -15.75 16.95 8.11
CA PHE D 155 -15.20 17.99 8.97
C PHE D 155 -15.96 19.29 8.79
N ASN D 156 -16.15 19.72 7.53
CA ASN D 156 -16.81 20.97 7.15
C ASN D 156 -18.26 21.04 7.64
N GLN D 157 -18.62 22.24 8.13
CA GLN D 157 -19.93 22.62 8.64
C GLN D 157 -20.43 23.87 7.91
N GLN D 158 -19.55 24.45 7.06
CA GLN D 158 -19.80 25.65 6.27
C GLN D 158 -20.79 25.42 5.15
N THR D 159 -21.56 26.47 4.84
CA THR D 159 -22.48 26.52 3.71
C THR D 159 -21.76 27.34 2.62
N LEU D 160 -22.22 27.26 1.36
CA LEU D 160 -21.60 27.98 0.25
C LEU D 160 -21.68 29.50 0.47
N GLY D 161 -22.78 29.94 1.07
CA GLY D 161 -23.03 31.34 1.40
C GLY D 161 -22.04 31.86 2.43
N PHE D 162 -21.85 31.12 3.54
CA PHE D 162 -20.91 31.47 4.62
C PHE D 162 -19.49 31.55 4.08
N PHE D 163 -19.09 30.58 3.24
CA PHE D 163 -17.76 30.52 2.62
C PHE D 163 -17.51 31.78 1.77
N MET D 164 -18.49 32.13 0.91
CA MET D 164 -18.42 33.29 0.03
C MET D 164 -18.45 34.60 0.80
N LYS D 165 -19.38 34.77 1.78
CA LYS D 165 -19.50 35.98 2.58
C LYS D 165 -18.23 36.22 3.40
N ASP D 166 -17.61 35.14 3.90
CA ASP D 166 -16.38 35.20 4.68
C ASP D 166 -15.18 35.60 3.82
N ALA D 167 -15.11 35.06 2.58
CA ALA D 167 -14.03 35.33 1.60
C ALA D 167 -13.94 36.82 1.31
N ILE D 168 -15.10 37.48 1.06
CA ILE D 168 -15.21 38.92 0.79
C ILE D 168 -14.86 39.68 2.07
N LYS D 169 -15.48 39.30 3.21
CA LYS D 169 -15.28 39.89 4.54
C LYS D 169 -13.80 39.94 4.90
N LYS D 170 -13.06 38.81 4.68
CA LYS D 170 -11.62 38.69 4.96
C LYS D 170 -10.82 39.59 4.01
N PHE D 171 -11.11 39.52 2.69
CA PHE D 171 -10.45 40.31 1.64
C PHE D 171 -10.58 41.82 1.92
N VAL D 172 -11.78 42.29 2.34
CA VAL D 172 -12.08 43.70 2.68
C VAL D 172 -11.14 44.15 3.83
N VAL D 173 -11.13 43.37 4.94
CA VAL D 173 -10.33 43.63 6.15
C VAL D 173 -8.82 43.58 5.81
N THR D 174 -8.40 42.66 4.92
CA THR D 174 -7.01 42.50 4.49
C THR D 174 -6.48 43.81 3.88
N GLN D 175 -7.23 44.42 2.94
CA GLN D 175 -6.83 45.65 2.25
C GLN D 175 -6.78 46.85 3.22
N CYS D 176 -7.74 46.92 4.19
CA CYS D 176 -7.82 47.98 5.20
C CYS D 176 -6.62 47.96 6.17
N ILE D 177 -5.85 46.85 6.19
CA ILE D 177 -4.66 46.70 7.00
C ILE D 177 -3.43 46.90 6.09
N LEU D 178 -3.48 46.32 4.87
CA LEU D 178 -2.41 46.37 3.87
C LEU D 178 -2.14 47.80 3.38
N LEU D 179 -3.15 48.49 2.82
CA LEU D 179 -3.03 49.83 2.25
C LEU D 179 -2.36 50.85 3.21
N PRO D 180 -2.77 51.03 4.49
CA PRO D 180 -2.09 52.03 5.35
C PRO D 180 -0.67 51.62 5.75
N VAL D 181 -0.46 50.35 6.15
CA VAL D 181 0.84 49.81 6.58
C VAL D 181 1.88 49.86 5.43
N SER D 182 1.47 49.49 4.20
CA SER D 182 2.34 49.48 3.02
C SER D 182 2.73 50.90 2.58
N SER D 183 1.75 51.82 2.53
CA SER D 183 1.95 53.22 2.12
C SER D 183 2.95 53.94 3.02
N LEU D 184 2.86 53.75 4.35
CA LEU D 184 3.75 54.37 5.33
C LEU D 184 5.16 53.81 5.22
N LEU D 185 5.29 52.48 5.03
CA LEU D 185 6.58 51.79 4.92
C LEU D 185 7.41 52.33 3.73
N LEU D 186 6.73 52.62 2.59
CA LEU D 186 7.36 53.15 1.38
C LEU D 186 7.83 54.59 1.58
N TYR D 187 7.06 55.39 2.37
CA TYR D 187 7.35 56.78 2.69
C TYR D 187 8.66 56.87 3.50
N ILE D 188 8.82 56.00 4.52
CA ILE D 188 9.98 55.92 5.41
C ILE D 188 11.27 55.59 4.61
N ILE D 189 11.18 54.67 3.63
CA ILE D 189 12.32 54.26 2.80
C ILE D 189 12.76 55.38 1.84
N LYS D 190 11.79 56.05 1.17
CA LYS D 190 12.01 57.10 0.17
C LYS D 190 12.40 58.48 0.78
N ILE D 191 11.84 58.86 1.95
CA ILE D 191 12.13 60.16 2.56
C ILE D 191 13.30 60.04 3.57
N GLY D 192 13.15 59.18 4.59
CA GLY D 192 14.16 58.96 5.61
C GLY D 192 15.37 58.22 5.07
N GLY D 193 16.55 58.54 5.59
CA GLY D 193 17.82 57.94 5.19
C GLY D 193 19.05 58.70 5.70
N ASP D 194 20.28 58.15 5.50
CA ASP D 194 20.61 56.88 4.84
C ASP D 194 20.41 55.67 5.78
N TYR D 195 20.07 55.95 7.05
CA TYR D 195 19.82 54.95 8.09
C TYR D 195 18.31 54.55 8.11
N PHE D 196 17.71 54.44 6.92
CA PHE D 196 16.29 54.09 6.70
C PHE D 196 15.93 52.68 7.16
N PHE D 197 16.91 51.74 7.17
CA PHE D 197 16.70 50.35 7.58
C PHE D 197 16.44 50.20 9.09
N ILE D 198 16.53 51.30 9.86
CA ILE D 198 16.29 51.31 11.31
C ILE D 198 14.85 51.80 11.56
N TYR D 199 14.43 52.91 10.91
CA TYR D 199 13.07 53.46 11.08
C TYR D 199 12.02 52.52 10.48
N ALA D 200 12.34 51.88 9.33
CA ALA D 200 11.45 50.93 8.63
C ALA D 200 11.31 49.63 9.42
N TRP D 201 12.39 49.22 10.13
CA TRP D 201 12.39 48.03 10.98
C TRP D 201 11.59 48.32 12.25
N LEU D 202 11.78 49.52 12.85
CA LEU D 202 11.08 49.96 14.05
C LEU D 202 9.59 50.18 13.77
N PHE D 203 9.23 50.60 12.54
CA PHE D 203 7.84 50.80 12.12
C PHE D 203 7.13 49.44 12.05
N THR D 204 7.79 48.43 11.42
CA THR D 204 7.26 47.06 11.30
C THR D 204 7.19 46.42 12.69
N LEU D 205 8.12 46.78 13.61
CA LEU D 205 8.18 46.33 15.00
C LEU D 205 6.92 46.78 15.75
N VAL D 206 6.51 48.05 15.54
CA VAL D 206 5.32 48.64 16.17
C VAL D 206 4.06 48.01 15.56
N VAL D 207 3.97 47.99 14.20
CA VAL D 207 2.84 47.43 13.43
C VAL D 207 2.61 45.94 13.81
N SER D 208 3.70 45.17 14.00
CA SER D 208 3.60 43.75 14.39
C SER D 208 2.95 43.59 15.78
N LEU D 209 3.53 44.25 16.81
CA LEU D 209 3.04 44.19 18.20
C LEU D 209 1.64 44.79 18.38
N VAL D 210 1.26 45.79 17.55
CA VAL D 210 -0.06 46.42 17.59
C VAL D 210 -1.10 45.42 17.05
N LEU D 211 -0.84 44.82 15.87
CA LEU D 211 -1.73 43.83 15.25
C LEU D 211 -1.86 42.55 16.09
N VAL D 212 -0.84 42.22 16.92
CA VAL D 212 -0.85 41.04 17.80
C VAL D 212 -1.91 41.23 18.91
N THR D 213 -1.96 42.42 19.52
CA THR D 213 -2.89 42.75 20.60
C THR D 213 -4.32 43.02 20.06
N ILE D 214 -4.42 43.71 18.89
CA ILE D 214 -5.70 44.09 18.27
C ILE D 214 -6.47 42.89 17.68
N TYR D 215 -5.80 42.01 16.90
CA TYR D 215 -6.38 40.86 16.17
C TYR D 215 -7.55 40.16 16.88
N ALA D 216 -7.26 39.37 17.94
CA ALA D 216 -8.22 38.57 18.69
C ALA D 216 -9.32 39.41 19.40
N ASP D 217 -9.10 40.72 19.58
CA ASP D 217 -10.07 41.60 20.25
C ASP D 217 -10.94 42.39 19.27
N TYR D 218 -10.46 42.66 18.04
CA TYR D 218 -11.23 43.45 17.07
C TYR D 218 -11.37 42.79 15.68
N ILE D 219 -10.27 42.29 15.10
CA ILE D 219 -10.27 41.69 13.76
C ILE D 219 -10.96 40.30 13.77
N ALA D 220 -10.48 39.35 14.62
CA ALA D 220 -10.97 37.97 14.74
C ALA D 220 -12.50 37.84 15.02
N PRO D 221 -13.17 38.65 15.91
CA PRO D 221 -14.61 38.45 16.15
C PRO D 221 -15.51 38.78 14.93
N LEU D 222 -14.96 39.44 13.89
CA LEU D 222 -15.71 39.81 12.68
C LEU D 222 -16.00 38.58 11.80
N PHE D 223 -15.12 37.57 11.85
CA PHE D 223 -15.21 36.36 11.04
C PHE D 223 -15.80 35.18 11.82
N ASP D 224 -15.59 35.11 13.15
CA ASP D 224 -16.09 34.04 14.02
C ASP D 224 -16.81 34.59 15.24
N LYS D 225 -17.90 33.91 15.67
CA LYS D 225 -18.71 34.30 16.82
C LYS D 225 -17.97 34.07 18.15
N PHE D 226 -17.62 35.16 18.84
CA PHE D 226 -16.95 35.16 20.13
C PHE D 226 -17.94 35.46 21.25
N THR D 227 -18.05 34.54 22.22
CA THR D 227 -18.95 34.68 23.37
C THR D 227 -18.20 34.30 24.66
N PRO D 228 -18.41 35.02 25.78
CA PRO D 228 -17.69 34.65 27.02
C PRO D 228 -18.16 33.30 27.56
N LEU D 229 -17.21 32.51 28.10
CA LEU D 229 -17.44 31.18 28.67
C LEU D 229 -18.42 31.26 29.84
N PRO D 230 -19.53 30.45 29.82
CA PRO D 230 -20.49 30.51 30.93
C PRO D 230 -19.91 29.97 32.24
N GLU D 231 -20.38 30.52 33.37
CA GLU D 231 -19.93 30.13 34.72
C GLU D 231 -20.30 28.68 35.02
N GLY D 232 -19.32 27.94 35.52
CA GLY D 232 -19.46 26.52 35.87
C GLY D 232 -18.20 25.93 36.47
N LYS D 233 -18.10 24.58 36.43
CA LYS D 233 -16.96 23.83 36.97
C LYS D 233 -15.70 24.08 36.13
N LEU D 234 -15.86 24.25 34.80
CA LEU D 234 -14.76 24.52 33.88
C LEU D 234 -14.26 25.95 34.04
N LYS D 235 -15.19 26.94 34.10
CA LYS D 235 -14.90 28.37 34.24
C LYS D 235 -14.18 28.69 35.55
N GLU D 236 -14.56 28.01 36.65
CA GLU D 236 -13.96 28.22 37.98
C GLU D 236 -12.56 27.62 38.07
N GLU D 237 -12.37 26.39 37.54
CA GLU D 237 -11.10 25.65 37.57
C GLU D 237 -10.01 26.32 36.73
N ILE D 238 -10.40 27.04 35.64
CA ILE D 238 -9.48 27.77 34.75
C ILE D 238 -8.88 28.96 35.52
N GLU D 239 -9.71 29.67 36.30
CA GLU D 239 -9.33 30.82 37.12
C GLU D 239 -8.38 30.40 38.25
N VAL D 240 -8.60 29.18 38.82
CA VAL D 240 -7.80 28.56 39.88
C VAL D 240 -6.40 28.28 39.32
N MET D 241 -6.32 27.71 38.10
CA MET D 241 -5.09 27.40 37.39
C MET D 241 -4.34 28.69 37.00
N ALA D 242 -5.09 29.72 36.57
CA ALA D 242 -4.56 31.03 36.15
C ALA D 242 -3.90 31.76 37.32
N LYS D 243 -4.52 31.69 38.52
CA LYS D 243 -4.00 32.32 39.76
C LYS D 243 -2.78 31.55 40.26
N SER D 244 -2.75 30.22 40.05
CA SER D 244 -1.68 29.31 40.47
C SER D 244 -0.37 29.61 39.74
N ILE D 245 -0.43 29.85 38.41
CA ILE D 245 0.73 30.16 37.56
C ILE D 245 1.04 31.66 37.56
N ASP D 246 0.20 32.48 38.22
CA ASP D 246 0.25 33.95 38.31
C ASP D 246 -0.05 34.60 36.95
N PHE D 247 -0.86 33.91 36.11
CA PHE D 247 -1.32 34.36 34.80
C PHE D 247 -2.42 35.41 34.99
N PRO D 248 -2.22 36.67 34.55
CA PRO D 248 -3.26 37.70 34.77
C PRO D 248 -4.45 37.56 33.81
N LEU D 249 -5.32 36.59 34.11
CA LEU D 249 -6.51 36.27 33.31
C LEU D 249 -7.61 37.33 33.53
N THR D 250 -8.16 37.84 32.41
CA THR D 250 -9.21 38.86 32.38
C THR D 250 -10.55 38.18 32.06
N LYS D 251 -10.67 37.58 30.86
CA LYS D 251 -11.88 36.89 30.39
C LYS D 251 -11.55 35.57 29.67
N VAL D 252 -12.51 34.64 29.64
CA VAL D 252 -12.41 33.35 28.95
C VAL D 252 -13.51 33.32 27.88
N TYR D 253 -13.13 33.09 26.61
CA TYR D 253 -14.07 33.07 25.48
C TYR D 253 -14.24 31.69 24.87
N VAL D 254 -15.42 31.44 24.27
CA VAL D 254 -15.76 30.21 23.56
C VAL D 254 -16.15 30.62 22.11
N VAL D 255 -15.25 30.33 21.16
CA VAL D 255 -15.37 30.65 19.73
C VAL D 255 -16.21 29.59 19.04
N GLU D 256 -17.20 30.04 18.24
CA GLU D 256 -18.09 29.16 17.49
C GLU D 256 -17.35 28.61 16.25
N GLY D 257 -16.43 27.68 16.50
CA GLY D 257 -15.64 26.99 15.48
C GLY D 257 -16.44 25.90 14.80
N SER D 258 -17.52 25.44 15.47
CA SER D 258 -18.45 24.41 14.99
C SER D 258 -19.29 24.90 13.78
N LYS D 259 -19.23 26.19 13.45
CA LYS D 259 -19.92 26.80 12.31
C LYS D 259 -19.08 26.61 11.04
N ARG D 260 -17.75 26.42 11.21
CA ARG D 260 -16.79 26.23 10.12
C ARG D 260 -16.43 24.75 9.92
N SER D 261 -15.79 24.13 10.93
CA SER D 261 -15.35 22.73 10.88
C SER D 261 -15.27 22.08 12.27
N SER D 262 -15.22 20.73 12.30
CA SER D 262 -15.13 19.91 13.51
C SER D 262 -13.72 19.97 14.16
N HIS D 263 -12.80 20.79 13.58
CA HIS D 263 -11.43 20.96 14.06
C HIS D 263 -11.38 21.83 15.32
N SER D 264 -10.67 21.34 16.35
CA SER D 264 -10.49 21.96 17.67
C SER D 264 -9.27 22.89 17.71
N ASN D 265 -9.29 23.89 18.63
CA ASN D 265 -8.21 24.86 18.84
C ASN D 265 -8.35 25.58 20.21
N ALA D 266 -7.23 26.09 20.76
CA ALA D 266 -7.15 26.83 22.03
C ALA D 266 -5.88 27.68 22.09
N TYR D 267 -6.01 28.97 22.45
CA TYR D 267 -4.88 29.91 22.54
C TYR D 267 -5.15 31.04 23.54
N PHE D 268 -4.11 31.85 23.85
CA PHE D 268 -4.21 33.01 24.73
C PHE D 268 -3.70 34.25 24.01
N TYR D 269 -4.11 35.45 24.49
CA TYR D 269 -3.71 36.73 23.90
C TYR D 269 -3.78 37.87 24.94
N GLY D 270 -2.94 38.88 24.75
CA GLY D 270 -2.86 40.06 25.60
C GLY D 270 -1.59 40.86 25.42
N PHE D 271 -1.33 41.78 26.35
CA PHE D 271 -0.14 42.64 26.33
C PHE D 271 0.69 42.44 27.61
N PHE D 272 0.09 42.73 28.78
CA PHE D 272 0.76 42.59 30.08
C PHE D 272 -0.22 42.00 31.09
N LYS D 273 -0.79 42.84 31.99
CA LYS D 273 -1.73 42.43 33.04
C LYS D 273 -3.14 42.11 32.48
N ASN D 274 -3.39 42.33 31.16
CA ASN D 274 -4.68 42.05 30.54
C ASN D 274 -4.56 40.89 29.53
N LYS D 275 -4.45 39.65 30.05
CA LYS D 275 -4.37 38.42 29.26
C LYS D 275 -5.73 37.71 29.24
N ARG D 276 -6.12 37.14 28.08
CA ARG D 276 -7.39 36.44 27.92
C ARG D 276 -7.22 35.08 27.25
N ILE D 277 -7.97 34.07 27.71
CA ILE D 277 -7.95 32.70 27.19
C ILE D 277 -9.06 32.52 26.15
N VAL D 278 -8.74 31.91 25.00
CA VAL D 278 -9.69 31.64 23.91
C VAL D 278 -9.78 30.14 23.66
N LEU D 279 -10.99 29.59 23.80
CA LEU D 279 -11.30 28.17 23.60
C LEU D 279 -12.28 27.98 22.46
N PHE D 280 -12.22 26.84 21.76
CA PHE D 280 -13.14 26.52 20.67
C PHE D 280 -14.22 25.57 21.18
N ASP D 281 -15.48 25.74 20.72
CA ASP D 281 -16.58 24.86 21.14
C ASP D 281 -16.33 23.41 20.69
N THR D 282 -15.53 23.23 19.62
CA THR D 282 -15.13 21.93 19.06
C THR D 282 -14.13 21.20 19.98
N LEU D 283 -13.54 21.93 20.96
CA LEU D 283 -12.58 21.41 21.95
C LEU D 283 -13.26 21.14 23.30
N LEU D 284 -14.40 21.83 23.57
CA LEU D 284 -15.11 21.75 24.85
C LEU D 284 -16.30 20.79 24.88
N GLU D 285 -17.12 20.74 23.80
CA GLU D 285 -18.32 19.92 23.70
C GLU D 285 -18.03 18.42 23.89
N GLN D 322 -17.12 14.01 21.03
CA GLN D 322 -17.51 15.34 20.58
C GLN D 322 -16.34 16.33 20.67
N GLY D 323 -15.65 16.34 21.82
CA GLY D 323 -14.51 17.20 22.08
C GLY D 323 -13.63 16.64 23.18
N CYS D 324 -13.42 17.41 24.26
CA CYS D 324 -12.62 17.03 25.43
C CYS D 324 -13.36 17.35 26.72
N LYS D 325 -13.18 16.49 27.74
CA LYS D 325 -13.76 16.67 29.08
C LYS D 325 -13.05 17.82 29.79
N ASN D 326 -13.71 18.45 30.79
CA ASN D 326 -13.19 19.59 31.55
C ASN D 326 -11.77 19.34 32.10
N GLU D 327 -11.49 18.12 32.58
CA GLU D 327 -10.18 17.71 33.10
C GLU D 327 -9.11 17.71 32.00
N GLU D 328 -9.49 17.31 30.77
CA GLU D 328 -8.60 17.26 29.60
C GLU D 328 -8.36 18.66 29.05
N VAL D 329 -9.40 19.53 29.07
CA VAL D 329 -9.36 20.92 28.59
C VAL D 329 -8.33 21.72 29.42
N LEU D 330 -8.38 21.58 30.77
CA LEU D 330 -7.48 22.25 31.69
C LEU D 330 -6.02 21.86 31.44
N ALA D 331 -5.80 20.56 31.11
CA ALA D 331 -4.47 20.01 30.79
C ALA D 331 -3.94 20.62 29.50
N VAL D 332 -4.83 20.82 28.50
CA VAL D 332 -4.52 21.45 27.20
C VAL D 332 -4.17 22.93 27.46
N LEU D 333 -4.88 23.56 28.42
CA LEU D 333 -4.63 24.95 28.83
C LEU D 333 -3.30 25.06 29.56
N GLY D 334 -3.02 24.10 30.45
CA GLY D 334 -1.77 24.00 31.20
C GLY D 334 -0.54 23.95 30.31
N HIS D 335 -0.71 23.37 29.10
CA HIS D 335 0.31 23.27 28.06
C HIS D 335 0.50 24.66 27.45
N GLU D 336 -0.61 25.31 27.01
CA GLU D 336 -0.63 26.64 26.40
C GLU D 336 -0.14 27.72 27.37
N LEU D 337 -0.46 27.56 28.68
CA LEU D 337 -0.01 28.46 29.75
C LEU D 337 1.49 28.28 29.98
N GLY D 338 2.02 27.13 29.55
CA GLY D 338 3.43 26.78 29.63
C GLY D 338 4.29 27.66 28.74
N HIS D 339 3.76 28.02 27.55
CA HIS D 339 4.42 28.91 26.59
C HIS D 339 4.57 30.31 27.16
N TRP D 340 3.61 30.73 28.00
CA TRP D 340 3.61 32.01 28.69
C TRP D 340 4.68 32.01 29.80
N LYS D 341 4.64 31.00 30.70
CA LYS D 341 5.53 30.84 31.85
C LYS D 341 6.98 30.56 31.45
N LEU D 342 7.22 29.71 30.43
CA LEU D 342 8.57 29.37 29.95
C LEU D 342 9.12 30.45 28.99
N GLY D 343 8.34 31.49 28.76
CA GLY D 343 8.71 32.63 27.92
C GLY D 343 8.91 32.31 26.45
N HIS D 344 8.21 31.27 25.95
CA HIS D 344 8.27 30.85 24.55
C HIS D 344 7.71 31.95 23.64
N THR D 345 6.65 32.63 24.11
CA THR D 345 5.97 33.74 23.45
C THR D 345 6.96 34.89 23.20
N VAL D 346 7.63 35.37 24.28
CA VAL D 346 8.60 36.47 24.24
C VAL D 346 9.81 36.12 23.37
N LYS D 347 10.35 34.88 23.50
CA LYS D 347 11.49 34.40 22.73
C LYS D 347 11.20 34.42 21.21
N ASN D 348 9.97 34.00 20.82
CA ASN D 348 9.53 33.95 19.42
C ASN D 348 9.45 35.36 18.79
N ILE D 349 9.12 36.40 19.59
CA ILE D 349 9.04 37.79 19.11
C ILE D 349 10.47 38.32 18.90
N ILE D 350 11.37 38.03 19.88
CA ILE D 350 12.78 38.42 19.85
C ILE D 350 13.49 37.83 18.63
N ILE D 351 13.13 36.60 18.22
CA ILE D 351 13.70 35.95 17.03
C ILE D 351 13.16 36.64 15.75
N SER D 352 11.82 36.88 15.69
CA SER D 352 11.15 37.50 14.54
C SER D 352 11.63 38.93 14.26
N GLN D 353 11.95 39.71 15.32
CA GLN D 353 12.43 41.08 15.18
C GLN D 353 13.95 41.12 14.90
N MET D 354 14.66 40.04 15.28
CA MET D 354 16.11 39.89 15.02
C MET D 354 16.31 39.56 13.54
N ASN D 355 15.35 38.81 12.97
CA ASN D 355 15.28 38.39 11.57
C ASN D 355 15.04 39.59 10.66
N SER D 356 14.06 40.47 11.02
CA SER D 356 13.70 41.66 10.23
C SER D 356 14.80 42.74 10.24
N PHE D 357 15.56 42.88 11.35
CA PHE D 357 16.66 43.84 11.43
C PHE D 357 17.80 43.39 10.52
N LEU D 358 18.12 42.07 10.52
CA LEU D 358 19.13 41.47 9.65
C LEU D 358 18.70 41.61 8.18
N CYS D 359 17.39 41.41 7.90
CA CYS D 359 16.80 41.50 6.57
C CYS D 359 16.82 42.94 6.04
N PHE D 360 16.34 43.92 6.84
CA PHE D 360 16.31 45.34 6.44
C PHE D 360 17.71 45.89 6.24
N PHE D 361 18.71 45.38 7.00
CA PHE D 361 20.10 45.79 6.87
C PHE D 361 20.65 45.33 5.51
N LEU D 362 20.48 44.03 5.17
CA LEU D 362 20.93 43.46 3.89
C LEU D 362 20.13 44.04 2.71
N PHE D 363 18.88 44.49 2.97
CA PHE D 363 18.02 45.15 1.99
C PHE D 363 18.63 46.49 1.63
N ALA D 364 19.03 47.29 2.65
CA ALA D 364 19.66 48.60 2.51
C ALA D 364 20.98 48.50 1.73
N VAL D 365 21.68 47.36 1.87
CA VAL D 365 22.94 47.04 1.20
C VAL D 365 22.67 46.65 -0.29
N LEU D 366 21.60 45.88 -0.54
CA LEU D 366 21.27 45.37 -1.88
C LEU D 366 20.27 46.23 -2.70
N ILE D 367 19.56 47.21 -2.08
CA ILE D 367 18.56 48.05 -2.78
C ILE D 367 19.22 48.91 -3.90
N GLY D 368 20.47 49.33 -3.69
CA GLY D 368 21.23 50.13 -4.63
C GLY D 368 21.62 49.40 -5.90
N ARG D 369 21.76 48.06 -5.83
CA ARG D 369 22.14 47.21 -6.96
C ARG D 369 21.01 47.15 -8.00
N LYS D 370 21.32 47.64 -9.21
CA LYS D 370 20.39 47.68 -10.35
C LYS D 370 20.37 46.34 -11.09
N GLU D 371 21.31 45.43 -10.78
CA GLU D 371 21.44 44.11 -11.38
C GLU D 371 20.28 43.19 -11.01
N LEU D 372 19.82 43.25 -9.74
CA LEU D 372 18.72 42.41 -9.24
C LEU D 372 17.35 42.85 -9.82
N PHE D 373 17.19 44.14 -10.18
CA PHE D 373 15.95 44.66 -10.78
C PHE D 373 15.87 44.24 -12.25
N ALA D 374 16.98 44.40 -12.99
CA ALA D 374 17.14 44.05 -14.40
C ALA D 374 16.95 42.55 -14.62
N ALA D 375 17.27 41.75 -13.60
CA ALA D 375 17.12 40.30 -13.59
C ALA D 375 15.66 39.89 -13.81
N PHE D 376 14.73 40.57 -13.11
CA PHE D 376 13.30 40.29 -13.14
C PHE D 376 12.51 41.09 -14.20
N GLY D 377 13.21 41.91 -15.00
CA GLY D 377 12.59 42.66 -16.09
C GLY D 377 12.42 44.17 -15.90
N PHE D 378 12.94 44.72 -14.79
CA PHE D 378 12.85 46.15 -14.48
C PHE D 378 14.13 46.85 -14.93
N TYR D 379 14.08 47.52 -16.09
CA TYR D 379 15.24 48.21 -16.66
C TYR D 379 15.07 49.74 -16.61
N ASP D 380 13.86 50.25 -16.93
CA ASP D 380 13.53 51.68 -16.98
C ASP D 380 13.52 52.35 -15.59
N SER D 381 13.18 51.60 -14.52
CA SER D 381 13.12 52.14 -13.15
C SER D 381 13.39 51.07 -12.09
N GLN D 382 13.78 51.52 -10.88
CA GLN D 382 14.04 50.67 -9.72
C GLN D 382 13.02 51.04 -8.61
N PRO D 383 11.77 50.50 -8.67
CA PRO D 383 10.76 50.88 -7.66
C PRO D 383 11.03 50.27 -6.28
N THR D 384 10.60 50.99 -5.22
CA THR D 384 10.81 50.62 -3.82
C THR D 384 10.05 49.33 -3.45
N LEU D 385 8.73 49.26 -3.71
CA LEU D 385 7.89 48.10 -3.39
C LEU D 385 8.41 46.84 -4.12
N ILE D 386 8.86 47.01 -5.38
CA ILE D 386 9.42 45.95 -6.23
C ILE D 386 10.74 45.46 -5.61
N GLY D 387 11.52 46.39 -5.06
CA GLY D 387 12.77 46.10 -4.36
C GLY D 387 12.54 45.25 -3.13
N LEU D 388 11.45 45.55 -2.39
CA LEU D 388 11.04 44.80 -1.22
C LEU D 388 10.64 43.38 -1.60
N LEU D 389 9.95 43.21 -2.75
CA LEU D 389 9.52 41.89 -3.22
C LEU D 389 10.71 41.05 -3.71
N ILE D 390 11.56 41.61 -4.60
CA ILE D 390 12.71 40.92 -5.20
C ILE D 390 13.71 40.47 -4.11
N ILE D 391 14.18 41.38 -3.23
CA ILE D 391 15.18 41.06 -2.21
C ILE D 391 14.59 40.16 -1.09
N PHE D 392 13.44 40.53 -0.48
CA PHE D 392 12.84 39.78 0.61
C PHE D 392 12.25 38.42 0.20
N GLN D 393 11.60 38.33 -0.97
CA GLN D 393 10.96 37.07 -1.38
C GLN D 393 11.80 36.21 -2.35
N PHE D 394 12.83 36.76 -3.04
CA PHE D 394 13.60 35.95 -3.98
C PHE D 394 15.09 35.83 -3.62
N ILE D 395 15.77 36.94 -3.31
CA ILE D 395 17.21 36.94 -2.97
C ILE D 395 17.42 36.30 -1.58
N PHE D 396 16.52 36.57 -0.62
CA PHE D 396 16.61 36.03 0.73
C PHE D 396 16.04 34.60 0.84
N SER D 397 15.47 34.04 -0.26
CA SER D 397 14.87 32.69 -0.32
C SER D 397 15.76 31.61 0.34
N PRO D 398 17.09 31.50 0.07
CA PRO D 398 17.87 30.46 0.78
C PRO D 398 17.89 30.67 2.30
N TYR D 399 18.05 31.94 2.77
CA TYR D 399 18.08 32.31 4.19
C TYR D 399 16.72 32.03 4.84
N ASN D 400 15.62 32.48 4.19
CA ASN D 400 14.25 32.31 4.66
C ASN D 400 13.92 30.82 4.86
N GLU D 401 14.40 29.96 3.94
CA GLU D 401 14.16 28.51 4.00
C GLU D 401 14.92 27.86 5.16
N VAL D 402 16.17 28.29 5.41
CA VAL D 402 17.02 27.78 6.49
C VAL D 402 16.43 28.24 7.84
N LEU D 403 16.15 29.56 7.99
CA LEU D 403 15.57 30.16 9.20
C LEU D 403 14.27 29.47 9.60
N SER D 404 13.39 29.17 8.59
CA SER D 404 12.12 28.50 8.79
C SER D 404 12.32 27.09 9.33
N PHE D 405 13.33 26.36 8.80
CA PHE D 405 13.66 25.01 9.25
C PHE D 405 14.14 25.03 10.70
N CYS D 406 14.99 26.01 11.04
CA CYS D 406 15.56 26.19 12.39
C CYS D 406 14.46 26.54 13.39
N LEU D 407 13.49 27.39 12.97
CA LEU D 407 12.37 27.80 13.82
C LEU D 407 11.36 26.65 14.02
N THR D 408 11.27 25.71 13.05
CA THR D 408 10.40 24.51 13.12
C THR D 408 11.03 23.54 14.14
N VAL D 409 12.37 23.42 14.14
CA VAL D 409 13.14 22.58 15.07
C VAL D 409 12.92 23.13 16.49
N LEU D 410 13.02 24.47 16.65
CA LEU D 410 12.82 25.18 17.92
C LEU D 410 11.38 25.01 18.42
N SER D 411 10.38 25.12 17.51
CA SER D 411 8.96 24.97 17.83
C SER D 411 8.67 23.61 18.44
N ARG D 412 9.31 22.54 17.92
CA ARG D 412 9.16 21.17 18.44
C ARG D 412 9.72 21.08 19.85
N ARG D 413 10.89 21.70 20.10
CA ARG D 413 11.56 21.75 21.41
C ARG D 413 10.71 22.54 22.41
N PHE D 414 10.10 23.66 21.94
CA PHE D 414 9.24 24.53 22.73
C PHE D 414 7.91 23.86 23.08
N GLU D 415 7.45 22.89 22.27
CA GLU D 415 6.23 22.12 22.53
C GLU D 415 6.50 21.10 23.64
N PHE D 416 7.65 20.39 23.54
CA PHE D 416 8.11 19.40 24.53
C PHE D 416 8.26 20.03 25.91
N GLN D 417 8.77 21.27 25.96
CA GLN D 417 8.95 22.06 27.19
C GLN D 417 7.59 22.42 27.78
N ALA D 418 6.61 22.76 26.92
CA ALA D 418 5.24 23.11 27.31
C ALA D 418 4.47 21.88 27.78
N ASP D 419 4.82 20.68 27.25
CA ASP D 419 4.24 19.40 27.65
C ASP D 419 4.83 18.97 29.00
N ALA D 420 6.12 19.25 29.23
CA ALA D 420 6.86 18.98 30.46
C ALA D 420 6.34 19.87 31.59
N PHE D 421 5.90 21.10 31.25
CA PHE D 421 5.33 22.07 32.19
C PHE D 421 3.95 21.59 32.63
N ALA D 422 3.18 20.98 31.71
CA ALA D 422 1.85 20.42 31.98
C ALA D 422 1.96 19.23 32.94
N LYS D 423 3.07 18.44 32.80
CA LYS D 423 3.38 17.29 33.67
C LYS D 423 3.82 17.79 35.04
N LYS D 424 4.52 18.96 35.08
CA LYS D 424 4.98 19.63 36.29
C LYS D 424 3.79 20.20 37.09
N LEU D 425 2.65 20.44 36.41
CA LEU D 425 1.41 20.92 37.04
C LEU D 425 0.61 19.73 37.60
N GLY D 426 0.93 18.53 37.14
CA GLY D 426 0.29 17.28 37.55
C GLY D 426 -0.75 16.75 36.60
N LYS D 427 -1.09 17.55 35.56
CA LYS D 427 -2.10 17.21 34.56
C LYS D 427 -1.50 16.39 33.38
N ALA D 428 -0.48 15.55 33.66
CA ALA D 428 0.21 14.72 32.68
C ALA D 428 -0.69 13.60 32.14
N LYS D 429 -1.45 12.94 33.04
CA LYS D 429 -2.37 11.86 32.70
C LYS D 429 -3.56 12.38 31.88
N ASP D 430 -4.02 13.60 32.18
CA ASP D 430 -5.14 14.24 31.49
C ASP D 430 -4.72 14.74 30.10
N LEU D 431 -3.47 15.24 29.96
CA LEU D 431 -2.94 15.72 28.67
C LEU D 431 -2.71 14.53 27.73
N TYR D 432 -2.24 13.39 28.29
CA TYR D 432 -2.00 12.13 27.56
C TYR D 432 -3.30 11.68 26.88
N SER D 433 -4.41 11.70 27.63
CA SER D 433 -5.75 11.33 27.15
C SER D 433 -6.28 12.37 26.16
N ALA D 434 -6.02 13.67 26.42
CA ALA D 434 -6.46 14.80 25.60
C ALA D 434 -5.84 14.76 24.20
N LEU D 435 -4.49 14.65 24.10
CA LEU D 435 -3.74 14.61 22.84
C LEU D 435 -4.21 13.48 21.92
N ILE D 436 -4.54 12.31 22.48
CA ILE D 436 -5.06 11.14 21.76
C ILE D 436 -6.49 11.47 21.25
N LYS D 437 -7.35 12.02 22.14
CA LYS D 437 -8.75 12.38 21.83
C LYS D 437 -8.83 13.48 20.78
N LEU D 438 -7.93 14.48 20.84
CA LEU D 438 -7.87 15.58 19.87
C LEU D 438 -7.34 15.09 18.52
N ASN D 439 -6.48 14.05 18.54
CA ASN D 439 -5.93 13.43 17.33
C ASN D 439 -7.03 12.69 16.58
N LYS D 440 -7.92 11.99 17.32
CA LYS D 440 -9.08 11.27 16.76
C LYS D 440 -10.09 12.27 16.20
N ASP D 441 -10.29 13.40 16.91
CA ASP D 441 -11.18 14.50 16.54
C ASP D 441 -10.78 15.15 15.21
N ASN D 442 -9.46 15.28 14.97
CA ASN D 442 -8.90 15.91 13.77
C ASN D 442 -8.34 14.88 12.76
N LEU D 443 -8.64 13.57 12.99
CA LEU D 443 -8.22 12.42 12.18
C LEU D 443 -6.73 12.51 11.77
N GLY D 444 -5.88 12.71 12.76
CA GLY D 444 -4.45 12.81 12.57
C GLY D 444 -3.82 11.44 12.50
N PHE D 445 -3.06 11.17 11.44
CA PHE D 445 -2.39 9.88 11.25
C PHE D 445 -1.22 9.75 12.24
N PRO D 446 -1.19 8.67 13.07
CA PRO D 446 -0.11 8.55 14.07
C PRO D 446 1.27 8.25 13.45
N VAL D 447 1.30 7.52 12.31
CA VAL D 447 2.55 7.18 11.60
C VAL D 447 2.93 8.35 10.68
N SER D 448 4.22 8.66 10.61
CA SER D 448 4.74 9.75 9.76
C SER D 448 6.18 9.50 9.39
N ASP D 449 6.55 9.86 8.13
CA ASP D 449 7.91 9.72 7.63
C ASP D 449 8.81 10.69 8.40
N TRP D 450 9.91 10.18 8.99
CA TRP D 450 10.86 10.93 9.82
C TRP D 450 11.41 12.17 9.10
N LEU D 451 11.77 12.05 7.81
CA LEU D 451 12.33 13.13 7.02
C LEU D 451 11.28 14.22 6.74
N PHE D 452 9.99 13.84 6.63
CA PHE D 452 8.88 14.76 6.40
C PHE D 452 8.56 15.57 7.66
N SER D 453 8.38 14.88 8.81
CA SER D 453 8.07 15.49 10.10
C SER D 453 9.20 16.37 10.64
N MET D 454 10.46 16.03 10.30
CA MET D 454 11.65 16.81 10.71
C MET D 454 11.69 18.17 10.03
N TRP D 455 11.26 18.22 8.76
CA TRP D 455 11.27 19.42 7.92
C TRP D 455 10.02 20.27 8.07
N HIS D 456 8.83 19.63 8.13
CA HIS D 456 7.55 20.34 8.16
C HIS D 456 6.91 20.50 9.53
N TYR D 457 6.70 19.39 10.27
CA TYR D 457 5.99 19.35 11.55
C TYR D 457 6.57 20.31 12.61
N SER D 458 5.81 21.36 12.94
CA SER D 458 6.16 22.36 13.96
C SER D 458 5.94 21.76 15.36
N HIS D 459 5.01 20.79 15.44
CA HIS D 459 4.68 20.01 16.63
C HIS D 459 5.26 18.61 16.49
N PRO D 460 5.96 18.07 17.52
CA PRO D 460 6.52 16.71 17.38
C PRO D 460 5.44 15.62 17.23
N PRO D 461 5.76 14.42 16.67
CA PRO D 461 4.73 13.38 16.50
C PRO D 461 4.04 12.98 17.80
N LEU D 462 2.76 12.55 17.70
CA LEU D 462 1.91 12.15 18.82
C LEU D 462 2.61 11.10 19.71
N LEU D 463 3.18 10.04 19.10
CA LEU D 463 3.89 8.96 19.82
C LEU D 463 5.10 9.49 20.60
N GLU D 464 5.82 10.49 20.03
CA GLU D 464 6.98 11.13 20.67
C GLU D 464 6.55 11.97 21.87
N ARG D 465 5.44 12.73 21.72
CA ARG D 465 4.87 13.59 22.75
C ARG D 465 4.28 12.77 23.91
N LEU D 466 3.56 11.66 23.59
CA LEU D 466 2.93 10.77 24.58
C LEU D 466 3.96 10.03 25.43
N GLN D 467 5.08 9.59 24.81
CA GLN D 467 6.16 8.87 25.49
C GLN D 467 6.89 9.76 26.50
N ALA D 468 7.05 11.06 26.18
CA ALA D 468 7.66 12.06 27.05
C ALA D 468 6.79 12.33 28.29
N LEU D 469 5.45 12.23 28.13
CA LEU D 469 4.47 12.42 29.19
C LEU D 469 4.38 11.18 30.09
N LYS D 470 4.53 9.98 29.50
CA LYS D 470 4.49 8.70 30.20
C LYS D 470 5.73 8.56 31.11
N THR D 471 6.89 9.07 30.64
CA THR D 471 8.17 9.05 31.37
C THR D 471 8.09 9.99 32.58
ZN ZN E . -7.65 -24.11 -20.56
C21 PC1 F . 5.98 -46.15 -25.59
C22 PC1 F . 4.50 -46.24 -25.92
C23 PC1 F . 3.59 -45.44 -25.00
C24 PC1 F . 2.12 -45.43 -25.42
C25 PC1 F . 1.28 -44.42 -24.64
C26 PC1 F . -0.09 -44.14 -25.22
C27 PC1 F . -1.17 -45.19 -24.87
C28 PC1 F . -2.54 -44.94 -25.50
C29 PC1 F . -3.33 -43.75 -24.91
C2A PC1 F . -4.79 -43.75 -25.29
C2B PC1 F . -5.54 -42.44 -25.00
C2C PC1 F . -7.05 -42.57 -25.21
C2D PC1 F . -7.80 -41.25 -25.27
C2E PC1 F . -9.30 -41.41 -25.43
C31 PC1 F . 0.40 -51.40 -24.97
C32 PC1 F . -0.92 -50.65 -25.15
C33 PC1 F . -1.84 -50.71 -23.93
C34 PC1 F . -3.11 -49.91 -24.07
C35 PC1 F . -3.91 -49.83 -22.78
C36 PC1 F . -5.21 -49.07 -22.87
C37 PC1 F . -5.94 -48.99 -21.54
C38 PC1 F . -7.30 -48.34 -21.62
C39 PC1 F . -8.05 -48.33 -20.29
C3A PC1 F . -9.43 -47.71 -20.37
C3B PC1 F . -10.21 -47.75 -19.06
C3C PC1 F . -11.65 -47.31 -19.19
C3D PC1 F . -12.47 -47.47 -17.94
C3E PC1 F . -13.95 -47.25 -18.15
ZN ZN G . 18.80 -19.57 43.06
C21 PC1 H . 5.38 -39.98 51.71
C22 PC1 H . 6.30 -39.15 50.83
C23 PC1 H . 7.75 -39.13 51.28
C24 PC1 H . 8.64 -38.34 50.33
C25 PC1 H . 10.04 -38.06 50.86
C26 PC1 H . 11.05 -39.19 50.65
C27 PC1 H . 12.45 -38.94 51.20
C28 PC1 H . 13.28 -37.90 50.41
C29 PC1 H . 14.77 -38.04 50.63
C2A PC1 H . 15.61 -36.78 50.38
C2B PC1 H . 17.09 -36.99 50.64
C2C PC1 H . 17.93 -35.73 50.62
C2D PC1 H . 19.43 -35.99 50.74
C31 PC1 H . 9.06 -45.24 51.90
C32 PC1 H . 10.40 -44.53 51.94
C33 PC1 H . 11.28 -44.83 50.75
C34 PC1 H . 12.62 -44.10 50.75
C35 PC1 H . 13.41 -44.31 49.48
C36 PC1 H . 14.78 -43.65 49.45
C37 PC1 H . 15.51 -43.88 48.14
C38 PC1 H . 16.92 -43.36 48.10
C39 PC1 H . 17.64 -43.64 46.78
C3A PC1 H . 19.07 -43.13 46.74
C3B PC1 H . 19.81 -43.44 45.45
C3C PC1 H . 21.29 -43.09 45.52
C3D PC1 H . 22.09 -43.53 44.31
C3E PC1 H . 23.58 -43.37 44.51
ZN ZN I . -13.58 20.40 -44.78
C21 PC1 J . -26.95 42.66 -44.57
C22 PC1 J . -25.84 41.65 -44.34
C23 PC1 J . -24.91 41.46 -45.53
C24 PC1 J . -23.76 40.51 -45.25
C25 PC1 J . -22.96 40.10 -46.49
C26 PC1 J . -21.89 41.12 -46.92
C27 PC1 J . -21.11 40.75 -48.18
C28 PC1 J . -20.10 39.60 -48.01
C29 PC1 J . -19.07 39.54 -49.14
C2A PC1 J . -18.31 38.22 -49.26
C2B PC1 J . -17.21 38.26 -50.30
C2C PC1 J . -16.62 36.91 -50.67
C2D PC1 J . -15.42 37.00 -51.62
C31 PC1 J . -7.62 43.45 -49.10
C32 PC1 J . -8.71 43.74 -48.10
C33 PC1 J . -10.09 43.50 -48.65
C34 PC1 J . -11.22 44.00 -47.76
C35 PC1 J . -12.61 43.86 -48.37
C36 PC1 J . -13.71 44.55 -47.58
C37 PC1 J . -15.07 44.45 -48.23
C38 PC1 J . -16.18 45.16 -47.46
C39 PC1 J . -17.54 45.12 -48.13
C3A PC1 J . -18.59 45.90 -47.37
C3B PC1 J . -19.98 45.84 -47.98
C3C PC1 J . -20.98 46.71 -47.24
C3D PC1 J . -22.35 46.79 -47.90
ZN ZN K . 1.89 24.35 22.38
C21 PC1 L . 17.52 44.74 18.93
C22 PC1 L . 16.30 43.86 18.86
C23 PC1 L . 15.39 43.92 20.08
C24 PC1 L . 14.13 43.10 19.95
C25 PC1 L . 13.33 42.94 21.23
C26 PC1 L . 12.35 44.06 21.52
C27 PC1 L . 11.60 43.93 22.85
C28 PC1 L . 10.47 42.89 22.86
C29 PC1 L . 9.61 43.00 24.11
C2A PC1 L . 8.55 41.91 24.26
C2B PC1 L . 7.54 42.22 25.36
C2C PC1 L . 6.72 41.03 25.84
C2D PC1 L . 5.64 41.40 26.85
C31 PC1 L . 14.41 50.31 20.81
C32 PC1 L . 13.36 49.75 21.76
C33 PC1 L . 11.98 49.68 21.16
C34 PC1 L . 10.93 49.01 22.04
C35 PC1 L . 9.55 49.06 21.44
C36 PC1 L . 8.46 48.44 22.30
C37 PC1 L . 7.09 48.57 21.66
C38 PC1 L . 5.94 48.08 22.52
C39 PC1 L . 4.58 48.27 21.85
C3A PC1 L . 3.41 47.83 22.70
C3B PC1 L . 2.04 48.07 22.08
C3C PC1 L . 0.88 47.81 23.02
C3D PC1 L . -0.49 48.15 22.46
C3E PC1 L . -1.58 48.09 23.50
#